data_4UX8
#
_entry.id   4UX8
#
_cell.length_a   1.000
_cell.length_b   1.000
_cell.length_c   1.000
_cell.angle_alpha   90.00
_cell.angle_beta   90.00
_cell.angle_gamma   90.00
#
_symmetry.space_group_name_H-M   'P 1'
#
loop_
_entity.id
_entity.type
_entity.pdbx_description
1 polymer 'PROTO-ONCOGENE TYROSINE-PROTEIN KINASE RECEPTOR RET'
2 polymer 'GDNF FAMILY RECEPTOR ALPHA-1'
3 polymer 'GLIAL CELL LINE-DERIVED NEUROTROPHIC FACTOR'
4 branched 2-acetamido-2-deoxy-beta-D-glucopyranose-(1-4)-2-acetamido-2-deoxy-beta-D-glucopyranose
5 non-polymer 'CALCIUM ION'
#
loop_
_entity_poly.entity_id
_entity_poly.type
_entity_poly.pdbx_seq_one_letter_code
_entity_poly.pdbx_strand_id
1 'polypeptide(L)'
;LYFSRDAYWEKLYVDQAAGTPLLYVHALRDAPEEVPSFRLGQHLYGTYRTRLHENNWIRIQEDTGLLYLQRSLDHSSWEK
LSVRNRGFPLLTVYLKVFLSPTSLREGECQWPGCARVYFSFFNTSFPACSSLKPRELCFPETRPSFRIRENRPPGTFHQF
RLLPVQFLCPQISVAYRLLEGEGLPFRSAPDSLEVSTRWALDREQREKYELVAVCTVHAGAREEVVMVPFPVTVYDEDDS
APTFPAGVDTASAVVEFKRKEDTVVATLRVFDADVVPASGELVRRYTSTLLPGDTWAQQTFRVEHWPNETSVQANGSFVR
ATVHDYRLVLNRNLSISENRTMQLAVLVNDSDFQGPGAGVLLLHFNVSVLPVSLHLPSTYSLSVSRRARRFAQIGKVCVE
NCQAFSGINVQYKLHSSGANCSTLGVVTSAEDTSGILFVNDTKALRRPKCAELHYMVVATDQQTSRQAQAQLLVTVEGSY
VAEEAGCPLSCAVSKRRLECEECGGLGSPTGRCEWRQGDGKGITRNFSTCSPSTKTCPDGHCDVVETQDINICPQDCLRG
SIVGGHEPGEPRGIKAGYGTCNCFPEEEKCFCEPEDIQDPLCDELCR
;
A,B
2 'polypeptide(L)'
;MFLATLYFALPLLDLLMSAEVSGGDRLDCVKASDQCLKEQSCSTKYRTLRQCVAGKETNFSLTSGLEAKDECRSAMEALK
QKSLYNCRCKRGMKKEKNCLRIYWSMYQSLQGNDLLEDSPYEPVNSRLSDIFRAVPFISVEHISKGNNCLDAAKACNLDD
TCKKYRSAYITPCTTSMSNEVCNRRKCHKALRQFFDKVPAKHSYGMLFCSCRDIACTERRRQTIVPVCSYEERERPNCLS
LQDSCKTNYICRSRLADFFTNCQPESRSVSNCLKENYADCLLAYSGLIGTVMTPNYVDSSSLSVAPWCDCSNSGNDLEDC
LKFLNFFKDNTCLKNAIQAFGNGSDVTMWQPAPPVQTTTATTTTAFRVKNKPLGPAGSENEIPTHVLPPCANLQAQKLKS
NVSGSTHLCLSDSDFGKDGLAGASSHITTKSMAAPPSCSLSSLPVLMLTALAALLSVSLAETS
;
C,E
3 'polypeptide(L)'
;SPDKQMAVLPRRERNRQAAAANPENSRGKGRRGQRGKNRGCVLTAIHLNVTDLGLGYETKEELIFRYCSGSCDAAETTYD
KILKNLSRNRRLVSDKVGQACCRPIAFDDDLSFLDDNLVYHILRKHSAKRCGCI
;
D,F
#
# COMPACT_ATOMS: atom_id res chain seq x y z
N LEU A 1 28.23 -62.46 23.42
CA LEU A 1 29.71 -62.55 23.53
C LEU A 1 30.26 -61.10 23.54
N TYR A 2 31.40 -60.91 24.19
CA TYR A 2 32.04 -59.54 24.16
C TYR A 2 33.60 -59.68 24.10
N PHE A 3 34.29 -58.73 23.40
CA PHE A 3 35.76 -58.83 23.51
C PHE A 3 36.20 -58.52 24.92
N SER A 4 37.33 -59.10 25.39
CA SER A 4 37.86 -58.72 26.67
C SER A 4 38.68 -57.36 26.64
N ARG A 5 38.89 -56.84 25.44
CA ARG A 5 39.47 -55.46 25.28
C ARG A 5 38.68 -54.74 24.22
N ASP A 6 38.57 -53.42 24.33
CA ASP A 6 38.00 -52.62 23.19
C ASP A 6 39.04 -52.34 22.09
N ALA A 7 40.33 -52.29 22.48
CA ALA A 7 41.40 -51.90 21.60
C ALA A 7 42.63 -52.79 21.89
N TYR A 8 43.26 -53.23 20.80
CA TYR A 8 44.50 -54.02 20.81
C TYR A 8 45.56 -53.24 20.04
N TRP A 9 46.85 -53.57 20.28
CA TRP A 9 47.85 -52.80 19.51
C TRP A 9 49.13 -53.65 19.35
N GLU A 10 49.82 -53.40 18.23
CA GLU A 10 51.12 -54.05 17.95
C GLU A 10 51.85 -53.10 17.00
N LYS A 11 52.97 -53.54 16.41
CA LYS A 11 53.80 -52.67 15.53
C LYS A 11 53.83 -53.47 14.23
N LEU A 12 54.04 -52.78 13.12
CA LEU A 12 54.29 -53.43 11.83
C LEU A 12 55.45 -52.63 11.20
N TYR A 13 56.31 -53.33 10.45
CA TYR A 13 57.56 -52.82 9.88
C TYR A 13 57.43 -53.02 8.38
N VAL A 14 58.30 -52.38 7.63
CA VAL A 14 58.42 -52.71 6.15
C VAL A 14 58.99 -54.07 5.92
N ASP A 15 58.44 -54.81 4.95
CA ASP A 15 59.04 -56.09 4.51
C ASP A 15 58.96 -57.19 5.57
N GLN A 16 57.96 -57.08 6.44
CA GLN A 16 57.68 -58.29 7.29
C GLN A 16 57.10 -59.43 6.45
N ALA A 17 57.58 -60.66 6.69
CA ALA A 17 57.36 -61.77 5.85
C ALA A 17 55.86 -62.08 5.94
N ALA A 18 55.25 -62.42 4.80
CA ALA A 18 53.94 -63.13 4.80
C ALA A 18 54.03 -64.24 5.82
N GLY A 19 52.97 -64.53 6.61
CA GLY A 19 53.17 -65.60 7.61
C GLY A 19 53.60 -65.15 9.01
N THR A 20 53.89 -63.83 9.20
CA THR A 20 54.18 -63.31 10.56
C THR A 20 52.88 -63.31 11.37
N PRO A 21 52.93 -63.94 12.50
CA PRO A 21 51.74 -63.86 13.35
C PRO A 21 51.78 -62.58 14.14
N LEU A 22 50.63 -61.96 14.33
CA LEU A 22 50.63 -60.64 14.93
C LEU A 22 50.16 -60.64 16.36
N LEU A 23 48.88 -60.98 16.60
CA LEU A 23 48.38 -61.08 18.01
C LEU A 23 47.04 -61.83 17.97
N TYR A 24 46.56 -62.20 19.13
CA TYR A 24 45.19 -62.75 19.29
C TYR A 24 44.26 -61.73 19.86
N VAL A 25 43.00 -61.83 19.43
CA VAL A 25 41.92 -61.19 20.17
C VAL A 25 41.17 -62.27 20.97
N HIS A 26 40.34 -61.88 21.93
CA HIS A 26 39.62 -62.87 22.80
C HIS A 26 38.18 -62.40 22.99
N ALA A 27 37.22 -63.35 22.91
CA ALA A 27 35.80 -62.95 23.20
C ALA A 27 35.36 -63.87 24.34
N LEU A 28 34.79 -63.26 25.37
CA LEU A 28 34.26 -64.05 26.49
C LEU A 28 32.75 -64.27 26.21
N ARG A 29 32.10 -65.16 26.97
CA ARG A 29 30.66 -65.45 26.70
C ARG A 29 29.68 -64.63 27.53
N ASP A 30 28.52 -64.36 26.94
CA ASP A 30 27.44 -63.80 27.72
C ASP A 30 26.42 -64.90 28.19
N ALA A 31 26.49 -66.04 27.54
CA ALA A 31 25.64 -67.25 27.83
C ALA A 31 26.56 -68.48 27.53
N PRO A 32 26.32 -69.62 28.25
CA PRO A 32 27.31 -70.71 28.19
C PRO A 32 27.55 -71.33 26.82
N GLU A 33 26.61 -71.32 25.86
CA GLU A 33 26.84 -72.09 24.60
C GLU A 33 27.48 -71.19 23.54
N GLU A 34 27.75 -69.92 23.91
CA GLU A 34 28.10 -68.95 22.84
C GLU A 34 29.52 -69.27 22.39
N VAL A 35 29.77 -69.17 21.10
CA VAL A 35 31.12 -69.40 20.52
C VAL A 35 31.44 -68.33 19.51
N PRO A 36 32.61 -67.63 19.67
CA PRO A 36 32.88 -66.51 18.74
C PRO A 36 33.19 -66.98 17.40
N SER A 37 32.82 -66.20 16.39
CA SER A 37 33.29 -66.35 15.08
C SER A 37 33.87 -64.99 14.57
N PHE A 38 35.18 -64.95 14.38
CA PHE A 38 35.87 -63.58 14.21
C PHE A 38 35.96 -63.22 12.78
N ARG A 39 35.62 -61.97 12.41
CA ARG A 39 35.96 -61.51 11.09
C ARG A 39 36.38 -60.05 11.10
N LEU A 40 37.14 -59.72 10.08
CA LEU A 40 37.72 -58.37 9.97
C LEU A 40 36.78 -57.50 9.16
N GLY A 41 36.72 -56.18 9.43
CA GLY A 41 36.25 -55.24 8.48
C GLY A 41 37.02 -55.31 7.20
N GLN A 42 36.48 -54.64 6.19
CA GLN A 42 37.04 -54.72 4.84
C GLN A 42 38.25 -53.83 4.62
N HIS A 43 38.35 -52.72 5.39
CA HIS A 43 39.38 -51.69 5.09
C HIS A 43 40.42 -51.58 6.25
N LEU A 44 41.56 -50.97 5.92
CA LEU A 44 42.48 -50.39 6.86
C LEU A 44 42.23 -48.90 6.99
N TYR A 45 42.39 -48.41 8.24
CA TYR A 45 42.07 -47.05 8.59
C TYR A 45 43.34 -46.31 9.11
N GLY A 46 43.39 -45.02 8.88
CA GLY A 46 44.60 -44.26 9.22
C GLY A 46 44.21 -43.19 10.21
N THR A 47 44.76 -41.95 10.03
CA THR A 47 44.62 -40.93 11.03
C THR A 47 43.17 -40.32 11.07
N TYR A 48 42.69 -40.04 12.26
CA TYR A 48 41.29 -39.59 12.40
C TYR A 48 40.25 -40.41 11.61
N ARG A 49 40.46 -41.70 11.55
CA ARG A 49 39.56 -42.74 11.03
C ARG A 49 39.43 -42.60 9.51
N THR A 50 40.49 -42.15 8.86
CA THR A 50 40.49 -42.01 7.41
C THR A 50 40.36 -43.42 6.83
N ARG A 51 39.46 -43.64 5.84
CA ARG A 51 39.40 -44.97 5.23
C ARG A 51 40.51 -45.02 4.17
N LEU A 52 41.52 -45.88 4.36
CA LEU A 52 42.80 -45.85 3.58
C LEU A 52 42.66 -46.74 2.33
N HIS A 53 42.17 -47.99 2.49
CA HIS A 53 42.40 -49.01 1.42
C HIS A 53 41.76 -50.26 1.85
N GLU A 54 41.38 -51.10 0.91
CA GLU A 54 40.89 -52.43 1.28
C GLU A 54 42.04 -53.14 1.97
N ASN A 55 41.73 -53.93 2.99
CA ASN A 55 42.84 -54.67 3.61
C ASN A 55 43.31 -55.94 2.85
N ASN A 56 44.41 -55.85 2.11
CA ASN A 56 44.89 -56.91 1.29
C ASN A 56 45.94 -57.69 2.01
N TRP A 57 46.18 -57.37 3.27
CA TRP A 57 47.42 -57.90 3.92
C TRP A 57 47.22 -58.77 5.18
N ILE A 58 46.22 -58.39 6.02
CA ILE A 58 46.11 -59.02 7.31
C ILE A 58 44.84 -59.92 7.28
N ARG A 59 44.97 -61.10 7.86
CA ARG A 59 43.80 -62.02 7.97
C ARG A 59 43.63 -62.45 9.37
N ILE A 60 42.46 -62.98 9.72
CA ILE A 60 42.24 -63.48 11.02
C ILE A 60 41.72 -64.93 10.88
N GLN A 61 42.17 -65.76 11.79
CA GLN A 61 41.59 -67.14 11.98
C GLN A 61 40.21 -66.98 12.66
N GLU A 62 39.12 -67.32 11.92
CA GLU A 62 37.81 -67.11 12.44
C GLU A 62 37.45 -67.83 13.73
N ASP A 63 38.05 -69.01 14.02
CA ASP A 63 37.69 -69.65 15.30
C ASP A 63 38.59 -69.20 16.43
N THR A 64 39.84 -68.99 16.13
CA THR A 64 40.83 -68.80 17.24
C THR A 64 41.17 -67.29 17.56
N GLY A 65 40.88 -66.40 16.64
CA GLY A 65 41.11 -64.93 16.85
C GLY A 65 42.58 -64.55 16.60
N LEU A 66 43.38 -65.46 16.02
CA LEU A 66 44.74 -65.15 15.52
C LEU A 66 44.75 -64.22 14.30
N LEU A 67 45.34 -63.00 14.44
CA LEU A 67 45.64 -62.12 13.32
C LEU A 67 47.04 -62.40 12.83
N TYR A 68 47.23 -62.39 11.50
CA TYR A 68 48.56 -62.68 10.91
C TYR A 68 48.67 -62.02 9.53
N LEU A 69 49.88 -61.90 9.02
CA LEU A 69 50.04 -61.38 7.68
C LEU A 69 49.84 -62.47 6.63
N GLN A 70 48.80 -62.30 5.83
CA GLN A 70 48.65 -63.19 4.62
C GLN A 70 49.63 -62.79 3.50
N ARG A 71 50.06 -61.51 3.46
CA ARG A 71 50.92 -60.98 2.41
C ARG A 71 51.84 -59.99 3.11
N SER A 72 53.08 -59.88 2.67
CA SER A 72 54.03 -58.91 3.27
C SER A 72 53.66 -57.48 2.84
N LEU A 73 53.98 -56.55 3.72
CA LEU A 73 53.75 -55.16 3.49
C LEU A 73 55.16 -54.64 3.11
N ASP A 74 55.32 -54.38 1.82
CA ASP A 74 56.59 -53.80 1.39
C ASP A 74 56.46 -52.26 1.26
N HIS A 75 57.53 -51.65 0.73
CA HIS A 75 57.64 -50.19 0.69
C HIS A 75 56.52 -49.68 -0.12
N SER A 76 56.19 -50.33 -1.19
CA SER A 76 55.08 -49.85 -2.04
C SER A 76 53.67 -49.91 -1.36
N SER A 77 53.43 -51.01 -0.58
CA SER A 77 52.22 -51.13 0.24
C SER A 77 52.11 -49.92 1.17
N TRP A 78 53.16 -49.62 1.92
CA TRP A 78 53.06 -48.53 2.90
C TRP A 78 52.84 -47.19 2.20
N GLU A 79 53.40 -47.06 1.00
CA GLU A 79 53.08 -45.87 0.14
C GLU A 79 51.66 -45.71 -0.30
N LYS A 80 50.99 -46.77 -0.74
CA LYS A 80 49.64 -46.79 -1.16
C LYS A 80 48.84 -46.32 0.09
N LEU A 81 49.23 -46.74 1.30
CA LEU A 81 48.41 -46.42 2.53
C LEU A 81 48.69 -44.96 2.90
N SER A 82 49.96 -44.64 2.98
CA SER A 82 50.35 -43.21 3.24
C SER A 82 49.65 -42.19 2.34
N VAL A 83 49.55 -42.46 1.05
CA VAL A 83 49.00 -41.44 0.14
C VAL A 83 47.47 -41.29 0.29
N ARG A 84 46.83 -42.31 0.85
CA ARG A 84 45.42 -42.23 1.08
C ARG A 84 45.10 -41.57 2.49
N ASN A 85 46.12 -41.19 3.26
CA ASN A 85 45.90 -40.73 4.63
C ASN A 85 45.68 -39.19 4.72
N ARG A 86 45.15 -38.56 3.64
CA ARG A 86 44.59 -37.21 3.70
C ARG A 86 45.61 -36.16 4.13
N GLY A 87 46.88 -36.43 3.84
CA GLY A 87 47.96 -35.51 4.18
C GLY A 87 48.63 -35.62 5.55
N PHE A 88 48.17 -36.59 6.38
CA PHE A 88 48.65 -36.75 7.71
C PHE A 88 49.79 -37.73 7.58
N PRO A 89 50.79 -37.61 8.44
CA PRO A 89 51.85 -38.67 8.40
C PRO A 89 51.23 -40.03 8.78
N LEU A 90 51.65 -41.11 8.14
CA LEU A 90 51.04 -42.40 8.46
C LEU A 90 51.75 -42.99 9.71
N LEU A 91 51.15 -42.89 10.90
CA LEU A 91 51.84 -43.36 12.05
C LEU A 91 51.19 -44.67 12.53
N THR A 92 49.89 -44.69 12.41
CA THR A 92 49.05 -45.84 12.90
C THR A 92 48.06 -46.25 11.85
N VAL A 93 47.80 -47.56 11.75
CA VAL A 93 46.75 -48.03 10.84
C VAL A 93 45.92 -49.02 11.75
N TYR A 94 44.62 -49.02 11.55
CA TYR A 94 43.83 -50.05 12.35
C TYR A 94 42.82 -50.80 11.47
N LEU A 95 42.31 -51.88 12.05
CA LEU A 95 41.34 -52.76 11.43
C LEU A 95 40.28 -52.92 12.53
N LYS A 96 39.09 -53.27 12.04
CA LYS A 96 37.95 -53.67 12.93
C LYS A 96 37.88 -55.14 12.95
N VAL A 97 37.48 -55.69 14.14
CA VAL A 97 37.34 -57.11 14.35
C VAL A 97 35.97 -57.32 14.95
N PHE A 98 35.11 -58.04 14.19
CA PHE A 98 33.72 -58.35 14.70
C PHE A 98 33.68 -59.78 15.24
N LEU A 99 32.87 -60.06 16.24
CA LEU A 99 32.92 -61.41 16.86
C LEU A 99 31.66 -62.29 16.49
N SER A 100 30.73 -61.74 15.69
CA SER A 100 29.64 -62.52 15.04
C SER A 100 29.26 -61.99 13.67
N PRO A 101 28.28 -62.69 13.04
CA PRO A 101 27.59 -62.26 11.77
C PRO A 101 26.71 -61.02 11.94
N CYS A 109 32.37 -49.26 14.96
CA CYS A 109 33.09 -50.35 15.68
C CYS A 109 33.24 -50.05 17.13
N GLN A 110 32.40 -50.66 17.98
CA GLN A 110 32.44 -50.33 19.40
C GLN A 110 32.36 -51.58 20.22
N TRP A 111 33.06 -51.55 21.34
CA TRP A 111 32.89 -52.56 22.36
C TRP A 111 31.37 -52.55 22.77
N PRO A 112 30.81 -53.76 23.02
CA PRO A 112 31.42 -55.15 23.16
C PRO A 112 31.54 -56.00 21.92
N GLY A 113 30.87 -55.69 20.83
CA GLY A 113 30.85 -56.57 19.71
C GLY A 113 31.86 -56.31 18.62
N CYS A 114 32.68 -55.25 18.76
CA CYS A 114 33.67 -54.93 17.75
C CYS A 114 34.91 -54.38 18.50
N ALA A 115 36.08 -54.85 18.08
CA ALA A 115 37.37 -54.38 18.66
C ALA A 115 38.17 -53.74 17.59
N ARG A 116 38.94 -52.69 17.92
CA ARG A 116 39.83 -52.06 16.98
C ARG A 116 41.23 -52.54 17.28
N VAL A 117 41.94 -52.94 16.24
CA VAL A 117 43.33 -53.46 16.40
C VAL A 117 44.22 -52.39 15.74
N TYR A 118 45.11 -51.77 16.54
CA TYR A 118 45.90 -50.65 15.99
C TYR A 118 47.34 -51.14 15.75
N PHE A 119 47.98 -50.74 14.63
CA PHE A 119 49.36 -51.10 14.44
C PHE A 119 50.09 -49.81 14.25
N SER A 120 51.13 -49.61 15.08
CA SER A 120 52.10 -48.47 14.83
C SER A 120 53.03 -48.89 13.68
N PHE A 121 53.05 -48.09 12.63
CA PHE A 121 53.90 -48.33 11.55
C PHE A 121 55.33 -47.76 11.79
N PHE A 122 56.31 -48.59 11.47
CA PHE A 122 57.73 -48.11 11.60
C PHE A 122 58.38 -48.31 10.31
N ASN A 123 58.86 -47.18 9.72
CA ASN A 123 59.35 -47.25 8.37
C ASN A 123 60.81 -47.82 8.37
N THR A 124 60.97 -49.07 8.76
CA THR A 124 62.28 -49.69 8.83
C THR A 124 61.99 -51.14 8.95
N SER A 125 63.04 -51.93 8.99
CA SER A 125 62.86 -53.35 9.09
C SER A 125 62.66 -53.71 10.54
N PHE A 126 62.12 -54.88 10.77
CA PHE A 126 61.97 -55.27 12.14
C PHE A 126 63.38 -55.19 12.84
N PRO A 127 63.45 -54.74 14.12
CA PRO A 127 64.85 -54.61 14.60
C PRO A 127 65.65 -55.91 14.80
N ALA A 128 66.99 -55.82 14.85
CA ALA A 128 67.81 -57.01 15.17
C ALA A 128 67.39 -57.48 16.52
N CYS A 129 67.29 -58.82 16.65
CA CYS A 129 66.94 -59.48 17.88
C CYS A 129 67.80 -59.10 19.08
N SER A 130 69.12 -58.96 18.85
CA SER A 130 70.06 -58.69 19.90
C SER A 130 69.86 -57.23 20.37
N SER A 131 69.17 -56.39 19.59
CA SER A 131 68.98 -55.04 20.02
C SER A 131 67.79 -54.85 21.01
N LEU A 132 67.00 -55.89 21.26
CA LEU A 132 65.70 -55.66 21.92
C LEU A 132 65.96 -55.79 23.40
N LYS A 133 65.46 -54.86 24.18
CA LYS A 133 65.59 -54.91 25.61
C LYS A 133 64.50 -55.78 26.20
N PRO A 134 64.69 -56.29 27.43
CA PRO A 134 63.62 -57.11 28.05
C PRO A 134 62.18 -56.48 27.96
N ARG A 135 62.03 -55.19 28.28
CA ARG A 135 60.69 -54.56 28.28
C ARG A 135 60.00 -54.76 26.92
N GLU A 136 60.71 -54.58 25.79
CA GLU A 136 60.14 -54.71 24.42
C GLU A 136 59.98 -56.16 23.95
N LEU A 137 60.73 -57.06 24.56
CA LEU A 137 60.62 -58.52 24.30
C LEU A 137 59.31 -59.07 25.03
N CYS A 138 58.90 -58.38 26.13
CA CYS A 138 57.99 -59.01 27.14
C CYS A 138 56.55 -58.55 26.89
N PHE A 139 56.34 -57.21 26.79
CA PHE A 139 54.92 -56.71 26.75
C PHE A 139 54.73 -55.66 25.69
N PRO A 140 53.46 -55.38 25.31
CA PRO A 140 53.30 -54.32 24.37
C PRO A 140 53.78 -52.99 24.96
N GLU A 141 53.98 -52.00 24.10
CA GLU A 141 54.62 -50.76 24.54
C GLU A 141 53.84 -50.04 25.70
N THR A 142 52.49 -50.02 25.59
CA THR A 142 51.60 -49.63 26.69
C THR A 142 50.92 -50.91 27.16
N ARG A 143 50.94 -51.22 28.50
CA ARG A 143 50.38 -52.51 28.96
C ARG A 143 48.87 -52.52 28.77
N PRO A 144 48.31 -53.71 28.46
CA PRO A 144 46.90 -53.83 28.23
C PRO A 144 46.12 -53.83 29.56
N SER A 145 44.86 -53.42 29.44
CA SER A 145 43.90 -53.60 30.55
C SER A 145 42.64 -54.31 29.91
N PHE A 146 41.88 -54.94 30.81
CA PHE A 146 40.83 -55.93 30.42
C PHE A 146 39.42 -55.60 30.94
N ARG A 147 38.42 -56.10 30.19
CA ARG A 147 37.02 -55.92 30.55
C ARG A 147 36.40 -57.32 30.70
N ILE A 148 35.86 -57.58 31.88
CA ILE A 148 35.18 -58.87 32.16
C ILE A 148 33.81 -58.57 32.88
N ARG A 149 32.73 -59.07 32.28
CA ARG A 149 31.34 -58.85 32.78
C ARG A 149 31.10 -59.74 34.05
N GLU A 150 30.53 -59.16 35.11
CA GLU A 150 30.07 -59.93 36.26
C GLU A 150 29.01 -60.90 35.83
N ASN A 151 29.03 -62.04 36.49
CA ASN A 151 27.90 -63.00 36.43
C ASN A 151 27.81 -63.58 35.07
N ARG A 152 28.97 -63.69 34.35
CA ARG A 152 28.99 -64.34 33.06
C ARG A 152 30.03 -65.41 33.08
N PRO A 153 29.92 -66.37 32.16
CA PRO A 153 30.82 -67.54 32.18
C PRO A 153 32.33 -67.18 32.12
N PRO A 154 33.19 -67.84 32.95
CA PRO A 154 34.66 -67.60 32.96
C PRO A 154 35.27 -68.11 31.64
N GLY A 155 36.50 -67.70 31.33
CA GLY A 155 37.12 -68.15 30.08
C GLY A 155 38.47 -67.39 29.86
N THR A 156 39.14 -67.73 28.78
CA THR A 156 40.52 -67.19 28.44
C THR A 156 40.31 -65.83 27.88
N PHE A 157 41.00 -64.88 28.49
CA PHE A 157 40.79 -63.52 28.00
C PHE A 157 42.10 -62.82 27.49
N HIS A 158 43.29 -63.49 27.58
CA HIS A 158 44.53 -62.79 27.19
C HIS A 158 45.52 -63.84 26.83
N GLN A 159 46.47 -63.42 26.01
CA GLN A 159 47.62 -64.25 25.70
C GLN A 159 48.85 -63.33 25.81
N PHE A 160 49.93 -63.78 26.51
CA PHE A 160 51.08 -62.85 26.76
C PHE A 160 52.17 -62.78 25.73
N ARG A 161 52.40 -63.84 24.98
CA ARG A 161 53.62 -63.83 24.18
C ARG A 161 53.52 -62.83 23.04
N LEU A 162 54.59 -62.04 22.75
CA LEU A 162 54.58 -61.15 21.62
C LEU A 162 54.86 -61.97 20.36
N LEU A 163 53.87 -62.07 19.47
CA LEU A 163 54.00 -63.05 18.39
C LEU A 163 55.06 -62.69 17.35
N PRO A 164 55.16 -61.41 16.89
CA PRO A 164 56.24 -61.10 15.95
C PRO A 164 57.62 -61.39 16.60
N VAL A 165 57.78 -61.19 17.92
CA VAL A 165 59.12 -61.49 18.58
C VAL A 165 59.37 -63.00 18.71
N GLN A 166 58.36 -63.82 19.05
CA GLN A 166 58.54 -65.24 19.15
C GLN A 166 58.87 -65.70 17.72
N PHE A 167 58.28 -65.07 16.71
CA PHE A 167 58.46 -65.61 15.34
C PHE A 167 59.86 -65.31 14.82
N LEU A 168 60.32 -64.06 14.93
CA LEU A 168 61.50 -63.62 14.28
C LEU A 168 62.70 -63.83 15.19
N CYS A 169 62.47 -63.98 16.51
CA CYS A 169 63.55 -64.14 17.49
C CYS A 169 63.33 -65.39 18.29
N PRO A 170 63.21 -66.59 17.63
CA PRO A 170 62.79 -67.75 18.37
C PRO A 170 63.91 -68.25 19.35
N GLN A 171 65.15 -67.74 19.20
CA GLN A 171 66.24 -68.12 20.14
C GLN A 171 66.15 -67.39 21.50
N ILE A 172 65.26 -66.39 21.59
CA ILE A 172 65.05 -65.71 22.89
C ILE A 172 63.87 -66.35 23.62
N SER A 173 64.13 -67.03 24.73
CA SER A 173 63.08 -67.60 25.48
C SER A 173 62.42 -66.56 26.42
N VAL A 174 61.10 -66.65 26.50
CA VAL A 174 60.24 -65.72 27.28
C VAL A 174 59.16 -66.49 27.97
N ALA A 175 58.93 -66.26 29.27
CA ALA A 175 57.97 -67.01 30.06
C ALA A 175 57.20 -66.02 30.90
N TYR A 176 56.01 -66.35 31.34
CA TYR A 176 55.16 -65.42 32.04
C TYR A 176 54.47 -66.07 33.19
N ARG A 177 54.20 -65.32 34.23
CA ARG A 177 53.33 -65.73 35.33
C ARG A 177 52.62 -64.51 35.89
N LEU A 178 51.58 -64.74 36.71
CA LEU A 178 51.03 -63.64 37.53
C LEU A 178 51.56 -63.65 38.95
N LEU A 179 51.73 -62.46 39.53
CA LEU A 179 51.63 -62.26 41.00
C LEU A 179 50.30 -61.59 41.48
N GLU A 180 50.07 -61.86 42.77
CA GLU A 180 49.04 -61.15 43.61
C GLU A 180 47.59 -61.64 43.32
N GLY A 181 47.47 -62.80 42.65
CA GLY A 181 46.16 -63.45 42.38
C GLY A 181 45.58 -64.51 43.37
N GLU A 182 46.32 -64.88 44.44
CA GLU A 182 45.89 -65.72 45.61
C GLU A 182 44.42 -65.61 46.01
N GLY A 183 43.70 -66.72 45.93
CA GLY A 183 42.27 -66.69 46.15
C GLY A 183 41.46 -65.90 45.09
N LEU A 184 42.11 -65.35 44.06
CA LEU A 184 41.43 -64.49 43.09
C LEU A 184 41.00 -65.39 41.93
N PRO A 185 40.02 -64.95 41.13
CA PRO A 185 39.57 -65.76 40.08
C PRO A 185 40.44 -65.92 38.81
N PHE A 186 41.75 -65.64 38.86
CA PHE A 186 42.61 -65.64 37.62
C PHE A 186 43.58 -66.84 37.63
N ARG A 187 43.80 -67.43 36.49
CA ARG A 187 44.71 -68.53 36.28
C ARG A 187 45.62 -68.18 35.10
N SER A 188 46.92 -68.28 35.36
CA SER A 188 47.91 -68.32 34.31
C SER A 188 48.79 -69.49 34.74
N ALA A 189 48.65 -70.61 34.05
CA ALA A 189 49.23 -71.91 34.60
C ALA A 189 50.73 -72.09 34.32
N PRO A 190 51.46 -72.96 35.12
CA PRO A 190 52.90 -73.06 34.77
C PRO A 190 53.04 -73.37 33.29
N ASP A 191 54.00 -72.73 32.63
CA ASP A 191 54.21 -72.85 31.16
C ASP A 191 53.04 -72.37 30.29
N SER A 192 51.99 -71.77 30.88
CA SER A 192 50.91 -71.22 30.05
C SER A 192 51.26 -69.82 29.61
N LEU A 193 50.91 -69.50 28.34
CA LEU A 193 50.98 -68.09 27.92
C LEU A 193 49.61 -67.41 27.97
N GLU A 194 48.53 -68.13 28.37
CA GLU A 194 47.17 -67.59 28.48
C GLU A 194 46.78 -67.25 29.88
N VAL A 195 45.87 -66.32 29.97
CA VAL A 195 45.31 -65.98 31.24
C VAL A 195 43.78 -66.18 31.11
N SER A 196 43.17 -66.79 32.16
CA SER A 196 41.75 -67.04 32.15
C SER A 196 41.17 -66.66 33.49
N THR A 197 39.83 -66.48 33.52
CA THR A 197 39.14 -66.43 34.83
C THR A 197 38.67 -67.90 35.15
N ARG A 198 38.41 -68.14 36.42
CA ARG A 198 38.01 -69.47 36.87
C ARG A 198 36.58 -69.62 37.32
N TRP A 199 35.92 -68.52 37.62
CA TRP A 199 34.51 -68.58 37.99
C TRP A 199 33.93 -67.23 37.63
N ALA A 200 32.60 -67.12 37.55
CA ALA A 200 31.94 -65.86 37.25
C ALA A 200 32.39 -64.73 38.22
N LEU A 201 32.57 -63.50 37.71
CA LEU A 201 32.97 -62.42 38.61
C LEU A 201 31.68 -61.79 39.21
N ASP A 202 31.87 -60.88 40.13
CA ASP A 202 30.74 -60.21 40.79
C ASP A 202 31.13 -58.82 41.34
N ARG A 203 30.53 -57.75 40.76
CA ARG A 203 30.93 -56.41 41.11
C ARG A 203 30.66 -56.07 42.58
N GLU A 204 29.69 -56.74 43.22
CA GLU A 204 29.41 -56.56 44.63
C GLU A 204 30.61 -57.06 45.44
N GLN A 205 31.23 -58.18 45.08
CA GLN A 205 32.47 -58.52 45.77
C GLN A 205 33.71 -57.64 45.35
N ARG A 206 33.97 -57.49 44.01
CA ARG A 206 35.16 -56.72 43.52
C ARG A 206 34.84 -56.12 42.20
N GLU A 207 35.06 -54.83 42.12
CA GLU A 207 34.73 -54.04 40.95
C GLU A 207 35.99 -53.99 39.97
N LYS A 208 37.21 -54.07 40.53
CA LYS A 208 38.48 -53.78 39.84
C LYS A 208 39.48 -54.76 40.42
N TYR A 209 40.32 -55.36 39.59
CA TYR A 209 41.50 -56.09 40.05
C TYR A 209 42.73 -55.45 39.44
N GLU A 210 43.83 -55.54 40.15
CA GLU A 210 45.11 -55.09 39.64
C GLU A 210 46.16 -56.10 40.02
N LEU A 211 46.37 -57.11 39.17
CA LEU A 211 47.41 -58.07 39.42
C LEU A 211 48.77 -57.58 38.87
N VAL A 212 49.80 -58.42 38.96
CA VAL A 212 51.12 -58.02 38.42
C VAL A 212 51.48 -59.08 37.38
N ALA A 213 51.77 -58.66 36.17
CA ALA A 213 52.22 -59.62 35.18
C ALA A 213 53.77 -59.66 35.17
N VAL A 214 54.34 -60.86 35.15
CA VAL A 214 55.80 -60.95 35.27
C VAL A 214 56.42 -61.72 34.10
N CYS A 215 57.33 -61.08 33.38
CA CYS A 215 57.90 -61.76 32.23
C CYS A 215 59.34 -62.12 32.59
N THR A 216 59.75 -63.35 32.27
CA THR A 216 61.21 -63.71 32.46
C THR A 216 61.77 -63.98 31.12
N VAL A 217 62.77 -63.20 30.75
CA VAL A 217 63.44 -63.40 29.46
C VAL A 217 64.78 -64.17 29.68
N HIS A 218 65.11 -65.09 28.74
CA HIS A 218 66.36 -65.92 28.79
C HIS A 218 66.44 -67.07 29.84
N ARG A 222 71.82 -64.98 33.68
CA ARG A 222 71.32 -64.56 32.33
C ARG A 222 69.80 -64.20 32.31
N GLU A 223 68.97 -64.69 33.24
CA GLU A 223 67.55 -64.35 33.33
C GLU A 223 67.43 -62.84 33.63
N GLU A 224 66.47 -62.17 32.96
CA GLU A 224 66.05 -60.84 33.34
C GLU A 224 64.56 -60.80 33.39
N VAL A 225 64.03 -60.03 34.35
CA VAL A 225 62.61 -60.01 34.62
C VAL A 225 62.06 -58.61 34.49
N VAL A 226 60.86 -58.51 33.93
CA VAL A 226 60.20 -57.27 33.78
C VAL A 226 58.81 -57.52 34.38
N MET A 227 58.32 -56.54 35.18
CA MET A 227 56.99 -56.65 35.67
C MET A 227 56.13 -55.47 35.28
N VAL A 228 54.85 -55.73 34.98
CA VAL A 228 53.87 -54.58 34.67
C VAL A 228 52.54 -54.80 35.35
N PRO A 229 51.75 -53.73 35.61
CA PRO A 229 50.46 -54.00 36.21
C PRO A 229 49.56 -54.74 35.19
N PHE A 230 48.55 -55.44 35.70
CA PHE A 230 47.69 -56.26 34.91
C PHE A 230 46.28 -55.88 35.40
N PRO A 231 45.73 -54.76 34.88
CA PRO A 231 44.36 -54.38 35.45
C PRO A 231 43.13 -55.00 34.78
N VAL A 232 42.13 -55.37 35.58
CA VAL A 232 40.85 -55.94 35.10
C VAL A 232 39.72 -55.18 35.72
N THR A 233 38.81 -54.65 34.89
CA THR A 233 37.60 -53.93 35.33
C THR A 233 36.43 -54.89 35.16
N VAL A 234 35.62 -55.00 36.22
CA VAL A 234 34.40 -55.72 36.20
C VAL A 234 33.24 -54.91 35.70
N TYR A 235 32.70 -55.39 34.62
CA TYR A 235 31.57 -54.72 33.95
C TYR A 235 30.20 -55.26 34.41
N ASP A 236 28.72 -55.33 34.60
CA ASP A 236 27.72 -55.45 35.66
C ASP A 236 26.78 -56.62 35.49
N GLU A 237 26.18 -57.02 36.61
CA GLU A 237 25.22 -58.11 36.62
C GLU A 237 24.06 -57.73 37.53
N ASP A 238 22.91 -58.37 37.30
CA ASP A 238 21.71 -58.12 38.08
C ASP A 238 21.78 -58.87 39.41
N ASP A 239 22.87 -58.67 40.12
CA ASP A 239 23.08 -59.32 41.41
C ASP A 239 22.02 -58.78 42.35
N SER A 240 21.58 -57.55 42.17
CA SER A 240 20.64 -56.98 43.12
C SER A 240 19.17 -56.79 42.77
N ALA A 241 18.35 -56.84 43.81
CA ALA A 241 16.92 -56.66 43.70
C ALA A 241 16.61 -55.25 44.21
N PRO A 242 15.09 -54.62 44.20
CA PRO A 242 14.83 -53.23 44.42
C PRO A 242 14.09 -53.08 45.70
N THR A 243 14.36 -52.01 46.47
CA THR A 243 13.64 -51.90 47.69
C THR A 243 12.86 -50.64 47.62
N PHE A 244 11.64 -50.68 48.18
CA PHE A 244 10.77 -49.54 48.19
C PHE A 244 11.06 -48.86 49.48
N PRO A 245 11.70 -47.72 49.51
CA PRO A 245 11.99 -47.07 50.77
C PRO A 245 10.74 -46.91 51.56
N ALA A 246 9.60 -46.75 50.86
CA ALA A 246 8.31 -46.56 51.44
C ALA A 246 7.88 -47.79 52.17
N GLY A 247 8.19 -48.99 51.67
CA GLY A 247 7.72 -50.13 52.37
C GLY A 247 6.23 -50.06 52.30
N VAL A 248 5.54 -50.23 53.43
CA VAL A 248 4.12 -50.15 53.37
C VAL A 248 3.74 -48.72 53.51
N ASP A 249 3.12 -48.16 52.45
CA ASP A 249 2.67 -46.81 52.55
C ASP A 249 1.32 -46.94 53.15
N THR A 250 1.26 -46.94 54.50
CA THR A 250 0.02 -47.15 55.17
C THR A 250 -0.89 -46.05 54.77
N ALA A 251 -0.34 -44.85 54.53
CA ALA A 251 -1.25 -43.78 54.32
C ALA A 251 -1.12 -43.15 52.97
N SER A 252 -2.29 -42.80 52.39
CA SER A 252 -2.41 -42.10 51.17
C SER A 252 -3.73 -41.43 51.27
N ALA A 253 -3.92 -40.27 50.62
CA ALA A 253 -5.22 -39.67 50.77
C ALA A 253 -5.60 -39.04 49.49
N VAL A 254 -6.90 -39.13 49.15
CA VAL A 254 -7.42 -38.45 48.01
C VAL A 254 -8.76 -37.94 48.42
N VAL A 255 -9.17 -36.78 47.88
CA VAL A 255 -10.43 -36.21 48.26
C VAL A 255 -11.51 -37.09 47.72
N GLU A 256 -12.69 -37.06 48.35
CA GLU A 256 -13.71 -37.95 47.90
C GLU A 256 -14.26 -37.52 46.58
N PHE A 257 -14.55 -38.53 45.73
CA PHE A 257 -15.27 -38.39 44.50
C PHE A 257 -14.70 -37.24 43.74
N LYS A 258 -13.37 -37.18 43.55
CA LYS A 258 -12.92 -36.04 42.84
C LYS A 258 -12.60 -36.51 41.46
N ARG A 259 -13.28 -35.97 40.44
CA ARG A 259 -13.06 -36.43 39.11
C ARG A 259 -11.92 -35.66 38.53
N LYS A 260 -11.18 -36.31 37.62
CA LYS A 260 -10.12 -35.61 36.97
C LYS A 260 -9.56 -36.53 35.96
N GLU A 261 -8.73 -35.99 35.05
CA GLU A 261 -8.13 -36.79 34.03
C GLU A 261 -7.33 -37.79 34.80
N ASP A 262 -6.58 -37.28 35.78
CA ASP A 262 -5.74 -38.09 36.59
C ASP A 262 -5.40 -37.32 37.84
N THR A 263 -6.15 -37.53 38.92
CA THR A 263 -5.79 -36.86 40.14
C THR A 263 -4.62 -37.62 40.69
N VAL A 264 -3.64 -36.91 41.27
CA VAL A 264 -2.49 -37.62 41.77
C VAL A 264 -2.73 -37.91 43.21
N VAL A 265 -2.99 -39.20 43.54
CA VAL A 265 -3.25 -39.59 44.89
C VAL A 265 -2.01 -39.49 45.72
N ALA A 266 -0.90 -40.08 45.24
CA ALA A 266 0.30 -40.07 46.04
C ALA A 266 1.41 -40.69 45.26
N THR A 267 2.66 -40.48 45.71
CA THR A 267 3.78 -41.01 45.00
C THR A 267 4.47 -42.01 45.87
N LEU A 268 4.76 -43.18 45.27
CA LEU A 268 5.52 -44.20 45.92
C LEU A 268 6.78 -44.25 45.14
N ARG A 269 7.90 -44.63 45.77
CA ARG A 269 9.14 -44.62 45.04
C ARG A 269 9.92 -45.83 45.41
N VAL A 270 10.91 -46.20 44.58
CA VAL A 270 11.74 -47.33 44.85
C VAL A 270 13.10 -47.01 44.29
N PHE A 271 14.15 -47.69 44.78
CA PHE A 271 15.46 -47.44 44.21
C PHE A 271 16.13 -48.78 44.10
N ASP A 272 17.13 -48.90 43.21
CA ASP A 272 17.81 -50.16 43.08
C ASP A 272 19.24 -49.97 43.49
N ALA A 273 19.76 -50.92 44.30
CA ALA A 273 21.09 -50.93 44.85
C ALA A 273 22.09 -51.03 43.75
N ASP A 274 21.73 -51.75 42.67
CA ASP A 274 22.63 -52.03 41.58
C ASP A 274 23.13 -50.75 41.01
N VAL A 275 23.99 -50.80 39.98
CA VAL A 275 24.51 -49.58 39.45
C VAL A 275 23.50 -48.94 38.55
N VAL A 276 23.42 -47.58 38.64
CA VAL A 276 22.50 -46.81 37.84
C VAL A 276 22.83 -47.00 36.40
N PRO A 277 24.08 -46.93 36.02
CA PRO A 277 24.38 -47.10 34.62
C PRO A 277 24.05 -48.50 34.21
N ALA A 278 24.03 -49.43 35.17
CA ALA A 278 23.71 -50.79 34.86
C ALA A 278 22.23 -50.84 34.68
N SER A 279 21.78 -51.76 33.81
CA SER A 279 20.37 -51.88 33.62
C SER A 279 19.84 -52.45 34.89
N GLY A 280 20.69 -53.16 35.64
CA GLY A 280 20.21 -53.81 36.82
C GLY A 280 19.70 -52.81 37.81
N GLU A 281 20.50 -51.80 38.21
CA GLU A 281 19.91 -50.93 39.19
C GLU A 281 18.87 -50.10 38.60
N LEU A 282 19.33 -49.36 37.60
CA LEU A 282 18.54 -48.25 37.19
C LEU A 282 17.25 -48.73 36.69
N VAL A 283 17.25 -49.71 35.78
CA VAL A 283 15.99 -49.98 35.18
C VAL A 283 15.10 -50.58 36.19
N ARG A 284 14.13 -49.76 36.64
CA ARG A 284 13.13 -50.19 37.57
C ARG A 284 11.84 -49.73 36.96
N ARG A 285 10.78 -50.53 37.10
CA ARG A 285 9.52 -50.13 36.54
C ARG A 285 8.50 -50.31 37.61
N TYR A 286 7.47 -49.44 37.62
CA TYR A 286 6.48 -49.56 38.66
C TYR A 286 5.19 -49.92 37.99
N THR A 287 4.47 -50.91 38.54
CA THR A 287 3.18 -51.26 38.03
C THR A 287 2.37 -51.69 39.21
N SER A 288 1.03 -51.60 39.10
CA SER A 288 0.22 -52.02 40.21
C SER A 288 -0.21 -53.42 39.92
N THR A 289 0.23 -54.38 40.75
CA THR A 289 -0.12 -55.75 40.54
C THR A 289 -1.56 -55.95 40.89
N LEU A 290 -2.00 -55.46 42.07
CA LEU A 290 -3.36 -55.71 42.44
C LEU A 290 -3.97 -54.49 43.04
N LEU A 291 -5.31 -54.46 43.00
CA LEU A 291 -6.07 -53.46 43.70
C LEU A 291 -7.22 -54.15 44.30
N PRO A 292 -7.26 -54.36 45.58
CA PRO A 292 -8.50 -54.79 46.14
C PRO A 292 -9.16 -53.56 46.67
N GLY A 293 -10.51 -53.47 46.72
CA GLY A 293 -11.36 -54.50 46.22
C GLY A 293 -11.50 -54.27 44.75
N ASP A 294 -12.26 -55.14 44.06
CA ASP A 294 -12.47 -55.04 42.64
C ASP A 294 -13.30 -53.83 42.33
N THR A 295 -14.28 -53.51 43.18
CA THR A 295 -15.22 -52.46 42.91
C THR A 295 -14.69 -51.14 43.38
N TRP A 296 -15.38 -50.04 43.02
CA TRP A 296 -16.51 -50.15 42.14
C TRP A 296 -15.96 -50.49 40.80
N ALA A 297 -14.92 -49.75 40.37
CA ALA A 297 -14.31 -49.98 39.10
C ALA A 297 -13.07 -50.76 39.35
N GLN A 298 -12.78 -51.75 38.48
CA GLN A 298 -11.67 -52.64 38.70
C GLN A 298 -10.38 -51.89 38.69
N GLN A 299 -10.19 -50.90 37.78
CA GLN A 299 -8.92 -50.24 37.87
C GLN A 299 -9.12 -48.76 38.01
N THR A 300 -9.21 -48.31 39.26
CA THR A 300 -9.39 -46.95 39.67
C THR A 300 -8.12 -46.17 39.46
N PHE A 301 -6.95 -46.82 39.60
CA PHE A 301 -5.72 -46.09 39.55
C PHE A 301 -4.83 -46.62 38.49
N ARG A 302 -3.74 -45.85 38.26
CA ARG A 302 -2.65 -46.23 37.40
C ARG A 302 -1.44 -45.58 38.01
N VAL A 303 -0.24 -46.12 37.72
CA VAL A 303 0.96 -45.49 38.23
C VAL A 303 1.87 -45.36 37.06
N GLU A 304 2.66 -44.27 37.00
CA GLU A 304 3.52 -44.13 35.85
C GLU A 304 4.66 -45.07 36.04
N HIS A 305 4.72 -46.12 35.20
CA HIS A 305 5.71 -47.14 35.34
C HIS A 305 7.09 -46.58 35.21
N TRP A 306 7.41 -46.09 34.01
CA TRP A 306 8.73 -45.68 33.64
C TRP A 306 9.28 -44.45 34.33
N PRO A 307 8.60 -43.32 34.39
CA PRO A 307 9.18 -42.07 34.82
C PRO A 307 9.80 -42.24 36.16
N ASN A 308 9.36 -43.27 36.89
CA ASN A 308 9.85 -43.53 38.20
C ASN A 308 9.26 -42.48 39.07
N GLU A 309 8.37 -41.65 38.49
CA GLU A 309 7.69 -40.75 39.34
C GLU A 309 6.89 -41.69 40.15
N THR A 310 6.32 -42.69 39.44
CA THR A 310 5.57 -43.76 40.02
C THR A 310 4.66 -43.23 41.06
N SER A 311 3.82 -42.27 40.66
CA SER A 311 2.84 -41.71 41.53
C SER A 311 1.54 -42.23 41.02
N VAL A 312 0.64 -42.64 41.94
CA VAL A 312 -0.59 -43.22 41.50
C VAL A 312 -1.52 -42.14 41.06
N GLN A 313 -2.25 -42.39 39.96
CA GLN A 313 -3.20 -41.45 39.45
C GLN A 313 -4.46 -42.24 39.27
N ALA A 314 -5.64 -41.58 39.39
CA ALA A 314 -6.82 -42.37 39.27
C ALA A 314 -7.57 -42.01 38.02
N ASN A 315 -7.92 -43.03 37.23
CA ASN A 315 -8.72 -42.88 36.06
C ASN A 315 -10.15 -42.67 36.46
N GLY A 316 -10.61 -43.45 37.47
CA GLY A 316 -12.01 -43.46 37.81
C GLY A 316 -12.29 -42.69 39.06
N SER A 317 -13.58 -42.57 39.39
CA SER A 317 -14.06 -41.80 40.51
C SER A 317 -13.86 -42.58 41.78
N PHE A 318 -14.04 -41.89 42.93
CA PHE A 318 -13.87 -42.47 44.22
C PHE A 318 -15.14 -42.21 44.97
N VAL A 319 -15.39 -42.96 46.06
CA VAL A 319 -16.56 -42.70 46.85
C VAL A 319 -16.15 -42.89 48.27
N ARG A 320 -17.04 -42.49 49.20
CA ARG A 320 -16.80 -42.54 50.61
C ARG A 320 -16.29 -43.91 50.92
N ALA A 321 -15.49 -44.01 52.01
CA ALA A 321 -14.66 -45.14 52.37
C ALA A 321 -15.26 -46.43 51.97
N THR A 322 -14.99 -46.81 50.70
CA THR A 322 -15.31 -48.09 50.17
C THR A 322 -14.25 -49.02 50.66
N VAL A 323 -13.00 -48.49 50.63
CA VAL A 323 -11.73 -49.07 50.99
C VAL A 323 -10.77 -48.76 49.88
N HIS A 324 -9.51 -49.28 49.96
CA HIS A 324 -8.52 -49.26 48.90
C HIS A 324 -7.21 -49.82 49.38
N ASP A 325 -6.66 -50.78 48.61
CA ASP A 325 -5.38 -51.35 48.92
C ASP A 325 -4.72 -51.70 47.63
N TYR A 326 -3.50 -51.20 47.40
CA TYR A 326 -2.80 -51.55 46.20
C TYR A 326 -1.49 -52.15 46.54
N ARG A 327 -1.05 -53.08 45.68
CA ARG A 327 0.25 -53.66 45.86
C ARG A 327 1.05 -53.18 44.71
N LEU A 328 2.27 -52.66 44.97
CA LEU A 328 3.02 -52.15 43.87
C LEU A 328 4.25 -52.97 43.69
N VAL A 329 4.60 -53.27 42.42
CA VAL A 329 5.79 -54.04 42.12
C VAL A 329 6.73 -53.17 41.35
N LEU A 330 8.01 -53.14 41.79
CA LEU A 330 9.09 -52.44 41.14
C LEU A 330 9.77 -53.23 40.05
N ASN A 331 9.58 -54.58 40.02
CA ASN A 331 10.26 -55.57 39.20
C ASN A 331 10.95 -54.95 38.02
N ARG A 332 12.27 -55.21 37.90
CA ARG A 332 13.02 -54.56 36.87
C ARG A 332 12.51 -54.94 35.51
N ASN A 333 12.23 -56.23 35.22
CA ASN A 333 11.75 -56.60 33.93
C ASN A 333 11.08 -57.92 34.03
N LEU A 334 10.34 -58.32 32.97
CA LEU A 334 9.65 -59.58 32.96
C LEU A 334 10.70 -60.64 33.02
N SER A 335 11.82 -60.36 32.33
CA SER A 335 12.92 -61.27 32.21
C SER A 335 13.55 -61.40 33.54
N ILE A 336 14.89 -61.59 33.56
CA ILE A 336 15.57 -61.82 34.78
C ILE A 336 15.82 -60.52 35.48
N SER A 337 14.82 -60.09 36.25
CA SER A 337 14.97 -58.92 37.03
C SER A 337 14.42 -59.29 38.35
N GLU A 338 14.84 -58.56 39.40
CA GLU A 338 14.35 -58.93 40.69
C GLU A 338 13.17 -58.10 41.03
N ASN A 339 12.08 -58.80 41.40
CA ASN A 339 10.81 -58.26 41.73
C ASN A 339 10.80 -57.92 43.18
N ARG A 340 10.00 -56.91 43.57
CA ARG A 340 9.82 -56.63 44.97
C ARG A 340 8.60 -55.78 45.07
N THR A 341 7.98 -55.70 46.26
CA THR A 341 6.76 -54.96 46.31
C THR A 341 6.66 -54.15 47.57
N MET A 342 5.68 -53.23 47.60
CA MET A 342 5.32 -52.42 48.72
C MET A 342 3.84 -52.23 48.54
N GLN A 343 3.10 -51.73 49.55
CA GLN A 343 1.69 -51.62 49.32
C GLN A 343 1.22 -50.28 49.80
N LEU A 344 0.15 -49.75 49.18
CA LEU A 344 -0.34 -48.51 49.69
C LEU A 344 -1.82 -48.59 49.88
N ALA A 345 -2.33 -47.87 50.91
CA ALA A 345 -3.74 -47.84 51.13
C ALA A 345 -4.16 -46.43 50.84
N VAL A 346 -5.19 -46.28 49.98
CA VAL A 346 -5.67 -44.97 49.67
C VAL A 346 -6.81 -44.73 50.59
N LEU A 347 -6.70 -43.68 51.43
CA LEU A 347 -7.78 -43.37 52.32
C LEU A 347 -8.51 -42.24 51.67
N VAL A 348 -9.77 -42.48 51.26
CA VAL A 348 -10.52 -41.46 50.59
C VAL A 348 -11.04 -40.50 51.61
N ASN A 349 -10.89 -39.20 51.33
CA ASN A 349 -11.36 -38.18 52.22
C ASN A 349 -12.84 -38.26 52.21
N ASP A 350 -13.45 -38.55 53.37
CA ASP A 350 -14.88 -38.62 53.39
C ASP A 350 -15.37 -37.22 53.58
N SER A 351 -16.58 -36.94 53.06
CA SER A 351 -17.20 -35.66 53.26
C SER A 351 -18.54 -36.00 53.82
N LEU A 374 -16.04 -20.62 35.48
CA LEU A 374 -15.11 -21.15 34.43
C LEU A 374 -14.53 -20.04 33.65
N HIS A 375 -15.33 -18.99 33.38
CA HIS A 375 -14.88 -17.80 32.64
C HIS A 375 -15.05 -16.75 33.85
N LEU A 376 -14.14 -15.77 33.85
CA LEU A 376 -14.24 -14.80 34.87
C LEU A 376 -15.38 -13.88 34.87
N PRO A 377 -15.83 -13.50 36.08
CA PRO A 377 -16.89 -12.65 36.55
C PRO A 377 -16.83 -11.18 36.13
N SER A 378 -18.00 -10.60 35.83
CA SER A 378 -18.09 -9.26 35.30
C SER A 378 -18.10 -8.20 36.47
N THR A 379 -17.66 -6.98 36.13
CA THR A 379 -17.62 -5.97 37.13
C THR A 379 -19.00 -5.60 37.42
N TYR A 380 -19.29 -5.32 38.68
CA TYR A 380 -20.64 -5.01 39.22
C TYR A 380 -20.69 -3.40 39.25
N SER A 381 -21.84 -2.98 38.73
CA SER A 381 -22.29 -1.63 38.60
C SER A 381 -22.95 -1.05 39.69
N LEU A 382 -22.49 -0.29 40.70
CA LEU A 382 -23.93 -0.17 41.70
C LEU A 382 -24.19 1.31 41.61
N SER A 383 -25.44 1.69 41.84
CA SER A 383 -25.85 3.11 41.84
C SER A 383 -25.71 3.87 43.22
N VAL A 384 -24.96 4.96 43.12
CA VAL A 384 -24.70 5.91 44.13
C VAL A 384 -25.88 6.51 44.90
N SER A 385 -25.66 6.78 46.19
CA SER A 385 -26.77 7.30 46.99
C SER A 385 -28.08 6.43 46.98
N ARG A 386 -27.99 5.20 46.52
CA ARG A 386 -28.79 4.09 46.89
C ARG A 386 -29.78 3.97 48.02
N ARG A 387 -31.06 4.34 47.99
CA ARG A 387 -31.52 4.00 49.53
C ARG A 387 -32.63 2.91 49.45
N ALA A 388 -32.94 2.51 50.68
CA ALA A 388 -33.87 1.23 50.66
C ALA A 388 -33.26 0.13 51.55
N ARG A 389 -34.09 -0.40 52.43
CA ARG A 389 -33.74 -1.49 53.31
C ARG A 389 -32.28 -1.64 53.46
N ARG A 390 -31.70 -1.76 54.64
CA ARG A 390 -30.23 -2.08 54.63
C ARG A 390 -29.56 -2.93 53.66
N PHE A 391 -29.41 -4.23 53.90
CA PHE A 391 -28.75 -5.17 52.98
C PHE A 391 -29.06 -5.35 51.55
N ALA A 392 -28.15 -4.92 50.68
CA ALA A 392 -28.31 -5.02 49.21
C ALA A 392 -27.66 -6.18 48.59
N GLN A 393 -28.35 -7.33 48.51
CA GLN A 393 -27.85 -8.57 47.94
C GLN A 393 -27.19 -8.58 46.58
N ILE A 394 -25.87 -8.54 46.49
CA ILE A 394 -25.39 -8.47 45.05
C ILE A 394 -24.99 -9.53 44.10
N GLY A 395 -24.21 -10.50 44.59
CA GLY A 395 -23.65 -11.59 43.73
C GLY A 395 -23.58 -12.81 44.81
N LYS A 396 -23.60 -13.96 44.12
CA LYS A 396 -23.52 -15.27 44.64
C LYS A 396 -22.62 -16.37 43.94
N VAL A 397 -21.43 -16.32 44.52
CA VAL A 397 -20.30 -17.25 44.23
C VAL A 397 -20.39 -18.70 44.75
N CYS A 398 -21.09 -18.89 45.87
CA CYS A 398 -21.24 -20.21 46.42
C CYS A 398 -21.81 -21.34 45.59
N VAL A 399 -22.77 -20.95 44.74
CA VAL A 399 -23.39 -22.00 43.86
C VAL A 399 -22.54 -22.20 42.65
N GLU A 400 -21.47 -21.41 42.56
CA GLU A 400 -20.48 -21.55 41.48
C GLU A 400 -19.41 -22.54 42.07
N ASN A 401 -18.84 -22.13 43.20
CA ASN A 401 -17.84 -22.96 43.83
C ASN A 401 -18.14 -24.45 44.14
N CYS A 402 -19.25 -24.53 44.85
CA CYS A 402 -19.82 -25.94 45.11
C CYS A 402 -20.25 -26.57 43.86
N GLN A 403 -20.57 -25.70 42.91
CA GLN A 403 -21.06 -26.25 41.54
C GLN A 403 -19.84 -26.87 40.77
N ALA A 404 -18.73 -26.14 40.79
CA ALA A 404 -17.56 -26.61 40.09
C ALA A 404 -16.74 -27.77 40.78
N PHE A 405 -16.55 -27.47 42.07
CA PHE A 405 -15.67 -28.50 42.80
C PHE A 405 -16.46 -29.58 43.51
N SER A 406 -17.79 -29.40 43.59
CA SER A 406 -18.66 -30.42 44.17
C SER A 406 -18.40 -30.68 45.67
N GLY A 407 -18.56 -29.66 46.48
CA GLY A 407 -18.39 -29.65 47.88
C GLY A 407 -19.10 -28.67 48.74
N ILE A 408 -20.10 -28.66 49.61
CA ILE A 408 -20.29 -27.53 50.40
C ILE A 408 -19.48 -27.29 51.69
N ASN A 409 -18.58 -28.19 52.06
CA ASN A 409 -17.76 -28.03 53.19
C ASN A 409 -16.63 -27.01 52.96
N VAL A 410 -17.04 -25.80 52.59
CA VAL A 410 -16.13 -24.70 52.35
C VAL A 410 -16.72 -23.32 52.78
N GLN A 411 -15.81 -22.72 53.55
CA GLN A 411 -15.89 -21.41 54.22
C GLN A 411 -15.42 -20.19 53.48
N TYR A 412 -16.37 -19.37 53.04
CA TYR A 412 -16.05 -18.14 52.30
C TYR A 412 -15.77 -16.82 52.95
N LYS A 413 -14.73 -16.13 52.49
CA LYS A 413 -14.30 -14.87 53.16
C LYS A 413 -14.00 -14.01 51.84
N LEU A 414 -13.84 -12.76 52.24
CA LEU A 414 -13.74 -11.55 51.43
C LEU A 414 -12.77 -10.52 51.94
N HIS A 415 -11.71 -10.20 51.22
CA HIS A 415 -10.81 -9.14 51.74
C HIS A 415 -10.15 -8.15 50.76
N SER A 416 -10.14 -6.95 51.32
CA SER A 416 -9.66 -5.78 50.42
C SER A 416 -10.53 -4.48 50.88
N SER A 417 -9.88 -3.36 50.60
CA SER A 417 -10.49 -2.10 50.95
C SER A 417 -11.88 -1.82 51.76
N GLY A 418 -12.87 -2.35 51.05
CA GLY A 418 -14.21 -2.02 51.76
C GLY A 418 -14.48 -3.18 52.74
N ALA A 419 -13.76 -4.26 52.46
CA ALA A 419 -14.07 -5.45 53.38
C ALA A 419 -12.70 -5.88 53.96
N ASN A 420 -12.60 -5.73 55.27
CA ASN A 420 -11.37 -6.07 55.98
C ASN A 420 -10.25 -5.09 56.05
N CYS A 421 -10.14 -4.16 55.11
CA CYS A 421 -9.22 -3.07 55.07
C CYS A 421 -9.72 -1.68 54.51
N SER A 422 -9.57 -0.78 55.48
CA SER A 422 -9.98 0.64 55.12
C SER A 422 -11.31 0.89 54.47
N THR A 423 -12.26 1.59 55.08
CA THR A 423 -13.69 1.45 54.93
C THR A 423 -13.22 -0.38 55.18
N LEU A 424 -13.88 -0.77 56.27
CA LEU A 424 -14.22 -1.76 56.87
C LEU A 424 -15.27 -2.84 56.52
N GLY A 425 -16.50 -2.44 56.86
CA GLY A 425 -17.58 -3.53 56.56
C GLY A 425 -18.57 -3.13 55.49
N VAL A 426 -18.20 -2.31 54.53
CA VAL A 426 -19.05 -1.89 53.46
C VAL A 426 -19.55 -2.95 52.64
N VAL A 427 -18.84 -4.07 52.50
CA VAL A 427 -19.12 -5.26 51.72
C VAL A 427 -18.87 -6.28 52.60
N THR A 428 -19.79 -7.22 52.69
CA THR A 428 -19.54 -8.36 53.88
C THR A 428 -20.02 -9.63 53.19
N SER A 429 -19.39 -10.79 53.32
CA SER A 429 -19.94 -11.94 52.67
C SER A 429 -20.76 -13.05 53.35
N ALA A 430 -21.13 -12.87 54.61
CA ALA A 430 -21.95 -13.98 55.16
C ALA A 430 -21.61 -14.80 56.18
N GLU A 431 -21.98 -14.67 57.44
CA GLU A 431 -21.75 -15.68 58.55
C GLU A 431 -22.34 -17.05 58.14
N ASP A 432 -23.42 -17.10 57.39
CA ASP A 432 -23.86 -18.24 56.70
C ASP A 432 -23.19 -18.64 55.54
N THR A 433 -22.62 -19.86 55.53
CA THR A 433 -21.83 -20.52 54.43
C THR A 433 -22.27 -20.67 52.95
N SER A 434 -22.95 -19.71 52.35
CA SER A 434 -23.41 -19.83 51.04
C SER A 434 -22.91 -18.82 50.00
N GLY A 435 -21.85 -18.14 50.41
CA GLY A 435 -21.15 -17.33 49.29
C GLY A 435 -22.01 -16.37 48.62
N ILE A 436 -22.66 -15.59 49.48
CA ILE A 436 -23.63 -14.47 49.04
C ILE A 436 -22.80 -13.29 49.53
N LEU A 437 -22.54 -12.38 48.60
CA LEU A 437 -21.77 -11.17 48.81
C LEU A 437 -22.78 -9.95 48.60
N PHE A 438 -22.93 -9.12 49.62
CA PHE A 438 -23.69 -8.05 49.83
C PHE A 438 -23.19 -6.75 50.30
N VAL A 439 -23.77 -5.64 49.85
CA VAL A 439 -23.41 -4.28 50.27
C VAL A 439 -24.04 -3.89 51.62
N ASN A 440 -23.29 -3.50 52.65
CA ASN A 440 -24.21 -3.18 53.82
C ASN A 440 -24.53 -1.68 53.85
N ASP A 441 -24.97 -1.25 55.03
CA ASP A 441 -25.37 0.12 55.27
C ASP A 441 -24.27 1.20 55.57
N THR A 442 -23.38 1.37 54.59
CA THR A 442 -22.40 2.40 54.57
C THR A 442 -23.04 3.68 54.16
N LYS A 443 -24.19 3.99 54.75
CA LYS A 443 -25.01 5.17 54.45
C LYS A 443 -25.20 5.31 52.90
N ALA A 444 -25.47 4.19 52.25
CA ALA A 444 -25.78 4.17 50.86
C ALA A 444 -24.71 4.45 49.74
N LEU A 445 -23.45 4.63 50.10
CA LEU A 445 -22.45 4.90 49.17
C LEU A 445 -22.55 6.11 48.03
N ARG A 446 -21.50 6.86 48.33
CA ARG A 446 -20.95 8.10 47.75
C ARG A 446 -20.22 8.04 46.67
N ARG A 447 -20.52 8.25 45.38
CA ARG A 447 -19.43 8.12 44.27
C ARG A 447 -18.36 9.16 44.30
N PRO A 448 -18.47 10.25 45.04
CA PRO A 448 -17.57 11.26 45.31
C PRO A 448 -17.16 10.53 46.66
N LYS A 449 -15.90 10.12 46.69
CA LYS A 449 -15.39 9.57 47.93
C LYS A 449 -14.55 8.36 47.05
N CYS A 450 -15.31 7.28 47.16
CA CYS A 450 -14.62 6.16 46.43
C CYS A 450 -15.28 5.70 45.22
N ALA A 451 -14.87 5.76 43.98
CA ALA A 451 -15.67 5.29 42.87
C ALA A 451 -15.49 3.93 42.31
N GLU A 452 -14.84 3.05 43.02
CA GLU A 452 -14.46 1.69 42.69
C GLU A 452 -13.75 1.01 43.80
N LEU A 453 -14.15 -0.25 43.93
CA LEU A 453 -13.73 -1.18 45.08
C LEU A 453 -13.32 -2.48 44.44
N HIS A 454 -12.14 -2.96 44.83
CA HIS A 454 -11.63 -4.24 44.31
C HIS A 454 -11.36 -5.10 45.56
N TYR A 455 -11.99 -6.26 45.55
CA TYR A 455 -12.16 -7.23 46.61
C TYR A 455 -11.91 -8.75 45.89
N MET A 456 -11.25 -9.47 46.81
CA MET A 456 -10.85 -10.78 46.74
C MET A 456 -11.63 -11.68 47.77
N VAL A 457 -12.22 -12.69 47.12
CA VAL A 457 -13.03 -13.76 47.62
C VAL A 457 -12.27 -15.02 47.62
N VAL A 458 -12.31 -15.66 48.79
CA VAL A 458 -11.56 -16.85 49.27
C VAL A 458 -12.57 -18.04 49.60
N ALA A 459 -12.10 -19.27 49.37
CA ALA A 459 -12.75 -20.42 49.79
C ALA A 459 -11.93 -21.25 50.52
N THR A 460 -12.31 -21.73 51.69
CA THR A 460 -11.19 -22.66 52.42
C THR A 460 -11.71 -23.76 53.14
N ASP A 461 -11.38 -24.97 52.69
CA ASP A 461 -11.82 -26.29 53.36
C ASP A 461 -12.12 -26.30 55.02
N GLN A 462 -10.88 -26.47 55.44
CA GLN A 462 -10.97 -26.40 57.06
C GLN A 462 -9.48 -25.93 57.05
N GLN A 463 -9.27 -24.61 57.07
CA GLN A 463 -7.98 -24.05 57.14
C GLN A 463 -7.36 -23.84 55.75
N THR A 464 -7.37 -24.90 54.95
CA THR A 464 -6.69 -24.82 53.64
C THR A 464 -7.34 -24.29 52.43
N SER A 465 -6.74 -23.37 51.67
CA SER A 465 -7.35 -22.84 50.46
C SER A 465 -7.47 -23.79 49.25
N ARG A 466 -8.69 -24.35 49.09
CA ARG A 466 -9.09 -25.21 48.04
C ARG A 466 -9.08 -24.60 46.70
N GLN A 467 -9.50 -23.35 46.53
CA GLN A 467 -9.54 -22.56 45.35
C GLN A 467 -8.47 -21.43 45.20
N ALA A 468 -8.34 -20.83 44.03
CA ALA A 468 -7.48 -19.67 44.01
C ALA A 468 -8.46 -18.65 44.40
N GLN A 469 -8.01 -17.53 44.93
CA GLN A 469 -8.82 -16.33 45.24
C GLN A 469 -9.40 -15.53 44.02
N ALA A 470 -10.71 -15.25 43.97
CA ALA A 470 -11.13 -14.53 42.81
C ALA A 470 -11.07 -13.10 43.03
N GLN A 471 -11.05 -12.29 41.98
CA GLN A 471 -11.04 -10.79 42.15
C GLN A 471 -12.52 -10.27 41.77
N LEU A 472 -13.12 -9.55 42.70
CA LEU A 472 -14.35 -8.94 42.45
C LEU A 472 -14.12 -7.40 42.31
N LEU A 473 -14.80 -6.83 41.33
CA LEU A 473 -14.79 -5.44 41.06
C LEU A 473 -16.07 -4.81 41.16
N VAL A 474 -16.25 -3.83 42.03
CA VAL A 474 -17.61 -3.14 42.16
C VAL A 474 -17.41 -1.66 41.74
N THR A 475 -18.13 -1.25 40.71
CA THR A 475 -18.10 0.10 40.25
C THR A 475 -19.56 0.60 40.73
N VAL A 476 -19.36 1.83 41.19
CA VAL A 476 -20.28 2.83 41.76
C VAL A 476 -21.22 3.81 41.01
N GLU A 477 -21.32 3.68 39.70
CA GLU A 477 -22.27 4.56 39.02
C GLU A 477 -23.38 3.93 38.32
N GLY A 478 -24.21 4.65 37.59
CA GLY A 478 -25.41 4.28 36.91
C GLY A 478 -25.25 3.65 35.44
N SER A 479 -26.40 3.28 34.94
CA SER A 479 -26.52 2.69 33.64
C SER A 479 -25.91 1.31 33.46
N TYR A 480 -24.84 1.39 32.65
CA TYR A 480 -24.03 0.04 32.55
C TYR A 480 -22.85 0.38 31.37
N LEU B 1 -43.54 28.26 -51.03
CA LEU B 1 -44.71 29.05 -50.58
C LEU B 1 -44.44 29.47 -49.11
N TYR B 2 -45.02 30.60 -48.71
CA TYR B 2 -44.87 31.01 -47.26
C TYR B 2 -46.19 31.68 -46.76
N PHE B 3 -46.55 31.49 -45.47
CA PHE B 3 -47.71 32.29 -45.02
C PHE B 3 -47.38 33.75 -45.02
N SER B 4 -48.38 34.66 -45.24
CA SER B 4 -48.13 36.05 -45.09
C SER B 4 -48.13 36.55 -43.58
N ARG B 5 -48.51 35.67 -42.68
CA ARG B 5 -48.37 35.92 -41.21
C ARG B 5 -47.80 34.69 -40.55
N ASP B 6 -47.05 34.85 -39.47
CA ASP B 6 -46.65 33.68 -38.65
C ASP B 6 -47.75 33.23 -37.67
N ALA B 7 -48.60 34.19 -37.26
CA ALA B 7 -49.59 33.97 -36.24
C ALA B 7 -50.87 34.73 -36.64
N TYR B 8 -52.00 34.04 -36.45
CA TYR B 8 -53.37 34.56 -36.68
C TYR B 8 -54.12 34.47 -35.36
N TRP B 9 -55.21 35.27 -35.22
CA TRP B 9 -55.93 35.15 -33.94
C TRP B 9 -57.40 35.54 -34.14
N GLU B 10 -58.26 34.92 -33.32
CA GLU B 10 -59.71 35.23 -33.31
C GLU B 10 -60.19 34.84 -31.91
N LYS B 11 -61.51 34.82 -31.69
CA LYS B 11 -62.09 34.54 -30.34
C LYS B 11 -62.99 33.34 -30.64
N LEU B 12 -63.25 32.54 -29.63
CA LEU B 12 -64.25 31.47 -29.70
C LEU B 12 -65.04 31.55 -28.37
N TYR B 13 -66.33 31.24 -28.43
CA TYR B 13 -67.29 31.39 -27.32
C TYR B 13 -67.87 30.00 -27.10
N VAL B 14 -68.53 29.82 -25.98
CA VAL B 14 -69.34 28.56 -25.77
C VAL B 14 -70.54 28.49 -26.67
N ASP B 15 -70.82 27.32 -27.23
CA ASP B 15 -72.07 27.10 -27.99
C ASP B 15 -72.14 27.89 -29.30
N GLN B 16 -70.97 28.18 -29.85
CA GLN B 16 -71.00 28.68 -31.28
C GLN B 16 -71.40 27.56 -32.23
N ALA B 17 -72.27 27.88 -33.19
CA ALA B 17 -72.95 26.93 -33.99
C ALA B 17 -71.88 26.26 -34.87
N ALA B 18 -71.99 24.95 -35.05
CA ALA B 18 -71.29 24.25 -36.16
C ALA B 18 -71.51 25.08 -37.42
N GLY B 19 -70.52 25.23 -38.30
CA GLY B 19 -70.80 26.10 -39.47
C GLY B 19 -70.39 27.57 -39.34
N THR B 20 -69.91 27.99 -38.13
CA THR B 20 -69.38 29.37 -37.99
C THR B 20 -68.04 29.46 -38.72
N PRO B 21 -67.95 30.41 -39.60
CA PRO B 21 -66.65 30.60 -40.23
C PRO B 21 -65.76 31.42 -39.35
N LEU B 22 -64.48 31.10 -39.30
CA LEU B 22 -63.62 31.75 -38.33
C LEU B 22 -62.71 32.77 -38.95
N LEU B 23 -61.77 32.33 -39.80
CA LEU B 23 -60.88 33.31 -40.51
C LEU B 23 -60.21 32.56 -41.66
N TYR B 24 -59.54 33.31 -42.52
CA TYR B 24 -58.67 32.75 -43.57
C TYR B 24 -57.23 32.89 -43.20
N VAL B 25 -56.44 31.91 -43.65
CA VAL B 25 -55.00 32.09 -43.72
C VAL B 25 -54.62 32.33 -45.20
N HIS B 26 -53.40 32.81 -45.46
CA HIS B 26 -52.97 33.13 -46.86
C HIS B 26 -51.55 32.65 -47.06
N ALA B 27 -51.26 32.03 -48.24
CA ALA B 27 -49.85 31.64 -48.51
C ALA B 27 -49.49 32.34 -49.84
N LEU B 28 -48.36 33.03 -49.83
CA LEU B 28 -47.89 33.68 -51.04
C LEU B 28 -46.92 32.69 -51.74
N ARG B 29 -46.53 32.96 -53.00
CA ARG B 29 -45.63 32.00 -53.73
C ARG B 29 -44.15 32.34 -53.62
N ASP B 30 -43.32 31.29 -53.66
CA ASP B 30 -41.90 31.51 -53.81
C ASP B 30 -41.45 31.32 -55.30
N ALA B 31 -42.30 30.68 -56.08
CA ALA B 31 -42.10 30.41 -57.55
C ALA B 31 -43.52 30.48 -58.18
N PRO B 32 -43.60 30.88 -59.49
CA PRO B 32 -44.93 31.20 -60.04
C PRO B 32 -45.94 30.06 -60.07
N GLU B 33 -45.56 28.78 -60.13
CA GLU B 33 -46.58 27.72 -60.33
C GLU B 33 -47.07 27.18 -58.99
N GLU B 34 -46.54 27.76 -57.88
CA GLU B 34 -46.76 27.09 -56.58
C GLU B 34 -48.20 27.33 -56.18
N VAL B 35 -48.85 26.34 -55.61
CA VAL B 35 -50.25 26.45 -55.12
C VAL B 35 -50.38 25.82 -53.75
N PRO B 36 -50.91 26.59 -52.75
CA PRO B 36 -50.94 26.02 -51.38
C PRO B 36 -51.92 24.94 -51.26
N SER B 37 -51.64 23.96 -50.42
CA SER B 37 -52.58 23.03 -49.96
C SER B 37 -52.58 22.99 -48.41
N PHE B 38 -53.68 23.46 -47.82
CA PHE B 38 -53.64 23.78 -46.31
C PHE B 38 -54.07 22.60 -45.53
N ARG B 39 -53.35 22.24 -44.44
CA ARG B 39 -53.91 21.29 -43.52
C ARG B 39 -53.53 21.63 -42.09
N LEU B 40 -54.37 21.14 -41.20
CA LEU B 40 -54.22 21.46 -39.77
C LEU B 40 -53.37 20.37 -39.12
N GLY B 41 -52.59 20.71 -38.07
CA GLY B 41 -52.13 19.74 -37.14
C GLY B 41 -53.27 18.98 -36.52
N GLN B 42 -52.91 17.90 -35.84
CA GLN B 42 -53.89 16.99 -35.28
C GLN B 42 -54.52 17.46 -33.97
N HIS B 43 -53.76 18.29 -33.20
CA HIS B 43 -54.21 18.62 -31.82
C HIS B 43 -54.53 20.14 -31.68
N LEU B 44 -55.27 20.45 -30.61
CA LEU B 44 -55.36 21.76 -30.05
C LEU B 44 -54.40 21.90 -28.88
N TYR B 45 -53.81 23.12 -28.76
CA TYR B 45 -52.78 23.40 -27.80
C TYR B 45 -53.23 24.53 -26.83
N GLY B 46 -52.74 24.47 -25.61
CA GLY B 46 -53.19 25.42 -24.60
C GLY B 46 -52.01 26.19 -24.10
N THR B 47 -51.91 26.42 -22.77
CA THR B 47 -50.94 27.32 -22.22
C THR B 47 -49.49 26.72 -22.25
N TYR B 48 -48.52 27.55 -22.56
CA TYR B 48 -47.14 27.05 -22.74
C TYR B 48 -47.01 25.78 -23.61
N ARG B 49 -47.80 25.71 -24.64
CA ARG B 49 -47.80 24.73 -25.74
C ARG B 49 -48.21 23.35 -25.21
N THR B 50 -49.08 23.34 -24.21
CA THR B 50 -49.56 22.08 -23.65
C THR B 50 -50.36 21.38 -24.75
N ARG B 51 -50.14 20.07 -24.98
CA ARG B 51 -50.95 19.37 -25.99
C ARG B 51 -52.26 18.97 -25.28
N LEU B 52 -53.40 19.56 -25.71
CA LEU B 52 -54.69 19.48 -24.95
C LEU B 52 -55.48 18.24 -25.41
N HIS B 53 -55.64 18.03 -26.74
CA HIS B 53 -56.72 17.11 -27.21
C HIS B 53 -56.64 17.06 -28.69
N GLU B 54 -57.10 15.97 -29.27
CA GLU B 54 -57.20 15.94 -30.73
C GLU B 54 -58.20 17.02 -31.13
N ASN B 55 -57.93 17.69 -32.24
CA ASN B 55 -58.94 18.70 -32.65
C ASN B 55 -60.21 18.14 -33.35
N ASN B 56 -61.31 18.03 -32.63
CA ASN B 56 -62.50 17.44 -33.13
C ASN B 56 -63.44 18.50 -33.62
N TRP B 57 -63.00 19.75 -33.63
CA TRP B 57 -63.99 20.86 -33.82
C TRP B 57 -63.76 21.77 -35.03
N ILE B 58 -62.46 22.08 -35.34
CA ILE B 58 -62.19 23.09 -36.34
C ILE B 58 -61.62 22.37 -37.59
N ARG B 59 -62.07 22.82 -38.74
CA ARG B 59 -61.55 22.26 -40.03
C ARG B 59 -61.08 23.37 -40.89
N ILE B 60 -60.28 23.06 -41.91
CA ILE B 60 -59.84 24.05 -42.83
C ILE B 60 -60.17 23.54 -44.24
N GLN B 61 -60.58 24.48 -45.08
CA GLN B 61 -60.71 24.23 -46.56
C GLN B 61 -59.28 24.18 -47.16
N GLU B 62 -58.87 22.98 -47.64
CA GLU B 62 -57.52 22.83 -48.12
C GLU B 62 -57.10 23.71 -49.27
N ASP B 63 -58.02 24.14 -50.17
CA ASP B 63 -57.56 25.01 -51.24
C ASP B 63 -57.62 26.48 -50.86
N THR B 64 -58.63 26.84 -50.10
CA THR B 64 -58.90 28.30 -49.89
C THR B 64 -58.31 28.89 -48.54
N GLY B 65 -58.01 28.02 -47.59
CA GLY B 65 -57.41 28.46 -46.30
C GLY B 65 -58.48 28.98 -45.33
N LEU B 66 -59.78 28.77 -45.64
CA LEU B 66 -60.89 29.01 -44.69
C LEU B 66 -60.92 28.04 -43.51
N LEU B 67 -60.76 28.57 -42.26
CA LEU B 67 -61.00 27.81 -41.04
C LEU B 67 -62.43 28.03 -40.60
N TYR B 68 -63.08 26.95 -40.11
CA TYR B 68 -64.50 27.05 -39.67
C TYR B 68 -64.79 25.96 -38.65
N LEU B 69 -65.89 26.11 -37.92
CA LEU B 69 -66.29 25.05 -36.99
C LEU B 69 -67.04 23.94 -37.71
N GLN B 70 -66.45 22.76 -37.71
CA GLN B 70 -67.20 21.56 -38.18
C GLN B 70 -68.24 21.08 -37.12
N ARG B 71 -67.98 21.38 -35.84
CA ARG B 71 -68.79 20.92 -34.72
C ARG B 71 -68.78 22.07 -33.70
N SER B 72 -69.89 22.29 -33.02
CA SER B 72 -69.93 23.36 -31.98
C SER B 72 -69.13 22.94 -30.74
N LEU B 73 -68.60 23.94 -30.07
CA LEU B 73 -67.84 23.78 -28.88
C LEU B 73 -68.85 24.16 -27.78
N ASP B 74 -69.34 23.14 -27.09
CA ASP B 74 -70.24 23.42 -25.98
C ASP B 74 -69.45 23.39 -24.64
N HIS B 75 -70.21 23.50 -23.54
CA HIS B 75 -69.61 23.66 -22.21
C HIS B 75 -68.79 22.47 -21.95
N SER B 76 -69.25 21.31 -22.31
CA SER B 76 -68.47 20.07 -22.06
C SER B 76 -67.11 19.99 -22.86
N SER B 77 -67.16 20.45 -24.15
CA SER B 77 -65.95 20.58 -24.96
C SER B 77 -64.93 21.46 -24.24
N TRP B 78 -65.33 22.63 -23.79
CA TRP B 78 -64.36 23.55 -23.18
C TRP B 78 -63.80 22.96 -21.88
N GLU B 79 -64.64 22.20 -21.19
CA GLU B 79 -64.14 21.41 -20.01
C GLU B 79 -63.12 20.36 -20.27
N LYS B 80 -63.26 19.55 -21.33
CA LYS B 80 -62.37 18.54 -21.72
C LYS B 80 -61.02 19.28 -22.01
N LEU B 81 -61.07 20.49 -22.59
CA LEU B 81 -59.80 21.19 -23.00
C LEU B 81 -59.18 21.79 -21.73
N SER B 82 -60.01 22.49 -20.99
CA SER B 82 -59.54 23.05 -19.66
C SER B 82 -58.83 22.02 -18.77
N VAL B 83 -59.37 20.82 -18.65
CA VAL B 83 -58.81 19.87 -17.69
C VAL B 83 -57.46 19.29 -18.20
N ARG B 84 -57.23 19.36 -19.50
CA ARG B 84 -55.99 18.89 -20.04
C ARG B 84 -54.88 20.04 -20.01
N ASN B 85 -55.22 21.24 -19.53
CA ASN B 85 -54.31 22.37 -19.62
C ASN B 85 -53.35 22.48 -18.39
N ARG B 86 -53.05 21.35 -17.71
CA ARG B 86 -51.94 21.26 -16.77
C ARG B 86 -52.06 22.22 -15.60
N GLY B 87 -53.32 22.56 -15.27
CA GLY B 87 -53.59 23.46 -14.15
C GLY B 87 -53.66 24.96 -14.41
N PHE B 88 -53.44 25.36 -15.67
CA PHE B 88 -53.39 26.74 -16.03
C PHE B 88 -54.81 27.09 -16.41
N PRO B 89 -55.21 28.34 -16.19
CA PRO B 89 -56.58 28.69 -16.69
C PRO B 89 -56.60 28.62 -18.25
N LEU B 90 -57.68 28.14 -18.83
CA LEU B 90 -57.69 28.01 -20.28
C LEU B 90 -58.06 29.39 -20.90
N LEU B 91 -57.09 30.15 -21.40
CA LEU B 91 -57.41 31.44 -21.91
C LEU B 91 -57.34 31.43 -23.45
N THR B 92 -56.37 30.69 -23.92
CA THR B 92 -56.07 30.61 -25.38
C THR B 92 -55.89 29.19 -25.81
N VAL B 93 -56.35 28.84 -27.03
CA VAL B 93 -56.10 27.51 -27.56
C VAL B 93 -55.56 27.81 -29.01
N TYR B 94 -54.62 27.02 -29.45
CA TYR B 94 -54.17 27.23 -30.89
C TYR B 94 -54.07 25.91 -31.66
N LEU B 95 -53.96 26.08 -32.98
CA LEU B 95 -53.85 24.99 -33.93
C LEU B 95 -52.66 25.42 -34.80
N LYS B 96 -52.07 24.39 -35.43
CA LYS B 96 -51.03 24.58 -36.47
C LYS B 96 -51.66 24.44 -37.79
N VAL B 97 -51.16 25.22 -38.78
CA VAL B 97 -51.64 25.20 -40.15
C VAL B 97 -50.44 25.06 -41.04
N PHE B 98 -50.39 23.91 -41.76
CA PHE B 98 -49.24 23.66 -42.72
C PHE B 98 -49.70 23.98 -44.14
N LEU B 99 -48.79 24.45 -45.00
CA LEU B 99 -49.25 24.87 -46.35
C LEU B 99 -48.82 23.87 -47.49
N SER B 100 -48.13 22.78 -47.11
CA SER B 100 -47.88 21.61 -48.01
C SER B 100 -47.84 20.28 -47.29
N PRO B 101 -47.65 19.20 -48.07
CA PRO B 101 -47.39 17.81 -47.58
C PRO B 101 -46.03 17.65 -46.88
N CYS B 109 -43.73 24.09 -35.37
CA CYS B 109 -44.55 24.97 -36.26
C CYS B 109 -43.96 26.34 -36.39
N GLN B 110 -43.26 26.62 -37.49
CA GLN B 110 -42.61 27.91 -37.63
C GLN B 110 -42.83 28.47 -38.99
N TRP B 111 -42.93 29.79 -39.03
CA TRP B 111 -42.90 30.51 -40.29
C TRP B 111 -41.54 30.13 -41.00
N PRO B 112 -41.58 29.97 -42.34
CA PRO B 112 -42.67 30.25 -43.35
C PRO B 112 -43.64 29.14 -43.68
N GLY B 113 -43.38 27.89 -43.34
CA GLY B 113 -44.21 26.84 -43.78
C GLY B 113 -45.30 26.38 -42.83
N CYS B 114 -45.39 27.01 -41.64
CA CYS B 114 -46.41 26.62 -40.67
C CYS B 114 -46.83 27.92 -39.95
N ALA B 115 -48.15 28.07 -39.78
CA ALA B 115 -48.71 29.25 -39.06
C ALA B 115 -49.46 28.76 -37.86
N ARG B 116 -49.42 29.50 -36.76
CA ARG B 116 -50.19 29.16 -35.59
C ARG B 116 -51.42 30.06 -35.56
N VAL B 117 -52.58 29.46 -35.32
CA VAL B 117 -53.86 30.21 -35.29
C VAL B 117 -54.30 30.17 -33.82
N TYR B 118 -54.40 31.35 -33.18
CA TYR B 118 -54.70 31.34 -31.72
C TYR B 118 -56.17 31.78 -31.53
N PHE B 119 -56.91 31.15 -30.61
CA PHE B 119 -58.24 31.61 -30.33
C PHE B 119 -58.27 31.93 -28.87
N SER B 120 -58.69 33.16 -28.56
CA SER B 120 -59.00 33.52 -27.11
C SER B 120 -60.38 32.91 -26.78
N PHE B 121 -60.41 32.08 -25.75
CA PHE B 121 -61.62 31.52 -25.31
C PHE B 121 -62.38 32.46 -24.34
N PHE B 122 -63.68 32.58 -24.59
CA PHE B 122 -64.52 33.41 -23.67
C PHE B 122 -65.63 32.59 -23.20
N ASN B 123 -65.68 32.40 -21.86
CA ASN B 123 -66.62 31.46 -21.32
C ASN B 123 -68.04 32.10 -21.26
N THR B 124 -68.62 32.40 -22.40
CA THR B 124 -69.94 33.03 -22.48
C THR B 124 -70.35 32.85 -23.89
N SER B 125 -71.55 33.32 -24.19
CA SER B 125 -72.04 33.19 -25.52
C SER B 125 -71.49 34.33 -26.36
N PHE B 126 -71.54 34.15 -27.65
CA PHE B 126 -71.10 35.25 -28.47
C PHE B 126 -71.90 36.53 -28.07
N PRO B 127 -71.25 37.73 -28.05
CA PRO B 127 -72.10 38.83 -27.54
C PRO B 127 -73.29 39.26 -28.43
N ALA B 128 -74.29 39.97 -27.85
CA ALA B 128 -75.39 40.52 -28.67
C ALA B 128 -74.76 41.45 -29.66
N CYS B 129 -75.27 41.40 -30.90
CA CYS B 129 -74.85 42.23 -31.99
C CYS B 129 -74.88 43.73 -31.70
N SER B 130 -75.95 44.17 -31.01
CA SER B 130 -76.15 45.57 -30.72
C SER B 130 -75.12 46.01 -29.67
N SER B 131 -74.47 45.08 -28.97
CA SER B 131 -73.51 45.51 -27.99
C SER B 131 -72.10 45.82 -28.57
N LEU B 132 -71.88 45.55 -29.87
CA LEU B 132 -70.49 45.53 -30.36
C LEU B 132 -70.19 46.93 -30.82
N LYS B 133 -69.06 47.47 -30.43
CA LYS B 133 -68.64 48.77 -30.86
C LYS B 133 -67.96 48.68 -32.22
N PRO B 134 -67.89 49.81 -32.96
CA PRO B 134 -67.19 49.75 -34.27
C PRO B 134 -65.78 49.04 -34.24
N ARG B 135 -64.92 49.37 -33.27
CA ARG B 135 -63.57 48.80 -33.23
C ARG B 135 -63.64 47.24 -33.27
N GLU B 136 -64.55 46.62 -32.49
CA GLU B 136 -64.67 45.14 -32.40
C GLU B 136 -65.43 44.52 -33.59
N LEU B 137 -66.22 45.32 -34.28
CA LEU B 137 -66.93 44.91 -35.51
C LEU B 137 -65.87 44.86 -36.70
N CYS B 138 -64.80 45.70 -36.60
CA CYS B 138 -64.00 46.08 -37.81
C CYS B 138 -62.74 45.22 -37.88
N PHE B 139 -61.98 45.15 -36.76
CA PHE B 139 -60.62 44.48 -36.84
C PHE B 139 -60.38 43.57 -35.68
N PRO B 140 -59.37 42.65 -35.81
CA PRO B 140 -59.10 41.86 -34.67
C PRO B 140 -58.63 42.73 -33.49
N GLU B 141 -58.64 42.17 -32.29
CA GLU B 141 -58.39 42.98 -31.10
C GLU B 141 -56.97 43.69 -31.11
N THR B 142 -55.94 42.95 -31.59
CA THR B 142 -54.64 43.52 -31.92
C THR B 142 -54.54 43.48 -33.44
N ARG B 143 -54.18 44.62 -34.10
CA ARG B 143 -54.18 44.64 -35.59
C ARG B 143 -53.06 43.76 -36.11
N PRO B 144 -53.30 43.10 -37.28
CA PRO B 144 -52.33 42.21 -37.85
C PRO B 144 -51.21 43.00 -38.55
N SER B 145 -50.06 42.33 -38.62
CA SER B 145 -48.96 42.82 -39.48
C SER B 145 -48.56 41.59 -40.39
N PHE B 146 -47.91 41.95 -41.51
CA PHE B 146 -47.70 41.01 -42.66
C PHE B 146 -46.23 40.83 -43.06
N ARG B 147 -45.97 39.65 -43.66
CA ARG B 147 -44.64 39.30 -44.14
C ARG B 147 -44.76 39.00 -45.65
N ILE B 148 -44.00 39.76 -46.43
CA ILE B 148 -43.98 39.55 -47.91
C ILE B 148 -42.47 39.55 -48.39
N ARG B 149 -42.08 38.48 -49.05
CA ARG B 149 -40.69 38.27 -49.54
C ARG B 149 -40.44 39.17 -50.80
N GLU B 150 -39.31 39.87 -50.82
CA GLU B 150 -38.87 40.59 -52.03
C GLU B 150 -38.66 39.62 -53.15
N ASN B 151 -38.97 40.10 -54.34
CA ASN B 151 -38.57 39.40 -55.58
C ASN B 151 -39.29 38.12 -55.72
N ARG B 152 -40.52 38.04 -55.15
CA ARG B 152 -41.36 36.87 -55.31
C ARG B 152 -42.67 37.28 -55.86
N PRO B 153 -43.41 36.33 -56.46
CA PRO B 153 -44.66 36.67 -57.15
C PRO B 153 -45.71 37.38 -56.24
N PRO B 154 -46.38 38.45 -56.74
CA PRO B 154 -47.44 39.18 -55.97
C PRO B 154 -48.66 38.28 -55.78
N GLY B 155 -49.56 38.63 -54.86
CA GLY B 155 -50.74 37.80 -54.64
C GLY B 155 -51.53 38.32 -53.39
N THR B 156 -52.63 37.66 -53.11
CA THR B 156 -53.59 38.08 -52.00
C THR B 156 -52.99 37.62 -50.73
N PHE B 157 -52.85 38.57 -49.82
CA PHE B 157 -52.23 38.16 -48.57
C PHE B 157 -53.12 38.42 -47.30
N HIS B 158 -54.35 39.00 -47.46
CA HIS B 158 -55.15 39.33 -46.25
C HIS B 158 -56.57 39.38 -46.68
N GLN B 159 -57.42 39.16 -45.71
CA GLN B 159 -58.85 39.36 -45.90
C GLN B 159 -59.35 40.14 -44.66
N PHE B 160 -60.15 41.22 -44.84
CA PHE B 160 -60.51 42.08 -43.69
C PHE B 160 -61.73 41.70 -42.89
N ARG B 161 -62.71 41.06 -43.49
CA ARG B 161 -63.98 40.94 -42.79
C ARG B 161 -63.85 39.99 -41.60
N LEU B 162 -64.44 40.34 -40.43
CA LEU B 162 -64.44 39.43 -39.29
C LEU B 162 -65.52 38.39 -39.53
N LEU B 163 -65.14 37.12 -39.72
CA LEU B 163 -66.12 36.15 -40.20
C LEU B 163 -67.19 35.78 -39.17
N PRO B 164 -66.83 35.55 -37.86
CA PRO B 164 -67.89 35.28 -36.90
C PRO B 164 -68.88 36.47 -36.83
N VAL B 165 -68.40 37.73 -36.98
CA VAL B 165 -69.34 38.92 -36.95
C VAL B 165 -70.23 39.00 -38.20
N GLN B 166 -69.68 38.74 -39.41
CA GLN B 166 -70.46 38.78 -40.62
C GLN B 166 -71.50 37.65 -40.45
N PHE B 167 -71.10 36.54 -39.81
CA PHE B 167 -72.03 35.38 -39.81
C PHE B 167 -73.20 35.63 -38.85
N LEU B 168 -72.92 36.05 -37.63
CA LEU B 168 -73.89 36.10 -36.58
C LEU B 168 -74.60 37.45 -36.60
N CYS B 169 -73.98 38.47 -37.21
CA CYS B 169 -74.53 39.84 -37.23
C CYS B 169 -74.66 40.30 -38.66
N PRO B 170 -75.39 39.56 -39.54
CA PRO B 170 -75.31 39.90 -40.95
C PRO B 170 -76.07 41.24 -41.25
N GLN B 171 -76.87 41.76 -40.29
CA GLN B 171 -77.55 43.06 -40.49
C GLN B 171 -76.62 44.26 -40.30
N ILE B 172 -75.39 44.03 -39.79
CA ILE B 172 -74.40 45.12 -39.67
C ILE B 172 -73.51 45.12 -40.91
N SER B 173 -73.60 46.15 -41.72
CA SER B 173 -72.76 46.26 -42.86
C SER B 173 -71.39 46.87 -42.49
N VAL B 174 -70.36 46.29 -43.09
CA VAL B 174 -68.93 46.65 -42.85
C VAL B 174 -68.18 46.66 -44.14
N ALA B 175 -67.40 47.71 -44.43
CA ALA B 175 -66.69 47.86 -45.68
C ALA B 175 -65.28 48.32 -45.37
N TYR B 176 -64.34 48.11 -46.25
CA TYR B 176 -62.95 48.40 -45.97
C TYR B 176 -62.28 49.01 -47.15
N ARG B 177 -61.31 49.86 -46.91
CA ARG B 177 -60.40 50.35 -47.93
C ARG B 177 -59.03 50.63 -47.32
N LEU B 178 -58.02 50.82 -48.15
CA LEU B 178 -56.75 51.38 -47.65
C LEU B 178 -56.62 52.87 -47.89
N LEU B 179 -55.97 53.57 -46.96
CA LEU B 179 -55.23 54.82 -47.27
C LEU B 179 -53.68 54.67 -47.34
N GLU B 180 -53.13 55.67 -48.06
CA GLU B 180 -51.66 55.98 -48.09
C GLU B 180 -50.85 54.97 -48.98
N GLY B 181 -51.57 54.22 -49.84
CA GLY B 181 -50.94 53.31 -50.82
C GLY B 181 -50.61 53.78 -52.27
N GLU B 182 -50.96 55.04 -52.62
CA GLU B 182 -50.59 55.78 -53.89
C GLU B 182 -49.22 55.44 -54.48
N GLY B 183 -49.21 54.91 -55.70
CA GLY B 183 -47.98 54.42 -56.28
C GLY B 183 -47.37 53.19 -55.58
N LEU B 184 -48.02 52.65 -54.53
CA LEU B 184 -47.43 51.56 -53.76
C LEU B 184 -47.96 50.25 -54.35
N PRO B 185 -47.28 49.13 -54.10
CA PRO B 185 -47.71 47.91 -54.65
C PRO B 185 -48.96 47.22 -54.08
N PHE B 186 -49.84 47.91 -53.35
CA PHE B 186 -51.01 47.23 -52.64
C PHE B 186 -52.34 47.61 -53.33
N ARG B 187 -53.24 46.65 -53.41
CA ARG B 187 -54.56 46.79 -53.96
C ARG B 187 -55.56 46.24 -52.94
N SER B 188 -56.53 47.08 -52.61
CA SER B 188 -57.74 46.64 -51.95
C SER B 188 -58.82 47.31 -52.77
N ALA B 189 -59.51 46.55 -53.60
CA ALA B 189 -60.39 47.18 -54.68
C ALA B 189 -61.77 47.64 -54.18
N PRO B 190 -62.46 48.60 -54.89
CA PRO B 190 -63.78 48.98 -54.32
C PRO B 190 -64.61 47.71 -54.09
N ASP B 191 -65.32 47.67 -52.97
CA ASP B 191 -66.09 46.47 -52.55
C ASP B 191 -65.27 45.21 -52.31
N SER B 192 -63.93 45.27 -52.37
CA SER B 192 -63.12 44.08 -52.05
C SER B 192 -62.90 43.99 -50.55
N LEU B 193 -62.96 42.75 -50.03
CA LEU B 193 -62.49 42.55 -48.65
C LEU B 193 -61.06 42.00 -48.59
N GLU B 194 -60.41 41.76 -49.75
CA GLU B 194 -59.03 41.26 -49.83
C GLU B 194 -58.03 42.34 -50.11
N VAL B 195 -56.82 42.06 -49.66
CA VAL B 195 -55.73 42.94 -49.97
C VAL B 195 -54.67 42.07 -50.70
N SER B 196 -54.08 42.64 -51.77
CA SER B 196 -53.08 41.92 -52.53
C SER B 196 -51.93 42.85 -52.83
N THR B 197 -50.78 42.25 -53.19
CA THR B 197 -49.69 43.06 -53.81
C THR B 197 -49.92 42.99 -55.36
N ARG B 198 -49.34 43.94 -56.07
CA ARG B 198 -49.49 44.02 -57.51
C ARG B 198 -48.25 43.72 -58.32
N TRP B 199 -47.09 43.76 -57.71
CA TRP B 199 -45.85 43.42 -58.41
C TRP B 199 -44.90 42.94 -57.35
N ALA B 200 -43.81 42.24 -57.73
CA ALA B 200 -42.81 41.79 -56.79
C ALA B 200 -42.26 42.95 -55.93
N LEU B 201 -42.00 42.72 -54.62
CA LEU B 201 -41.46 43.78 -53.80
C LEU B 201 -39.91 43.75 -53.93
N ASP B 202 -39.27 44.75 -53.34
CA ASP B 202 -37.81 44.84 -53.39
C ASP B 202 -37.24 45.63 -52.19
N ARG B 203 -36.49 44.94 -51.32
CA ARG B 203 -36.02 45.57 -50.10
C ARG B 203 -35.07 46.75 -50.35
N GLU B 204 -34.39 46.78 -51.50
CA GLU B 204 -33.55 47.89 -51.87
C GLU B 204 -34.43 49.13 -52.10
N GLN B 205 -35.58 49.01 -52.73
CA GLN B 205 -36.46 50.17 -52.76
C GLN B 205 -37.19 50.48 -51.40
N ARG B 206 -37.83 49.45 -50.76
CA ARG B 206 -38.59 49.67 -49.48
C ARG B 206 -38.57 48.41 -48.69
N GLU B 207 -38.15 48.56 -47.44
CA GLU B 207 -37.95 47.46 -46.53
C GLU B 207 -39.29 47.22 -45.71
N LYS B 208 -40.09 48.28 -45.48
CA LYS B 208 -41.21 48.31 -44.54
C LYS B 208 -42.26 49.21 -45.19
N TYR B 209 -43.53 48.84 -45.13
CA TYR B 209 -44.62 49.73 -45.45
C TYR B 209 -45.53 49.85 -44.26
N GLU B 210 -46.16 50.99 -44.13
CA GLU B 210 -47.16 51.18 -43.10
C GLU B 210 -48.33 51.93 -43.70
N LEU B 211 -49.31 51.20 -44.23
CA LEU B 211 -50.49 51.82 -44.75
C LEU B 211 -51.55 52.04 -43.64
N VAL B 212 -52.73 52.54 -43.99
CA VAL B 212 -53.79 52.73 -42.98
C VAL B 212 -54.97 51.90 -43.46
N ALA B 213 -55.46 51.01 -42.62
CA ALA B 213 -56.66 50.26 -42.98
C ALA B 213 -57.90 51.00 -42.43
N VAL B 214 -58.94 51.15 -43.24
CA VAL B 214 -60.09 51.95 -42.80
C VAL B 214 -61.39 51.15 -42.88
N CYS B 215 -62.08 51.01 -41.76
CA CYS B 215 -63.30 50.21 -41.78
C CYS B 215 -64.48 51.19 -41.66
N THR B 216 -65.51 50.99 -42.47
CA THR B 216 -66.75 51.82 -42.29
C THR B 216 -67.84 50.89 -41.91
N VAL B 217 -68.40 51.12 -40.74
CA VAL B 217 -69.53 50.30 -40.26
C VAL B 217 -70.86 51.05 -40.49
N HIS B 218 -71.92 50.31 -40.88
CA HIS B 218 -73.29 50.87 -41.15
C HIS B 218 -73.51 51.72 -42.44
N ARG B 222 -75.29 57.83 -39.74
CA ARG B 222 -75.22 56.47 -39.14
C ARG B 222 -73.85 55.75 -39.40
N GLU B 223 -73.07 56.13 -40.44
CA GLU B 223 -71.76 55.55 -40.70
C GLU B 223 -70.82 55.91 -39.51
N GLU B 224 -69.99 54.93 -39.10
CA GLU B 224 -68.88 55.17 -38.21
C GLU B 224 -67.66 54.51 -38.75
N VAL B 225 -66.52 55.16 -38.58
CA VAL B 225 -65.27 54.72 -39.19
C VAL B 225 -64.22 54.47 -38.13
N VAL B 226 -63.45 53.43 -38.34
CA VAL B 226 -62.38 53.10 -37.47
C VAL B 226 -61.17 52.92 -38.39
N MET B 227 -60.00 53.49 -37.97
CA MET B 227 -58.82 53.27 -38.72
C MET B 227 -57.72 52.62 -37.90
N VAL B 228 -56.96 51.73 -38.51
CA VAL B 228 -55.75 51.10 -37.80
C VAL B 228 -54.54 51.04 -38.70
N PRO B 229 -53.30 50.98 -38.14
CA PRO B 229 -52.17 50.86 -39.05
C PRO B 229 -52.21 49.48 -39.73
N PHE B 230 -51.56 49.37 -40.88
CA PHE B 230 -51.56 48.18 -41.69
C PHE B 230 -50.09 47.98 -42.04
N PRO B 231 -49.31 47.36 -41.13
CA PRO B 231 -47.83 47.25 -41.49
C PRO B 231 -47.41 46.02 -42.30
N VAL B 232 -46.48 46.20 -43.23
CA VAL B 232 -45.94 45.12 -44.08
C VAL B 232 -44.44 45.17 -44.04
N THR B 233 -43.79 44.07 -43.67
CA THR B 233 -42.32 43.95 -43.63
C THR B 233 -41.91 43.14 -44.86
N VAL B 234 -40.92 43.66 -45.59
CA VAL B 234 -40.31 43.00 -46.66
C VAL B 234 -39.20 42.09 -46.26
N TYR B 235 -39.40 40.84 -46.56
CA TYR B 235 -38.47 39.78 -46.20
C TYR B 235 -37.45 39.47 -47.34
N ASP B 236 -36.25 38.92 -48.02
CA ASP B 236 -35.11 39.36 -48.82
C ASP B 236 -34.99 38.66 -50.15
N GLU B 237 -34.27 39.30 -51.07
CA GLU B 237 -34.03 38.76 -52.40
C GLU B 237 -32.58 39.03 -52.79
N ASP B 238 -32.07 38.21 -53.71
CA ASP B 238 -30.69 38.34 -54.18
C ASP B 238 -30.61 39.46 -55.23
N ASP B 239 -31.11 40.63 -54.84
CA ASP B 239 -31.09 41.79 -55.71
C ASP B 239 -29.63 42.16 -55.94
N SER B 240 -28.78 41.91 -54.98
CA SER B 240 -27.39 42.34 -55.12
C SER B 240 -26.27 41.34 -55.42
N ALA B 241 -25.25 41.86 -56.09
CA ALA B 241 -24.07 41.10 -56.44
C ALA B 241 -22.95 41.53 -55.48
N PRO B 242 -21.45 40.85 -55.51
CA PRO B 242 -20.50 41.05 -54.47
C PRO B 242 -19.36 41.82 -55.01
N THR B 243 -18.76 42.71 -54.20
CA THR B 243 -17.67 43.47 -54.75
C THR B 243 -16.48 43.15 -53.93
N PHE B 244 -15.32 43.04 -54.59
CA PHE B 244 -14.09 42.74 -53.93
C PHE B 244 -13.50 44.07 -53.61
N PRO B 245 -13.44 44.51 -52.39
CA PRO B 245 -12.90 45.81 -52.09
C PRO B 245 -11.52 45.91 -52.67
N ALA B 246 -10.80 44.78 -52.74
CA ALA B 246 -9.47 44.67 -53.26
C ALA B 246 -9.44 45.01 -54.71
N GLY B 247 -10.45 44.59 -55.48
CA GLY B 247 -10.35 44.88 -56.89
C GLY B 247 -9.18 44.10 -57.36
N VAL B 248 -8.28 44.76 -58.13
CA VAL B 248 -7.14 44.02 -58.58
C VAL B 248 -6.10 44.09 -57.51
N ASP B 249 -5.75 42.92 -56.94
CA ASP B 249 -4.71 42.93 -55.97
C ASP B 249 -3.47 42.79 -56.78
N THR B 250 -2.91 43.94 -57.20
CA THR B 250 -1.78 43.91 -58.06
C THR B 250 -0.68 43.23 -57.33
N ALA B 251 -0.64 43.41 -56.00
CA ALA B 251 0.52 42.87 -55.35
C ALA B 251 0.19 41.83 -54.34
N SER B 252 1.07 40.80 -54.31
CA SER B 252 1.03 39.73 -53.35
C SER B 252 2.44 39.25 -53.32
N ALA B 253 2.90 38.71 -52.18
CA ALA B 253 4.25 38.27 -52.21
C ALA B 253 4.37 37.03 -51.41
N VAL B 254 5.23 36.10 -51.87
CA VAL B 254 5.53 34.92 -51.13
C VAL B 254 6.99 34.69 -51.32
N VAL B 255 7.67 34.12 -50.30
CA VAL B 255 9.08 33.91 -50.40
C VAL B 255 9.31 32.84 -51.42
N GLU B 256 10.50 32.82 -52.04
CA GLU B 256 10.70 31.85 -53.07
C GLU B 256 10.85 30.49 -52.49
N PHE B 257 10.27 29.52 -53.22
CA PHE B 257 10.43 28.11 -53.01
C PHE B 257 10.23 27.82 -51.56
N LYS B 258 9.15 28.30 -50.95
CA LYS B 258 9.06 28.01 -49.55
C LYS B 258 8.05 26.91 -49.43
N ARG B 259 8.47 25.74 -48.91
CA ARG B 259 7.55 24.65 -48.81
C ARG B 259 6.80 24.76 -47.54
N LYS B 260 5.56 24.26 -47.54
CA LYS B 260 4.81 24.27 -46.33
C LYS B 260 3.54 23.55 -46.62
N GLU B 261 2.80 23.21 -45.55
CA GLU B 261 1.55 22.54 -45.72
C GLU B 261 0.73 23.49 -46.52
N ASP B 262 0.76 24.76 -46.08
CA ASP B 262 0.01 25.80 -46.72
C ASP B 262 0.58 27.12 -46.29
N THR B 263 1.50 27.69 -47.10
CA THR B 263 1.99 28.98 -46.73
C THR B 263 0.92 29.95 -47.12
N VAL B 264 0.70 31.00 -46.29
CA VAL B 264 -0.35 31.91 -46.63
C VAL B 264 0.25 33.03 -47.43
N VAL B 265 -0.04 33.06 -48.74
CA VAL B 265 0.50 34.09 -49.59
C VAL B 265 -0.12 35.41 -49.28
N ALA B 266 -1.47 35.48 -49.23
CA ALA B 266 -2.10 36.75 -49.01
C ALA B 266 -3.57 36.53 -48.88
N THR B 267 -4.29 37.55 -48.37
CA THR B 267 -5.70 37.42 -48.18
C THR B 267 -6.39 38.40 -49.05
N LEU B 268 -7.41 37.92 -49.79
CA LEU B 268 -8.24 38.74 -50.58
C LEU B 268 -9.56 38.67 -49.90
N ARG B 269 -10.40 39.72 -50.01
CA ARG B 269 -11.65 39.67 -49.30
C ARG B 269 -12.71 40.26 -50.17
N VAL B 270 -13.98 39.96 -49.87
CA VAL B 270 -15.07 40.50 -50.63
C VAL B 270 -16.20 40.69 -49.66
N PHE B 271 -17.18 41.56 -49.99
CA PHE B 271 -18.30 41.70 -49.11
C PHE B 271 -19.52 41.82 -49.98
N ASP B 272 -20.71 41.50 -49.44
CA ASP B 272 -21.90 41.60 -50.23
C ASP B 272 -22.79 42.66 -49.65
N ALA B 273 -23.34 43.52 -50.53
CA ALA B 273 -24.19 44.63 -50.21
C ALA B 273 -25.44 44.14 -49.57
N ASP B 274 -25.92 42.96 -50.00
CA ASP B 274 -27.18 42.42 -49.58
C ASP B 274 -27.17 42.28 -48.10
N VAL B 275 -28.29 41.79 -47.52
CA VAL B 275 -28.32 41.69 -46.08
C VAL B 275 -27.55 40.49 -45.63
N VAL B 276 -26.81 40.64 -44.50
CA VAL B 276 -26.01 39.59 -43.94
C VAL B 276 -26.91 38.46 -43.53
N PRO B 277 -28.01 38.74 -42.88
CA PRO B 277 -28.87 37.65 -42.50
C PRO B 277 -29.43 37.00 -43.72
N ALA B 278 -29.50 37.74 -44.83
CA ALA B 278 -30.00 37.18 -46.04
C ALA B 278 -28.94 36.31 -46.60
N SER B 279 -29.34 35.25 -47.30
CA SER B 279 -28.36 34.40 -47.89
C SER B 279 -27.73 35.19 -48.98
N GLY B 280 -28.46 36.20 -49.50
CA GLY B 280 -27.93 36.93 -50.61
C GLY B 280 -26.67 37.65 -50.23
N GLU B 281 -26.67 38.47 -49.18
CA GLU B 281 -25.42 39.13 -48.94
C GLU B 281 -24.42 38.20 -48.43
N LEU B 282 -24.82 37.61 -47.30
CA LEU B 282 -23.82 36.98 -46.51
C LEU B 282 -23.21 35.88 -47.26
N VAL B 283 -24.03 35.00 -47.84
CA VAL B 283 -23.39 33.85 -48.38
C VAL B 283 -22.59 34.23 -49.55
N ARG B 284 -21.26 34.25 -49.34
CA ARG B 284 -20.32 34.54 -50.38
C ARG B 284 -19.32 33.45 -50.28
N ARG B 285 -18.80 32.98 -51.43
CA ARG B 285 -17.83 31.93 -51.39
C ARG B 285 -16.70 32.34 -52.26
N TYR B 286 -15.47 31.95 -51.90
CA TYR B 286 -14.35 32.36 -52.70
C TYR B 286 -13.75 31.13 -53.29
N THR B 287 -13.45 31.17 -54.61
CA THR B 287 -12.79 30.08 -55.25
C THR B 287 -11.90 30.67 -56.29
N SER B 288 -10.84 29.96 -56.69
CA SER B 288 -9.97 30.50 -57.70
C SER B 288 -10.42 29.90 -58.99
N THR B 289 -10.91 30.75 -59.92
CA THR B 289 -11.37 30.26 -61.18
C THR B 289 -10.20 29.87 -62.02
N LEU B 290 -9.16 30.73 -62.11
CA LEU B 290 -8.07 30.38 -62.96
C LEU B 290 -6.77 30.72 -62.31
N LEU B 291 -5.70 30.05 -62.78
CA LEU B 291 -4.36 30.38 -62.41
C LEU B 291 -3.54 30.29 -63.65
N PRO B 292 -3.13 31.38 -64.23
CA PRO B 292 -2.14 31.22 -65.26
C PRO B 292 -0.83 31.49 -64.58
N GLY B 293 0.30 30.90 -65.04
CA GLY B 293 0.30 29.95 -66.11
C GLY B 293 -0.05 28.63 -65.52
N ASP B 294 -0.13 27.59 -66.35
CA ASP B 294 -0.46 26.26 -65.91
C ASP B 294 0.66 25.69 -65.08
N THR B 295 1.91 25.99 -65.44
CA THR B 295 3.06 25.41 -64.80
C THR B 295 3.44 26.21 -63.58
N TRP B 296 4.39 25.66 -62.77
CA TRP B 296 4.89 24.35 -63.03
C TRP B 296 3.77 23.40 -62.72
N ALA B 297 3.15 23.60 -61.54
CA ALA B 297 2.06 22.76 -61.13
C ALA B 297 0.80 23.50 -61.41
N GLN B 298 -0.22 22.79 -61.90
CA GLN B 298 -1.45 23.43 -62.32
C GLN B 298 -2.11 24.10 -61.17
N GLN B 299 -2.13 23.50 -59.96
CA GLN B 299 -2.79 24.24 -58.92
C GLN B 299 -1.87 24.40 -57.75
N THR B 300 -1.11 25.50 -57.77
CA THR B 300 -0.16 25.90 -56.77
C THR B 300 -0.87 26.39 -55.54
N PHE B 301 -2.04 27.02 -55.72
CA PHE B 301 -2.69 27.63 -54.59
C PHE B 301 -4.07 27.08 -54.39
N ARG B 302 -4.64 27.47 -53.23
CA ARG B 302 -6.01 27.22 -52.89
C ARG B 302 -6.43 28.38 -52.04
N VAL B 303 -7.74 28.66 -51.97
CA VAL B 303 -8.20 29.73 -51.12
C VAL B 303 -9.30 29.16 -50.31
N GLU B 304 -9.42 29.59 -49.03
CA GLU B 304 -10.48 29.01 -48.24
C GLU B 304 -11.75 29.64 -48.67
N HIS B 305 -12.63 28.83 -49.30
CA HIS B 305 -13.85 29.32 -49.87
C HIS B 305 -14.72 29.94 -48.82
N TRP B 306 -15.20 29.07 -47.89
CA TRP B 306 -16.19 29.44 -46.92
C TRP B 306 -15.77 30.41 -45.85
N PRO B 307 -14.67 30.24 -45.14
CA PRO B 307 -14.36 31.01 -43.96
C PRO B 307 -14.43 32.46 -44.28
N ASN B 308 -14.30 32.80 -45.57
CA ASN B 308 -14.30 34.15 -46.00
C ASN B 308 -13.00 34.73 -45.57
N GLU B 309 -12.12 33.87 -45.01
CA GLU B 309 -10.83 34.37 -44.75
C GLU B 309 -10.34 34.61 -46.12
N THR B 310 -10.64 33.63 -46.99
CA THR B 310 -10.33 33.66 -48.39
C THR B 310 -8.95 34.18 -48.59
N SER B 311 -7.99 33.53 -47.94
CA SER B 311 -6.61 33.86 -48.10
C SER B 311 -6.03 32.76 -48.90
N VAL B 312 -5.16 33.08 -49.87
CA VAL B 312 -4.64 32.06 -50.71
C VAL B 312 -3.56 31.33 -49.99
N GLN B 313 -3.52 30.00 -50.16
CA GLN B 313 -2.51 29.19 -49.55
C GLN B 313 -1.96 28.35 -50.66
N ALA B 314 -0.67 27.95 -50.57
CA ALA B 314 -0.15 27.21 -51.67
C ALA B 314 0.13 25.80 -51.26
N ASN B 315 -0.38 24.84 -52.05
CA ASN B 315 -0.12 23.45 -51.87
C ASN B 315 1.26 23.14 -52.36
N GLY B 316 1.65 23.72 -53.52
CA GLY B 316 2.87 23.34 -54.17
C GLY B 316 3.93 24.38 -53.97
N SER B 317 5.15 24.05 -54.46
CA SER B 317 6.31 24.87 -54.32
C SER B 317 6.28 26.00 -55.30
N PHE B 318 7.19 26.99 -55.11
CA PHE B 318 7.26 28.15 -55.95
C PHE B 318 8.68 28.21 -56.44
N VAL B 319 8.93 28.97 -57.52
CA VAL B 319 10.28 29.13 -57.98
C VAL B 319 10.42 30.55 -58.41
N ARG B 320 11.67 30.97 -58.69
CA ARG B 320 11.98 32.32 -59.07
C ARG B 320 11.05 32.70 -60.17
N ALA B 321 10.78 34.02 -60.29
CA ALA B 321 9.73 34.62 -61.05
C ALA B 321 9.43 33.86 -62.29
N THR B 322 8.55 32.86 -62.13
CA THR B 322 7.99 32.12 -63.21
C THR B 322 6.89 32.97 -63.76
N VAL B 323 6.15 33.58 -62.82
CA VAL B 323 5.00 34.46 -62.95
C VAL B 323 3.97 33.98 -61.97
N HIS B 324 2.76 34.61 -61.98
CA HIS B 324 1.58 34.15 -61.27
C HIS B 324 0.45 35.14 -61.40
N ASP B 325 -0.74 34.65 -61.79
CA ASP B 325 -1.89 35.48 -61.90
C ASP B 325 -3.08 34.63 -61.56
N TYR B 326 -3.90 35.07 -60.59
CA TYR B 326 -5.08 34.32 -60.25
C TYR B 326 -6.27 35.18 -60.38
N ARG B 327 -7.40 34.56 -60.76
CA ARG B 327 -8.63 35.27 -60.84
C ARG B 327 -9.47 34.71 -59.76
N LEU B 328 -10.09 35.57 -58.93
CA LEU B 328 -10.86 35.01 -57.86
C LEU B 328 -12.29 35.37 -58.05
N VAL B 329 -13.20 34.40 -57.79
CA VAL B 329 -14.61 34.64 -57.92
C VAL B 329 -15.25 34.50 -56.57
N LEU B 330 -16.07 35.50 -56.19
CA LEU B 330 -16.84 35.51 -54.97
C LEU B 330 -18.17 34.81 -55.07
N ASN B 331 -18.68 34.56 -56.31
CA ASN B 331 -20.01 34.08 -56.67
C ASN B 331 -20.70 33.45 -55.50
N ARG B 332 -21.91 33.94 -55.19
CA ARG B 332 -22.59 33.46 -54.02
C ARG B 332 -22.89 31.99 -54.14
N ASN B 333 -23.39 31.49 -55.28
CA ASN B 333 -23.68 30.10 -55.40
C ASN B 333 -23.75 29.74 -56.85
N LEU B 334 -23.76 28.43 -57.15
CA LEU B 334 -23.82 27.96 -58.50
C LEU B 334 -25.13 28.42 -59.04
N SER B 335 -26.15 28.38 -58.17
CA SER B 335 -27.50 28.71 -58.51
C SER B 335 -27.56 30.17 -58.78
N ILE B 336 -28.69 30.80 -58.44
CA ILE B 336 -28.88 32.18 -58.76
C ILE B 336 -28.19 33.03 -57.74
N SER B 337 -26.90 33.26 -57.98
CA SER B 337 -26.15 34.13 -57.14
C SER B 337 -25.39 34.98 -58.06
N GLU B 338 -24.97 36.17 -57.60
CA GLU B 338 -24.27 37.03 -58.49
C GLU B 338 -22.81 36.83 -58.32
N ASN B 339 -22.15 36.57 -59.46
CA ASN B 339 -20.75 36.29 -59.57
C ASN B 339 -20.03 37.59 -59.72
N ARG B 340 -18.77 37.65 -59.25
CA ARG B 340 -17.96 38.81 -59.51
C ARG B 340 -16.55 38.40 -59.25
N THR B 341 -15.56 39.14 -59.79
CA THR B 341 -14.22 38.66 -59.62
C THR B 341 -13.28 39.80 -59.34
N MET B 342 -12.05 39.43 -58.92
CA MET B 342 -10.94 40.32 -58.68
C MET B 342 -9.75 39.47 -59.02
N GLN B 343 -8.55 40.06 -59.19
CA GLN B 343 -7.46 39.19 -59.56
C GLN B 343 -6.28 39.51 -58.72
N LEU B 344 -5.42 38.50 -58.47
CA LEU B 344 -4.24 38.83 -57.73
C LEU B 344 -3.03 38.28 -58.42
N ALA B 345 -1.89 39.00 -58.30
CA ALA B 345 -0.67 38.52 -58.87
C ALA B 345 0.22 38.20 -57.71
N VAL B 346 0.78 36.98 -57.72
CA VAL B 346 1.66 36.60 -56.67
C VAL B 346 3.03 36.87 -57.16
N LEU B 347 3.77 37.76 -56.46
CA LEU B 347 5.11 38.04 -56.88
C LEU B 347 5.98 37.24 -55.98
N VAL B 348 6.70 36.25 -56.53
CA VAL B 348 7.52 35.40 -55.72
C VAL B 348 8.79 36.14 -55.40
N ASN B 349 9.19 36.09 -54.11
CA ASN B 349 10.39 36.74 -53.68
C ASN B 349 11.52 36.01 -54.31
N ASP B 350 12.30 36.70 -55.15
CA ASP B 350 13.41 36.04 -55.76
C ASP B 350 14.53 36.09 -54.78
N SER B 351 15.42 35.09 -54.84
CA SER B 351 16.61 35.08 -54.03
C SER B 351 17.71 34.90 -55.00
N LEU B 374 16.09 21.55 -35.05
CA LEU B 374 14.70 21.01 -34.84
C LEU B 374 14.48 20.72 -33.41
N HIS B 375 15.50 20.21 -32.71
CA HIS B 375 15.43 19.88 -31.29
C HIS B 375 16.53 20.96 -30.79
N LEU B 376 16.28 21.48 -29.59
CA LEU B 376 17.22 22.42 -29.09
C LEU B 376 18.56 21.95 -28.71
N PRO B 377 19.55 22.84 -28.92
CA PRO B 377 20.98 22.82 -28.73
C PRO B 377 21.47 22.61 -27.31
N SER B 378 22.57 21.84 -27.16
CA SER B 378 23.07 21.47 -25.86
C SER B 378 24.04 22.59 -25.28
N THR B 379 24.15 22.62 -23.96
CA THR B 379 24.97 23.60 -23.37
C THR B 379 26.35 23.23 -23.66
N TYR B 380 27.20 24.22 -23.90
CA TYR B 380 28.63 24.08 -24.30
C TYR B 380 29.44 24.23 -22.92
N SER B 381 30.35 23.27 -22.84
CA SER B 381 31.30 23.07 -21.81
C SER B 381 32.52 23.75 -21.87
N LEU B 382 32.90 24.92 -21.34
CA LEU B 382 34.49 25.12 -22.09
C LEU B 382 35.36 25.06 -20.86
N SER B 383 36.61 24.70 -21.08
CA SER B 383 37.63 24.63 -20.01
C SER B 383 38.40 25.98 -19.70
N VAL B 384 38.29 26.35 -18.42
CA VAL B 384 38.92 27.45 -17.81
C VAL B 384 40.45 27.61 -17.98
N SER B 385 40.88 28.87 -18.04
CA SER B 385 42.32 29.08 -18.25
C SER B 385 42.95 28.37 -19.52
N ARG B 386 42.10 27.89 -20.41
CA ARG B 386 42.34 27.73 -21.80
C ARG B 386 43.50 28.23 -22.62
N ARG B 387 44.68 27.62 -22.78
CA ARG B 387 45.47 28.72 -23.73
C ARG B 387 45.80 28.01 -25.06
N ALA B 388 46.31 28.90 -25.91
CA ALA B 388 46.43 28.32 -27.38
C ALA B 388 45.76 29.28 -28.37
N ARG B 389 46.51 29.61 -29.42
CA ARG B 389 46.05 30.44 -30.52
C ARG B 389 44.87 31.24 -30.13
N ARG B 390 44.82 32.55 -30.37
CA ARG B 390 43.49 33.22 -30.09
C ARG B 390 42.18 32.61 -30.27
N PHE B 391 41.54 32.77 -31.43
CA PHE B 391 40.21 32.19 -31.71
C PHE B 391 39.83 30.76 -31.56
N ALA B 392 38.98 30.49 -30.57
CA ALA B 392 38.50 29.12 -30.27
C ALA B 392 37.19 28.78 -30.85
N GLN B 393 37.17 28.27 -32.09
CA GLN B 393 35.96 27.90 -32.82
C GLN B 393 34.91 27.03 -32.15
N ILE B 394 33.85 27.58 -31.58
CA ILE B 394 32.95 26.56 -30.92
C ILE B 394 31.77 25.83 -31.40
N GLY B 395 30.88 26.53 -32.10
CA GLY B 395 29.58 25.95 -32.56
C GLY B 395 29.35 26.82 -33.93
N LYS B 396 28.56 26.10 -34.74
CA LYS B 396 28.06 26.46 -36.00
C LYS B 396 26.56 26.17 -36.41
N VAL B 397 25.86 27.25 -36.09
CA VAL B 397 24.41 27.46 -36.40
C VAL B 397 23.99 27.73 -37.85
N CYS B 398 24.88 28.35 -38.62
CA CYS B 398 24.58 28.64 -40.00
C CYS B 398 24.16 27.53 -40.94
N VAL B 399 24.80 26.37 -40.70
CA VAL B 399 24.45 25.21 -41.60
C VAL B 399 23.21 24.54 -41.09
N GLU B 400 22.72 25.04 -39.96
CA GLU B 400 21.44 24.56 -39.37
C GLU B 400 20.34 25.50 -40.01
N ASN B 401 20.53 26.80 -39.78
CA ASN B 401 19.59 27.74 -40.31
C ASN B 401 19.22 27.74 -41.82
N CYS B 402 20.34 27.81 -42.54
CA CYS B 402 20.22 27.63 -44.06
C CYS B 402 19.77 26.28 -44.38
N GLN B 403 20.08 25.37 -43.47
CA GLN B 403 19.68 23.89 -43.71
C GLN B 403 18.12 23.74 -43.56
N ALA B 404 17.61 24.37 -42.50
CA ALA B 404 16.19 24.27 -42.26
C ALA B 404 15.25 25.16 -43.17
N PHE B 405 15.73 26.40 -43.22
CA PHE B 405 14.83 27.36 -44.02
C PHE B 405 15.20 27.50 -45.47
N SER B 406 16.36 26.96 -45.85
CA SER B 406 16.80 26.95 -47.24
C SER B 406 17.03 28.36 -47.83
N GLY B 407 17.96 29.08 -47.24
CA GLY B 407 18.37 30.39 -47.58
C GLY B 407 19.73 30.88 -47.27
N ILE B 408 20.85 31.17 -47.91
CA ILE B 408 21.85 31.88 -47.23
C ILE B 408 21.81 33.41 -47.10
N ASN B 409 20.82 34.08 -47.66
CA ASN B 409 20.67 35.47 -47.54
C ASN B 409 20.18 35.91 -46.16
N VAL B 410 20.94 35.51 -45.14
CA VAL B 410 20.66 35.83 -43.76
C VAL B 410 21.95 36.07 -42.92
N GLN B 411 21.80 37.22 -42.28
CA GLN B 411 22.76 37.90 -41.36
C GLN B 411 22.68 37.59 -39.90
N TYR B 412 23.65 36.83 -39.42
CA TYR B 412 23.71 36.45 -37.99
C TYR B 412 24.37 37.27 -36.93
N LYS B 413 23.70 37.44 -35.79
CA LYS B 413 24.22 38.35 -34.74
C LYS B 413 23.89 37.42 -33.46
N LEU B 414 24.51 37.97 -32.42
CA LEU B 414 24.70 37.42 -31.08
C LEU B 414 24.62 38.43 -29.98
N HIS B 415 23.65 38.34 -29.07
CA HIS B 415 23.65 39.32 -27.97
C HIS B 415 23.23 38.88 -26.55
N SER B 416 24.01 39.48 -25.67
CA SER B 416 23.85 39.04 -24.18
C SER B 416 25.34 39.15 -23.53
N SER B 417 25.24 39.31 -22.22
CA SER B 417 26.46 39.44 -21.46
C SER B 417 28.01 39.52 -21.98
N GLY B 418 28.26 38.38 -22.61
CA GLY B 418 29.75 38.38 -23.05
C GLY B 418 29.80 39.01 -24.47
N ALA B 419 28.59 38.99 -25.05
CA ALA B 419 28.62 39.53 -26.48
C ALA B 419 27.56 40.66 -26.50
N ASN B 420 28.05 41.88 -26.74
CA ASN B 420 27.18 43.04 -26.79
C ASN B 420 26.79 43.74 -25.52
N CYS B 421 26.80 43.05 -24.39
CA CYS B 421 26.56 43.56 -23.07
C CYS B 421 27.41 42.97 -21.87
N SER B 422 28.10 43.97 -21.32
CA SER B 422 28.96 43.60 -20.13
C SER B 422 29.89 42.42 -20.22
N THR B 423 31.20 42.55 -20.16
CA THR B 423 32.21 41.73 -20.77
C THR B 423 31.07 42.00 -22.28
N LEU B 424 31.81 42.59 -23.20
CA LEU B 424 31.84 42.86 -24.39
C LEU B 424 32.02 41.95 -25.61
N GLY B 425 33.32 41.70 -25.83
CA GLY B 425 33.53 40.82 -27.11
C GLY B 425 34.10 39.44 -26.81
N VAL B 426 33.83 38.86 -25.67
CA VAL B 426 34.30 37.57 -25.29
C VAL B 426 33.87 36.50 -26.17
N VAL B 427 32.72 36.62 -26.83
CA VAL B 427 32.07 35.69 -27.74
C VAL B 427 31.72 36.48 -28.80
N THR B 428 32.04 36.04 -30.00
CA THR B 428 31.75 37.08 -31.26
C THR B 428 31.26 36.13 -32.35
N SER B 429 30.26 36.43 -33.16
CA SER B 429 29.90 35.50 -34.18
C SER B 429 30.27 35.59 -35.66
N ALA B 430 31.13 36.53 -36.03
CA ALA B 430 31.46 36.52 -37.47
C ALA B 430 31.18 37.49 -38.37
N GLU B 431 32.02 38.43 -38.78
CA GLU B 431 31.77 39.42 -39.91
C GLU B 431 31.43 38.65 -41.21
N ASP B 432 31.98 37.46 -41.44
CA ASP B 432 31.52 36.54 -42.39
C ASP B 432 30.35 35.81 -42.14
N THR B 433 29.31 35.96 -42.97
CA THR B 433 27.96 35.32 -42.92
C THR B 433 27.66 33.80 -42.77
N SER B 434 28.43 33.04 -42.00
CA SER B 434 28.25 31.67 -41.89
C SER B 434 27.93 31.10 -40.51
N GLY B 435 27.57 32.02 -39.63
CA GLY B 435 26.97 31.46 -38.32
C GLY B 435 27.86 30.55 -37.60
N ILE B 436 29.08 31.06 -37.44
CA ILE B 436 30.22 30.32 -36.69
C ILE B 436 30.30 31.26 -35.49
N LEU B 437 30.18 30.65 -34.31
CA LEU B 437 30.23 31.32 -33.02
C LEU B 437 31.54 30.78 -32.28
N PHE B 438 32.44 31.67 -31.93
CA PHE B 438 33.62 31.59 -31.34
C PHE B 438 34.04 32.37 -30.16
N VAL B 439 34.85 31.80 -29.28
CA VAL B 439 35.38 32.46 -28.09
C VAL B 439 36.58 33.38 -28.39
N ASN B 440 36.56 34.67 -28.07
CA ASN B 440 37.89 35.28 -28.51
C ASN B 440 38.89 35.30 -27.33
N ASP B 441 39.88 36.16 -27.47
CA ASP B 441 40.94 36.30 -26.49
C ASP B 441 40.70 37.20 -25.24
N THR B 442 39.71 36.78 -24.45
CA THR B 442 39.42 37.33 -23.17
C THR B 442 40.39 36.79 -22.17
N LYS B 443 41.67 36.79 -22.52
CA LYS B 443 42.77 36.23 -21.71
C LYS B 443 42.39 34.80 -21.18
N ALA B 444 41.82 34.00 -22.06
CA ALA B 444 41.52 32.64 -21.78
C ALA B 444 40.38 32.20 -20.79
N LEU B 445 39.60 33.13 -20.26
CA LEU B 445 38.59 32.83 -19.36
C LEU B 445 38.81 31.89 -18.00
N ARG B 446 38.45 32.73 -17.03
CA ARG B 446 38.39 32.61 -15.57
C ARG B 446 37.36 32.01 -15.02
N ARG B 447 37.21 30.77 -14.55
CA ARG B 447 35.87 30.29 -13.91
C ARG B 447 35.53 30.94 -12.60
N PRO B 448 36.43 31.64 -11.92
CA PRO B 448 36.30 32.39 -10.78
C PRO B 448 36.14 33.70 -11.67
N LYS B 449 34.96 34.29 -11.56
CA LYS B 449 34.77 35.56 -12.22
C LYS B 449 33.18 35.08 -12.68
N CYS B 450 33.32 34.73 -13.95
CA CYS B 450 31.96 34.30 -14.45
C CYS B 450 31.80 32.88 -14.74
N ALA B 451 31.03 32.01 -14.15
CA ALA B 451 31.01 30.62 -14.53
C ALA B 451 30.01 30.08 -15.46
N GLU B 452 29.34 30.93 -16.22
CA GLU B 452 28.27 30.70 -17.15
C GLU B 452 27.80 31.93 -17.82
N LEU B 453 27.57 31.74 -19.10
CA LEU B 453 27.23 32.86 -20.10
C LEU B 453 26.03 32.38 -20.89
N HIS B 454 25.02 33.23 -20.98
CA HIS B 454 23.80 32.90 -21.75
C HIS B 454 23.66 34.03 -22.77
N TYR B 455 23.60 33.61 -24.03
CA TYR B 455 23.68 34.37 -25.24
C TYR B 455 22.47 33.72 -26.27
N MET B 456 21.96 34.78 -26.93
CA MET B 456 20.98 34.79 -27.90
C MET B 456 21.57 35.22 -29.29
N VAL B 457 21.31 34.27 -30.19
CA VAL B 457 21.63 34.22 -31.60
C VAL B 457 20.43 34.47 -32.40
N VAL B 458 20.60 35.41 -33.33
CA VAL B 458 19.62 36.09 -34.23
C VAL B 458 19.97 35.77 -35.76
N ALA B 459 18.93 35.68 -36.58
CA ALA B 459 19.05 35.62 -37.96
C ALA B 459 18.28 36.57 -38.60
N THR B 460 18.80 37.37 -39.52
CA THR B 460 17.75 38.46 -40.13
C THR B 460 17.91 38.73 -41.50
N ASP B 461 16.90 38.39 -42.30
CA ASP B 461 16.87 38.62 -43.82
C ASP B 461 17.74 39.93 -44.43
N GLN B 462 16.84 40.88 -44.24
CA GLN B 462 17.55 42.26 -44.72
C GLN B 462 16.60 43.00 -43.73
N GLN B 463 17.07 43.24 -42.50
CA GLN B 463 16.35 43.98 -41.55
C GLN B 463 15.42 43.09 -40.69
N THR B 464 14.62 42.28 -41.39
CA THR B 464 13.63 41.48 -40.66
C THR B 464 13.93 40.15 -40.08
N SER B 465 13.60 39.88 -38.82
CA SER B 465 13.87 38.57 -38.22
C SER B 465 13.05 37.36 -38.73
N ARG B 466 13.70 36.59 -39.63
CA ARG B 466 13.20 35.40 -40.21
C ARG B 466 12.97 34.29 -39.27
N GLN B 467 13.84 34.06 -38.29
CA GLN B 467 13.79 33.09 -37.26
C GLN B 467 13.43 33.57 -35.82
N ALA B 468 13.16 32.66 -34.89
CA ALA B 468 13.03 33.18 -33.54
C ALA B 468 14.44 33.13 -33.15
N GLN B 469 14.83 33.93 -32.16
CA GLN B 469 16.16 33.92 -31.51
C GLN B 469 16.53 32.64 -30.67
N ALA B 470 17.68 32.01 -30.91
CA ALA B 470 17.92 30.87 -30.08
C ALA B 470 18.64 31.21 -28.88
N GLN B 471 18.61 30.39 -27.84
CA GLN B 471 19.39 30.68 -26.58
C GLN B 471 20.66 29.70 -26.58
N LEU B 472 21.84 30.29 -26.46
CA LEU B 472 23.00 29.53 -26.33
C LEU B 472 23.50 29.67 -24.86
N LEU B 473 23.93 28.53 -24.31
CA LEU B 473 24.49 28.44 -23.01
C LEU B 473 25.84 27.97 -22.97
N VAL B 474 26.78 28.74 -22.46
CA VAL B 474 28.25 28.27 -22.41
C VAL B 474 28.63 28.14 -20.92
N THR B 475 29.00 26.93 -20.52
CA THR B 475 29.44 26.67 -19.19
C THR B 475 31.02 26.44 -19.46
N VAL B 476 31.63 27.05 -18.45
CA VAL B 476 33.04 27.20 -18.10
C VAL B 476 33.99 26.20 -17.37
N GLU B 477 33.49 24.98 -17.12
CA GLU B 477 34.41 24.03 -16.52
C GLU B 477 34.71 22.82 -17.28
N GLY B 478 35.44 21.85 -16.74
CA GLY B 478 35.95 20.65 -17.31
C GLY B 478 34.96 19.38 -17.36
N SER B 479 35.51 18.36 -17.97
CA SER B 479 34.82 17.11 -18.13
C SER B 479 33.61 17.12 -19.05
N TYR B 480 32.50 16.93 -18.31
CA TYR B 480 31.17 17.10 -19.17
C TYR B 480 29.95 16.67 -18.06
N ASP C 25 18.07 -20.93 -8.61
CA ASP C 25 17.78 -21.52 -9.87
C ASP C 25 18.38 -22.87 -9.96
N ARG C 26 19.67 -23.01 -9.62
CA ARG C 26 20.25 -24.31 -9.70
C ARG C 26 20.36 -24.79 -8.29
N LEU C 27 19.46 -25.71 -7.91
CA LEU C 27 19.41 -26.21 -6.56
C LEU C 27 20.64 -27.01 -6.26
N ASP C 28 21.09 -27.87 -7.22
CA ASP C 28 22.26 -28.69 -7.11
C ASP C 28 21.83 -30.03 -6.62
N CYS C 29 22.33 -30.44 -5.44
CA CYS C 29 22.06 -31.77 -4.97
C CYS C 29 20.58 -31.96 -4.77
N VAL C 30 19.90 -30.96 -4.16
CA VAL C 30 18.50 -31.11 -3.88
C VAL C 30 17.72 -31.20 -5.15
N LYS C 31 18.09 -30.40 -6.17
CA LYS C 31 17.34 -30.46 -7.39
C LYS C 31 17.47 -31.83 -7.99
N ALA C 32 18.68 -32.40 -7.94
CA ALA C 32 18.89 -33.69 -8.54
C ALA C 32 18.04 -34.73 -7.89
N SER C 33 17.92 -34.71 -6.56
CA SER C 33 17.14 -35.69 -5.86
C SER C 33 15.72 -35.55 -6.29
N ASP C 34 15.28 -34.31 -6.59
CA ASP C 34 13.93 -34.08 -7.01
C ASP C 34 13.72 -34.77 -8.31
N GLN C 35 14.74 -34.75 -9.18
CA GLN C 35 14.66 -35.40 -10.46
C GLN C 35 14.54 -36.87 -10.23
N CYS C 36 15.29 -37.39 -9.26
CA CYS C 36 15.27 -38.79 -8.94
C CYS C 36 13.88 -39.15 -8.49
N LEU C 37 13.25 -38.29 -7.69
CA LEU C 37 11.98 -38.59 -7.11
C LEU C 37 10.96 -38.77 -8.19
N LYS C 38 11.13 -38.06 -9.32
CA LYS C 38 10.16 -38.09 -10.38
C LYS C 38 9.98 -39.49 -10.88
N GLU C 39 11.07 -40.28 -11.03
CA GLU C 39 10.91 -41.61 -11.57
C GLU C 39 10.87 -42.61 -10.45
N GLN C 40 9.98 -43.62 -10.59
CA GLN C 40 9.75 -44.61 -9.58
C GLN C 40 10.99 -45.44 -9.35
N SER C 41 11.70 -45.82 -10.43
CA SER C 41 12.84 -46.69 -10.30
C SER C 41 13.89 -46.03 -9.47
N CYS C 42 14.19 -44.76 -9.76
CA CYS C 42 15.24 -44.06 -9.09
C CYS C 42 14.89 -43.91 -7.63
N SER C 43 13.62 -43.58 -7.33
CA SER C 43 13.24 -43.36 -5.97
C SER C 43 13.50 -44.61 -5.17
N THR C 44 13.16 -45.79 -5.74
CA THR C 44 13.31 -47.03 -5.04
C THR C 44 14.75 -47.31 -4.77
N LYS C 45 15.63 -47.04 -5.75
CA LYS C 45 17.02 -47.32 -5.59
C LYS C 45 17.57 -46.47 -4.49
N TYR C 46 17.13 -45.21 -4.41
CA TYR C 46 17.59 -44.30 -3.39
C TYR C 46 17.15 -44.81 -2.06
N ARG C 47 15.91 -45.32 -1.97
CA ARG C 47 15.41 -45.78 -0.72
C ARG C 47 16.29 -46.90 -0.23
N THR C 48 16.66 -47.83 -1.12
CA THR C 48 17.45 -48.95 -0.69
C THR C 48 18.78 -48.49 -0.18
N LEU C 49 19.39 -47.49 -0.85
CA LEU C 49 20.69 -47.03 -0.42
C LEU C 49 20.58 -46.47 0.97
N ARG C 50 19.52 -45.67 1.24
CA ARG C 50 19.38 -45.10 2.54
C ARG C 50 19.17 -46.17 3.57
N GLN C 51 18.39 -47.21 3.26
CA GLN C 51 18.15 -48.23 4.24
C GLN C 51 19.39 -49.01 4.56
N CYS C 52 20.13 -49.46 3.53
CA CYS C 52 21.29 -50.30 3.69
C CYS C 52 22.53 -49.59 4.15
N VAL C 53 22.80 -48.33 3.70
CA VAL C 53 24.10 -47.76 3.95
C VAL C 53 24.11 -46.71 5.04
N ALA C 54 25.11 -46.77 5.93
CA ALA C 54 25.09 -45.82 7.01
C ALA C 54 25.22 -44.42 6.48
N GLY C 55 26.04 -44.22 5.44
CA GLY C 55 26.23 -42.86 5.00
C GLY C 55 26.95 -42.20 6.13
N LYS C 56 26.58 -40.95 6.45
CA LYS C 56 27.25 -40.30 7.55
C LYS C 56 26.24 -40.10 8.64
N GLU C 57 25.24 -40.99 8.73
CA GLU C 57 24.21 -40.89 9.73
C GLU C 57 24.77 -41.24 11.08
N THR C 58 25.73 -42.19 11.14
CA THR C 58 26.24 -42.63 12.41
C THR C 58 27.66 -42.16 12.52
N ASN C 59 28.26 -42.32 13.71
CA ASN C 59 29.62 -41.93 13.88
C ASN C 59 30.42 -42.83 13.00
N PHE C 60 31.51 -42.29 12.44
CA PHE C 60 32.31 -43.05 11.50
C PHE C 60 32.86 -44.24 12.20
N SER C 61 33.30 -44.06 13.47
CA SER C 61 33.88 -45.14 14.19
C SER C 61 32.87 -46.24 14.22
N LEU C 62 31.60 -45.88 14.44
CA LEU C 62 30.59 -46.87 14.52
C LEU C 62 30.44 -47.56 13.20
N THR C 63 30.51 -46.77 12.10
CA THR C 63 30.19 -47.10 10.73
C THR C 63 29.71 -48.50 10.58
N SER C 64 28.64 -48.80 11.33
CA SER C 64 28.10 -50.12 11.30
C SER C 64 26.93 -49.93 10.45
N GLY C 65 26.81 -50.75 9.40
CA GLY C 65 25.73 -50.57 8.49
C GLY C 65 24.48 -51.01 9.16
N LEU C 66 23.35 -50.45 8.70
CA LEU C 66 22.07 -50.75 9.28
C LEU C 66 21.82 -52.21 9.11
N GLU C 67 22.25 -52.79 7.98
CA GLU C 67 22.03 -54.18 7.74
C GLU C 67 23.37 -54.84 7.74
N ALA C 68 23.94 -55.07 6.54
CA ALA C 68 25.23 -55.68 6.41
C ALA C 68 25.94 -54.96 5.32
N LYS C 69 27.29 -55.06 5.29
CA LYS C 69 28.10 -54.37 4.33
C LYS C 69 27.76 -54.79 2.93
N ASP C 70 27.52 -56.10 2.71
CA ASP C 70 27.28 -56.56 1.38
C ASP C 70 26.05 -55.91 0.83
N GLU C 71 25.01 -55.75 1.68
CA GLU C 71 23.77 -55.19 1.24
C GLU C 71 23.99 -53.74 0.87
N CYS C 72 24.83 -53.01 1.63
CA CYS C 72 25.03 -51.63 1.33
C CYS C 72 25.70 -51.50 0.00
N ARG C 73 26.67 -52.39 -0.31
CA ARG C 73 27.41 -52.31 -1.54
C ARG C 73 26.47 -52.46 -2.69
N SER C 74 25.53 -53.43 -2.59
CA SER C 74 24.63 -53.69 -3.68
C SER C 74 23.75 -52.50 -3.90
N ALA C 75 23.28 -51.86 -2.82
CA ALA C 75 22.41 -50.72 -2.90
C ALA C 75 23.13 -49.59 -3.55
N MET C 76 24.42 -49.40 -3.21
CA MET C 76 25.21 -48.32 -3.75
C MET C 76 25.32 -48.49 -5.23
N GLU C 77 25.65 -49.73 -5.67
CA GLU C 77 25.87 -50.03 -7.05
C GLU C 77 24.59 -49.81 -7.80
N ALA C 78 23.46 -50.06 -7.12
CA ALA C 78 22.12 -49.98 -7.66
C ALA C 78 21.84 -48.59 -8.16
N LEU C 79 22.49 -47.57 -7.59
CA LEU C 79 22.30 -46.19 -7.98
C LEU C 79 22.85 -45.91 -9.35
N LYS C 80 23.90 -46.65 -9.78
CA LYS C 80 24.51 -46.37 -11.05
C LYS C 80 23.49 -46.44 -12.15
N GLN C 81 23.61 -45.50 -13.11
CA GLN C 81 22.72 -45.38 -14.22
C GLN C 81 21.40 -44.74 -13.84
N LYS C 82 21.31 -44.17 -12.63
CA LYS C 82 20.13 -43.44 -12.25
C LYS C 82 20.55 -42.01 -12.20
N SER C 83 19.57 -41.10 -11.98
CA SER C 83 19.89 -39.71 -11.90
C SER C 83 20.74 -39.53 -10.68
N LEU C 84 20.60 -40.46 -9.71
CA LEU C 84 21.21 -40.31 -8.43
C LEU C 84 22.62 -40.76 -8.28
N TYR C 85 23.24 -39.92 -7.49
CA TYR C 85 24.53 -39.68 -6.97
C TYR C 85 24.65 -38.31 -7.55
N ASN C 86 24.80 -37.30 -6.69
CA ASN C 86 24.88 -35.98 -7.24
C ASN C 86 25.92 -35.33 -6.41
N CYS C 87 26.47 -34.19 -6.88
CA CYS C 87 27.39 -33.47 -6.06
C CYS C 87 26.57 -32.37 -5.46
N ARG C 88 26.87 -32.01 -4.19
CA ARG C 88 26.07 -31.00 -3.56
C ARG C 88 26.74 -29.68 -3.77
N CYS C 89 26.01 -28.69 -4.31
CA CYS C 89 26.62 -27.41 -4.48
C CYS C 89 26.07 -26.46 -3.48
N LYS C 90 26.80 -25.35 -3.29
CA LYS C 90 26.53 -24.32 -2.32
C LYS C 90 25.24 -23.61 -2.60
N ARG C 91 24.87 -23.51 -3.88
CA ARG C 91 23.81 -22.69 -4.39
C ARG C 91 22.58 -22.92 -3.57
N GLY C 92 22.40 -24.07 -2.91
CA GLY C 92 21.23 -24.19 -2.05
C GLY C 92 21.40 -23.25 -0.90
N MET C 93 21.00 -21.97 -1.07
CA MET C 93 21.30 -21.03 -0.03
C MET C 93 20.62 -21.29 1.29
N LYS C 94 19.28 -21.28 1.31
CA LYS C 94 18.52 -21.39 2.53
C LYS C 94 18.70 -22.75 3.10
N LYS C 95 18.73 -23.78 2.22
CA LYS C 95 18.75 -25.12 2.73
C LYS C 95 20.10 -25.75 2.54
N GLU C 96 21.16 -25.10 3.04
CA GLU C 96 22.45 -25.67 2.87
C GLU C 96 22.51 -26.96 3.62
N LYS C 97 21.96 -26.98 4.84
CA LYS C 97 22.08 -28.13 5.69
C LYS C 97 21.40 -29.30 5.04
N ASN C 98 20.20 -29.08 4.49
CA ASN C 98 19.52 -30.21 3.90
C ASN C 98 20.36 -30.74 2.78
N CYS C 99 20.96 -29.85 1.98
CA CYS C 99 21.74 -30.33 0.87
C CYS C 99 22.89 -31.13 1.37
N LEU C 100 23.54 -30.64 2.44
CA LEU C 100 24.73 -31.21 2.99
C LEU C 100 24.46 -32.57 3.54
N ARG C 101 23.26 -32.80 4.13
CA ARG C 101 22.89 -34.08 4.69
C ARG C 101 22.88 -35.08 3.60
N ILE C 102 22.21 -34.72 2.49
CA ILE C 102 22.24 -35.49 1.27
C ILE C 102 23.64 -35.19 0.82
N TYR C 103 24.21 -35.88 -0.14
CA TYR C 103 25.55 -35.55 -0.58
C TYR C 103 26.60 -36.05 0.40
N TRP C 104 26.46 -35.79 1.72
CA TRP C 104 27.39 -36.31 2.68
C TRP C 104 27.12 -37.75 2.88
N SER C 105 25.86 -38.16 2.66
CA SER C 105 25.54 -39.55 2.83
C SER C 105 26.44 -40.32 1.92
N MET C 106 26.55 -39.89 0.66
CA MET C 106 27.45 -40.54 -0.24
C MET C 106 28.88 -40.19 0.04
N TYR C 107 29.13 -38.89 0.26
CA TYR C 107 30.48 -38.46 0.23
C TYR C 107 31.27 -38.99 1.37
N GLN C 108 30.82 -38.76 2.65
CA GLN C 108 31.72 -39.02 3.75
C GLN C 108 31.53 -38.12 4.90
N SER C 109 32.75 -37.69 5.29
CA SER C 109 33.20 -36.57 6.04
C SER C 109 34.52 -37.00 6.63
N LYS C 145 34.87 0.41 39.25
CA LYS C 145 35.39 -0.69 38.40
C LYS C 145 36.01 -0.17 37.10
N GLY C 146 37.27 -0.55 36.87
CA GLY C 146 37.86 -0.52 35.54
C GLY C 146 38.13 -1.97 35.20
N ASN C 147 37.93 -2.34 33.92
CA ASN C 147 38.25 -3.70 33.44
C ASN C 147 38.16 -3.85 31.92
N ASN C 148 38.67 -4.97 31.41
CA ASN C 148 38.72 -5.21 29.97
C ASN C 148 37.38 -5.51 29.32
N CYS C 149 36.45 -6.09 30.08
CA CYS C 149 35.08 -6.28 29.59
C CYS C 149 34.33 -4.94 29.56
N LEU C 150 34.76 -4.00 30.40
CA LEU C 150 34.20 -2.65 30.40
C LEU C 150 34.69 -1.84 29.20
N ASP C 151 35.99 -1.95 28.91
CA ASP C 151 36.59 -1.35 27.69
C ASP C 151 35.90 -1.80 26.39
N ALA C 152 35.46 -3.05 26.37
CA ALA C 152 34.71 -3.60 25.25
C ALA C 152 33.34 -2.94 25.12
N ALA C 153 32.58 -2.95 26.23
CA ALA C 153 31.29 -2.25 26.30
C ALA C 153 31.38 -0.77 25.93
N LYS C 154 32.51 -0.14 26.26
CA LYS C 154 32.78 1.24 25.88
C LYS C 154 33.01 1.36 24.38
N ALA C 155 33.93 0.53 23.86
CA ALA C 155 34.26 0.53 22.45
C ALA C 155 33.04 0.21 21.60
N CYS C 156 32.18 -0.68 22.08
CA CYS C 156 30.97 -1.06 21.34
C CYS C 156 30.03 0.14 21.17
N ASN C 157 29.59 0.72 22.28
CA ASN C 157 28.71 1.89 22.27
C ASN C 157 29.24 3.10 21.50
N LEU C 158 30.56 3.28 21.47
CA LEU C 158 31.19 4.40 20.74
C LEU C 158 31.34 4.14 19.24
N ASP C 159 30.74 3.04 18.79
CA ASP C 159 30.78 2.61 17.38
C ASP C 159 29.35 2.44 16.85
N ASP C 160 29.11 2.96 15.65
CA ASP C 160 27.76 3.00 15.08
C ASP C 160 27.16 1.61 14.80
N THR C 161 27.98 0.71 14.25
CA THR C 161 27.53 -0.63 13.93
C THR C 161 27.26 -1.45 15.20
N CYS C 162 28.18 -1.41 16.16
CA CYS C 162 28.07 -2.22 17.38
C CYS C 162 26.98 -1.76 18.32
N LYS C 163 26.93 -0.45 18.59
CA LYS C 163 25.87 0.14 19.42
C LYS C 163 24.50 -0.20 18.86
N LYS C 164 24.36 -0.04 17.54
CA LYS C 164 23.15 -0.39 16.82
C LYS C 164 22.79 -1.86 17.03
N TYR C 165 23.74 -2.77 16.83
CA TYR C 165 23.47 -4.20 16.93
C TYR C 165 23.48 -4.75 18.36
N ARG C 166 24.14 -4.07 19.29
CA ARG C 166 24.09 -4.47 20.71
C ARG C 166 22.69 -4.28 21.27
N SER C 167 22.09 -3.12 21.00
CA SER C 167 20.74 -2.84 21.51
C SER C 167 19.66 -3.59 20.75
N ALA C 168 19.92 -3.88 19.47
CA ALA C 168 19.01 -4.68 18.63
C ALA C 168 18.79 -6.07 19.20
N TYR C 169 19.70 -6.50 20.07
CA TYR C 169 19.58 -7.81 20.71
C TYR C 169 19.20 -7.75 22.18
N ILE C 170 19.68 -6.72 22.88
CA ILE C 170 19.26 -6.46 24.25
C ILE C 170 17.75 -6.20 24.34
N THR C 171 17.22 -5.50 23.34
CA THR C 171 15.77 -5.20 23.28
C THR C 171 14.87 -6.44 23.49
N PRO C 172 14.97 -7.47 22.61
CA PRO C 172 14.11 -8.64 22.82
C PRO C 172 14.57 -9.60 23.93
N CYS C 173 15.86 -9.60 24.26
CA CYS C 173 16.43 -10.51 25.26
C CYS C 173 16.12 -10.15 26.72
N THR C 174 15.71 -8.91 26.97
CA THR C 174 15.38 -8.48 28.33
C THR C 174 13.88 -8.33 28.51
N THR C 175 13.44 -8.33 29.76
CA THR C 175 12.02 -8.14 30.10
C THR C 175 11.84 -6.87 30.93
N SER C 176 10.68 -6.23 30.80
CA SER C 176 10.41 -4.96 31.48
C SER C 176 10.08 -5.14 32.96
N MET C 177 9.40 -6.24 33.29
CA MET C 177 8.90 -6.48 34.64
C MET C 177 9.27 -7.87 35.18
N SER C 178 9.35 -7.97 36.50
CA SER C 178 9.86 -9.16 37.22
C SER C 178 9.42 -10.52 36.66
N ASN C 179 8.12 -10.82 36.77
CA ASN C 179 7.58 -12.09 36.29
C ASN C 179 6.90 -12.04 34.91
N GLU C 180 7.51 -11.27 34.01
CA GLU C 180 7.26 -11.40 32.57
C GLU C 180 8.31 -12.35 32.02
N VAL C 181 8.20 -12.70 30.74
CA VAL C 181 9.20 -13.57 30.12
C VAL C 181 9.52 -13.14 28.69
N CYS C 182 10.79 -13.22 28.32
CA CYS C 182 11.28 -12.80 27.02
C CYS C 182 10.78 -13.76 25.93
N ASN C 183 10.78 -13.25 24.69
CA ASN C 183 10.63 -14.11 23.52
C ASN C 183 12.00 -14.68 23.20
N ARG C 184 12.14 -16.00 23.37
CA ARG C 184 13.44 -16.64 23.18
C ARG C 184 13.93 -16.62 21.71
N ARG C 185 13.03 -16.87 20.77
CA ARG C 185 13.39 -16.90 19.34
C ARG C 185 13.80 -15.54 18.78
N LYS C 186 13.13 -14.47 19.22
CA LYS C 186 13.53 -13.10 18.89
C LYS C 186 14.90 -12.77 19.49
N CYS C 187 15.11 -13.19 20.74
CA CYS C 187 16.38 -12.98 21.42
C CYS C 187 17.52 -13.77 20.78
N HIS C 188 17.23 -14.99 20.34
CA HIS C 188 18.21 -15.86 19.69
C HIS C 188 18.58 -15.33 18.31
N LYS C 189 17.57 -14.90 17.55
CA LYS C 189 17.79 -14.42 16.18
C LYS C 189 18.68 -13.19 16.20
N ALA C 190 18.34 -12.24 17.06
CA ALA C 190 19.10 -11.01 17.25
C ALA C 190 20.53 -11.26 17.74
N LEU C 191 20.71 -12.31 18.53
CA LEU C 191 22.03 -12.74 18.98
C LEU C 191 22.88 -13.18 17.80
N ARG C 192 22.32 -14.05 16.95
CA ARG C 192 22.98 -14.49 15.73
C ARG C 192 23.28 -13.31 14.83
N GLN C 193 22.35 -12.35 14.76
CA GLN C 193 22.58 -11.13 13.96
C GLN C 193 23.81 -10.39 14.47
N PHE C 194 23.92 -10.26 15.80
CA PHE C 194 25.00 -9.53 16.43
C PHE C 194 26.39 -10.04 16.03
N PHE C 195 26.60 -11.36 16.12
CA PHE C 195 27.91 -11.94 15.81
C PHE C 195 28.13 -12.09 14.31
N ASP C 196 27.04 -12.01 13.54
CA ASP C 196 27.13 -12.03 12.08
C ASP C 196 27.50 -10.69 11.47
N LYS C 197 27.04 -9.60 12.09
CA LYS C 197 27.17 -8.26 11.51
C LYS C 197 28.26 -7.39 12.12
N VAL C 198 28.63 -7.66 13.37
CA VAL C 198 29.68 -6.88 14.04
C VAL C 198 31.03 -7.59 13.92
N PRO C 199 32.02 -6.91 13.34
CA PRO C 199 33.37 -7.46 13.19
C PRO C 199 33.89 -8.12 14.46
N ALA C 200 34.70 -9.16 14.29
CA ALA C 200 35.32 -9.90 15.40
C ALA C 200 35.84 -8.97 16.49
N LYS C 201 36.51 -7.90 16.07
CA LYS C 201 37.10 -6.90 16.97
C LYS C 201 36.20 -6.52 18.15
N HIS C 202 35.02 -5.97 17.85
CA HIS C 202 34.08 -5.53 18.90
C HIS C 202 33.23 -6.66 19.47
N SER C 203 32.85 -7.62 18.61
CA SER C 203 32.00 -8.72 19.03
C SER C 203 32.70 -9.70 19.97
N TYR C 204 34.00 -9.91 19.75
CA TYR C 204 34.79 -10.84 20.55
C TYR C 204 35.24 -10.24 21.88
N GLY C 205 35.48 -8.93 21.87
CA GLY C 205 35.87 -8.19 23.06
C GLY C 205 34.84 -8.31 24.18
N MET C 206 33.57 -8.35 23.78
CA MET C 206 32.45 -8.52 24.71
C MET C 206 32.51 -9.90 25.35
N LEU C 207 32.66 -10.92 24.51
CA LEU C 207 32.51 -12.32 24.92
C LEU C 207 33.77 -12.96 25.50
N PHE C 208 34.93 -12.59 24.97
CA PHE C 208 36.17 -13.28 25.30
C PHE C 208 37.18 -12.40 26.05
N CYS C 209 36.69 -11.42 26.80
CA CYS C 209 37.57 -10.50 27.53
C CYS C 209 38.22 -11.14 28.76
N SER C 210 39.51 -10.85 28.96
CA SER C 210 40.20 -11.30 30.16
C SER C 210 39.76 -10.49 31.35
N CYS C 211 39.78 -11.12 32.53
CA CYS C 211 39.28 -10.51 33.77
C CYS C 211 40.25 -10.75 34.91
N ARG C 212 40.14 -9.92 35.95
CA ARG C 212 40.94 -10.07 37.16
C ARG C 212 40.06 -10.18 38.41
N ASP C 213 38.80 -9.76 38.27
CA ASP C 213 37.88 -9.76 39.40
C ASP C 213 36.43 -10.13 39.02
N ILE C 214 35.59 -10.35 40.03
CA ILE C 214 34.21 -10.78 39.80
C ILE C 214 33.31 -9.76 39.10
N ALA C 215 33.55 -8.47 39.32
CA ALA C 215 32.81 -7.45 38.59
C ALA C 215 32.99 -7.64 37.08
N CYS C 216 34.22 -7.98 36.69
CA CYS C 216 34.51 -8.29 35.29
C CYS C 216 33.86 -9.60 34.81
N THR C 217 33.95 -10.65 35.62
CA THR C 217 33.42 -11.97 35.23
C THR C 217 31.90 -12.00 35.18
N GLU C 218 31.27 -11.34 36.16
CA GLU C 218 29.82 -11.22 36.21
C GLU C 218 29.30 -10.44 35.01
N ARG C 219 30.05 -9.42 34.58
CA ARG C 219 29.72 -8.68 33.36
C ARG C 219 29.82 -9.57 32.13
N ARG C 220 30.95 -10.27 31.99
CA ARG C 220 31.24 -11.14 30.85
C ARG C 220 30.17 -12.21 30.66
N ARG C 221 29.81 -12.89 31.75
CA ARG C 221 28.80 -13.95 31.73
C ARG C 221 27.40 -13.45 31.33
N GLN C 222 27.19 -12.14 31.45
CA GLN C 222 25.90 -11.52 31.16
C GLN C 222 25.74 -11.10 29.69
N THR C 223 26.86 -11.05 28.96
CA THR C 223 26.86 -10.64 27.55
C THR C 223 25.66 -11.18 26.77
N ILE C 224 25.41 -12.49 26.87
CA ILE C 224 24.34 -13.14 26.08
C ILE C 224 22.96 -13.10 26.72
N VAL C 225 22.83 -12.38 27.84
CA VAL C 225 21.57 -12.30 28.58
C VAL C 225 21.08 -13.72 28.90
N PRO C 226 21.88 -14.48 29.70
CA PRO C 226 21.64 -15.90 29.95
C PRO C 226 20.22 -16.21 30.43
N VAL C 227 19.71 -15.39 31.34
CA VAL C 227 18.36 -15.58 31.89
C VAL C 227 17.34 -15.89 30.79
N CYS C 228 17.45 -15.16 29.68
CA CYS C 228 16.55 -15.33 28.55
C CYS C 228 17.05 -16.36 27.54
N SER C 229 18.34 -16.32 27.23
CA SER C 229 18.88 -17.05 26.09
C SER C 229 19.52 -18.39 26.42
N TYR C 230 19.86 -18.61 27.68
CA TYR C 230 20.63 -19.78 28.09
C TYR C 230 19.81 -20.69 28.99
N GLU C 231 19.34 -20.14 30.10
CA GLU C 231 18.65 -20.91 31.12
C GLU C 231 17.25 -21.35 30.72
N GLU C 232 16.85 -22.48 31.27
CA GLU C 232 15.55 -23.10 31.05
C GLU C 232 15.20 -23.86 32.33
N ARG C 233 13.92 -24.07 32.58
CA ARG C 233 13.43 -24.71 33.82
C ARG C 233 14.08 -26.07 34.08
N GLU C 234 13.94 -26.97 33.12
CA GLU C 234 14.56 -28.29 33.19
C GLU C 234 15.84 -28.33 32.37
N ARG C 235 16.85 -28.99 32.93
CA ARG C 235 18.09 -29.23 32.22
C ARG C 235 18.04 -30.62 31.59
N PRO C 236 17.99 -30.70 30.23
CA PRO C 236 17.94 -31.99 29.56
C PRO C 236 19.29 -32.72 29.51
N ASN C 237 19.27 -33.96 29.05
CA ASN C 237 20.47 -34.75 28.80
C ASN C 237 21.18 -34.25 27.55
N CYS C 238 22.50 -34.24 27.60
CA CYS C 238 23.32 -33.60 26.56
C CYS C 238 23.25 -34.24 25.19
N LEU C 239 23.18 -35.58 25.17
CA LEU C 239 23.08 -36.36 23.94
C LEU C 239 21.72 -36.25 23.26
N SER C 240 20.68 -35.99 24.04
CA SER C 240 19.34 -35.84 23.48
C SER C 240 19.23 -34.48 22.80
N LEU C 241 19.86 -33.47 23.42
CA LEU C 241 19.86 -32.10 22.90
C LEU C 241 20.74 -31.99 21.65
N GLN C 242 21.83 -32.75 21.64
CA GLN C 242 22.62 -32.94 20.42
C GLN C 242 21.69 -33.41 19.30
N ASP C 243 20.94 -34.48 19.56
CA ASP C 243 19.93 -34.98 18.61
C ASP C 243 19.01 -33.86 18.15
N SER C 244 18.47 -33.11 19.12
CA SER C 244 17.55 -32.01 18.87
C SER C 244 18.20 -30.83 18.12
N CYS C 245 19.51 -30.64 18.34
CA CYS C 245 20.29 -29.65 17.61
C CYS C 245 20.48 -30.05 16.15
N LYS C 246 20.76 -31.35 15.94
CA LYS C 246 20.99 -31.91 14.60
C LYS C 246 19.75 -31.94 13.69
N THR C 247 18.57 -31.81 14.28
CA THR C 247 17.33 -31.71 13.50
C THR C 247 17.23 -30.37 12.77
N ASN C 248 17.58 -29.29 13.46
CA ASN C 248 17.53 -27.93 12.94
C ASN C 248 18.71 -27.70 12.00
N TYR C 249 18.50 -27.01 10.89
CA TYR C 249 19.60 -26.75 9.97
C TYR C 249 20.68 -25.86 10.56
N ILE C 250 20.26 -24.80 11.27
CA ILE C 250 21.20 -23.82 11.80
C ILE C 250 22.15 -24.41 12.86
N CYS C 251 21.58 -25.13 13.82
CA CYS C 251 22.36 -25.68 14.93
C CYS C 251 23.33 -26.78 14.47
N ARG C 252 22.84 -27.66 13.61
CA ARG C 252 23.63 -28.78 13.07
C ARG C 252 24.84 -28.28 12.28
N SER C 253 24.65 -27.15 11.59
CA SER C 253 25.70 -26.49 10.84
C SER C 253 26.72 -25.84 11.78
N ARG C 254 26.24 -25.22 12.85
CA ARG C 254 27.10 -24.50 13.78
C ARG C 254 27.77 -25.45 14.79
N LEU C 255 27.09 -26.55 15.12
CA LEU C 255 27.66 -27.56 16.01
C LEU C 255 28.82 -28.32 15.36
N ALA C 256 28.72 -28.56 14.07
CA ALA C 256 29.73 -29.35 13.35
C ALA C 256 31.02 -28.56 13.15
N ASP C 257 30.89 -27.27 12.86
CA ASP C 257 32.04 -26.37 12.78
C ASP C 257 32.74 -26.27 14.12
N PHE C 258 31.96 -26.26 15.21
CA PHE C 258 32.54 -26.25 16.54
C PHE C 258 33.41 -27.48 16.74
N PHE C 259 32.82 -28.66 16.51
CA PHE C 259 33.56 -29.92 16.65
C PHE C 259 34.75 -30.02 15.72
N THR C 260 34.66 -29.42 14.54
CA THR C 260 35.77 -29.38 13.60
C THR C 260 36.88 -28.42 14.03
N ASN C 261 36.51 -27.15 14.23
CA ASN C 261 37.49 -26.09 14.54
C ASN C 261 38.13 -26.18 15.92
N CYS C 262 37.40 -26.67 16.91
CA CYS C 262 37.93 -26.73 18.27
C CYS C 262 38.43 -28.12 18.71
N GLN C 263 38.80 -28.95 17.74
CA GLN C 263 39.35 -30.28 18.05
C GLN C 263 40.87 -30.24 18.26
N PRO C 264 41.40 -31.15 19.11
CA PRO C 264 42.83 -31.39 19.36
C PRO C 264 43.72 -31.45 18.12
N GLU C 265 45.04 -31.34 18.36
CA GLU C 265 46.08 -31.23 17.33
C GLU C 265 46.09 -32.32 16.23
N SER C 266 45.47 -33.47 16.50
CA SER C 266 45.43 -34.62 15.58
C SER C 266 46.75 -35.37 15.54
N ARG C 267 47.60 -35.06 16.51
CA ARG C 267 48.63 -35.96 17.00
C ARG C 267 48.02 -36.60 18.25
N SER C 268 48.84 -37.25 19.07
CA SER C 268 48.33 -37.91 20.28
C SER C 268 48.31 -36.98 21.50
N VAL C 269 48.29 -35.66 21.25
CA VAL C 269 48.17 -34.66 22.31
C VAL C 269 46.77 -34.03 22.34
N SER C 270 46.29 -33.72 23.55
CA SER C 270 44.94 -33.19 23.73
C SER C 270 44.93 -31.66 23.86
N ASN C 271 45.57 -31.00 22.88
CA ASN C 271 45.68 -29.54 22.79
C ASN C 271 45.73 -29.18 21.30
N CYS C 272 45.26 -27.97 20.95
CA CYS C 272 45.34 -27.50 19.55
C CYS C 272 46.42 -26.43 19.33
N LEU C 273 46.57 -25.99 18.09
CA LEU C 273 47.62 -25.04 17.73
C LEU C 273 47.09 -23.61 17.63
N LYS C 274 48.01 -22.65 17.60
CA LYS C 274 47.66 -21.22 17.54
C LYS C 274 46.97 -20.81 16.25
N GLU C 275 47.30 -21.48 15.14
CA GLU C 275 46.70 -21.20 13.84
C GLU C 275 45.25 -21.69 13.76
N ASN C 276 44.82 -22.43 14.78
CA ASN C 276 43.46 -22.94 14.84
C ASN C 276 42.56 -21.99 15.66
N TYR C 277 43.17 -21.02 16.32
CA TYR C 277 42.51 -20.20 17.36
C TYR C 277 41.30 -19.41 16.87
N ALA C 278 41.46 -18.67 15.77
CA ALA C 278 40.42 -17.79 15.25
C ALA C 278 39.17 -18.57 14.82
N ASP C 279 39.42 -19.68 14.11
CA ASP C 279 38.35 -20.55 13.61
C ASP C 279 37.56 -21.19 14.75
N CYS C 280 38.22 -21.45 15.87
CA CYS C 280 37.55 -22.01 17.04
C CYS C 280 36.57 -21.02 17.68
N LEU C 281 37.03 -19.77 17.87
CA LEU C 281 36.22 -18.74 18.51
C LEU C 281 35.00 -18.36 17.68
N LEU C 282 35.19 -18.29 16.36
CA LEU C 282 34.11 -18.10 15.40
C LEU C 282 33.08 -19.25 15.49
N ALA C 283 33.58 -20.47 15.58
CA ALA C 283 32.70 -21.65 15.63
C ALA C 283 31.95 -21.68 16.96
N TYR C 284 32.63 -21.30 18.03
CA TYR C 284 32.01 -21.22 19.34
C TYR C 284 30.95 -20.13 19.41
N SER C 285 31.29 -18.95 18.87
CA SER C 285 30.41 -17.78 18.96
C SER C 285 29.15 -18.01 18.14
N GLY C 286 29.30 -18.78 17.05
CA GLY C 286 28.18 -19.12 16.18
C GLY C 286 27.14 -20.04 16.78
N LEU C 287 27.46 -20.63 17.94
CA LEU C 287 26.54 -21.50 18.65
C LEU C 287 25.49 -20.71 19.43
N ILE C 288 25.78 -19.43 19.66
CA ILE C 288 24.96 -18.54 20.47
C ILE C 288 23.72 -18.06 19.71
N GLY C 289 22.55 -18.46 20.21
CA GLY C 289 21.29 -18.18 19.53
C GLY C 289 20.71 -19.43 18.90
N THR C 290 21.36 -20.56 19.13
CA THR C 290 20.82 -21.85 18.70
C THR C 290 20.30 -22.60 19.93
N VAL C 291 19.63 -23.74 19.70
CA VAL C 291 19.17 -24.59 20.80
C VAL C 291 20.36 -25.03 21.67
N MET C 292 21.55 -24.97 21.09
CA MET C 292 22.79 -25.44 21.72
C MET C 292 23.59 -24.29 22.32
N THR C 293 22.91 -23.19 22.67
CA THR C 293 23.59 -21.99 23.18
C THR C 293 24.46 -22.30 24.40
N PRO C 294 25.75 -21.91 24.35
CA PRO C 294 26.67 -22.13 25.45
C PRO C 294 26.95 -20.84 26.24
N ASN C 295 27.27 -21.00 27.52
CA ASN C 295 27.73 -19.90 28.35
C ASN C 295 28.69 -20.43 29.40
N TYR C 296 29.46 -19.51 29.99
CA TYR C 296 30.31 -19.83 31.13
C TYR C 296 29.45 -20.35 32.27
N VAL C 297 29.85 -21.46 32.87
CA VAL C 297 29.00 -22.13 33.87
C VAL C 297 29.00 -21.49 35.27
N ASP C 298 30.05 -20.73 35.57
CA ASP C 298 30.16 -20.00 36.84
C ASP C 298 30.71 -18.59 36.61
N SER C 299 31.00 -17.89 37.69
CA SER C 299 31.59 -16.54 37.60
C SER C 299 33.07 -16.54 37.96
N SER C 300 33.77 -17.64 37.66
CA SER C 300 35.15 -17.85 38.09
C SER C 300 36.12 -18.27 36.98
N SER C 301 35.75 -19.28 36.21
CA SER C 301 36.64 -19.87 35.20
C SER C 301 36.15 -19.65 33.77
N LEU C 302 36.86 -20.25 32.82
CA LEU C 302 36.53 -20.15 31.40
C LEU C 302 35.76 -21.38 30.91
N SER C 303 35.43 -22.26 31.86
CA SER C 303 34.65 -23.45 31.58
C SER C 303 33.26 -23.07 31.05
N VAL C 304 32.90 -23.68 29.92
CA VAL C 304 31.65 -23.36 29.23
C VAL C 304 30.84 -24.64 29.01
N ALA C 305 29.55 -24.49 28.67
CA ALA C 305 28.66 -25.64 28.47
C ALA C 305 27.30 -25.20 27.94
N PRO C 306 26.63 -26.10 27.18
CA PRO C 306 25.22 -25.85 26.81
C PRO C 306 24.32 -26.01 28.03
N TRP C 307 23.01 -25.84 27.87
CA TRP C 307 22.09 -26.07 28.98
C TRP C 307 21.69 -27.54 29.00
N CYS C 308 22.64 -28.37 29.43
CA CYS C 308 22.45 -29.82 29.51
C CYS C 308 23.36 -30.49 30.56
N ASP C 309 23.01 -31.73 30.93
CA ASP C 309 23.82 -32.55 31.82
C ASP C 309 23.72 -34.03 31.42
N CYS C 310 24.38 -34.90 32.18
CA CYS C 310 24.42 -36.32 31.81
C CYS C 310 23.61 -37.27 32.70
N SER C 311 22.61 -36.71 33.39
CA SER C 311 21.66 -37.50 34.16
C SER C 311 20.82 -38.39 33.24
N ASN C 312 20.65 -39.63 33.66
CA ASN C 312 19.85 -40.63 32.93
C ASN C 312 20.34 -40.83 31.50
N SER C 313 21.64 -41.03 31.37
CA SER C 313 22.28 -41.36 30.10
C SER C 313 22.17 -42.86 29.82
N GLY C 314 21.72 -43.63 30.82
CA GLY C 314 21.60 -45.08 30.73
C GLY C 314 22.92 -45.73 30.40
N ASN C 315 22.95 -46.46 29.28
CA ASN C 315 24.14 -47.20 28.85
C ASN C 315 25.19 -46.33 28.11
N ASP C 316 24.79 -45.13 27.72
CA ASP C 316 25.65 -44.22 26.97
C ASP C 316 26.27 -43.10 27.82
N LEU C 317 26.56 -43.40 29.09
CA LEU C 317 27.05 -42.36 30.01
C LEU C 317 28.44 -41.87 29.63
N GLU C 318 29.27 -42.80 29.16
CA GLU C 318 30.61 -42.46 28.68
C GLU C 318 30.58 -41.41 27.56
N ASP C 319 29.68 -41.61 26.60
CA ASP C 319 29.56 -40.75 25.42
C ASP C 319 28.99 -39.36 25.71
N CYS C 320 28.15 -39.27 26.74
CA CYS C 320 27.52 -38.01 27.13
C CYS C 320 28.55 -37.08 27.78
N LEU C 321 29.32 -37.64 28.71
CA LEU C 321 30.34 -36.89 29.44
C LEU C 321 31.46 -36.47 28.50
N LYS C 322 31.68 -37.28 27.47
CA LYS C 322 32.69 -37.03 26.46
C LYS C 322 32.26 -35.83 25.62
N PHE C 323 30.98 -35.80 25.26
CA PHE C 323 30.40 -34.68 24.55
C PHE C 323 30.49 -33.41 25.39
N LEU C 324 30.22 -33.55 26.70
CA LEU C 324 30.11 -32.40 27.60
C LEU C 324 31.48 -31.82 27.95
N ASN C 325 32.46 -32.69 28.09
CA ASN C 325 33.82 -32.23 28.37
C ASN C 325 34.49 -31.59 27.15
N PHE C 326 33.87 -31.77 25.98
CA PHE C 326 34.30 -31.04 24.77
C PHE C 326 33.96 -29.55 24.91
N PHE C 327 32.90 -29.25 25.67
CA PHE C 327 32.60 -27.89 26.09
C PHE C 327 33.32 -27.53 27.38
N LYS C 328 33.12 -28.34 28.43
CA LYS C 328 33.57 -28.02 29.80
C LYS C 328 35.08 -28.08 30.05
N ASP C 329 35.78 -28.93 29.31
CA ASP C 329 37.25 -29.04 29.44
C ASP C 329 37.92 -29.06 28.08
N ASN C 330 37.73 -27.98 27.31
CA ASN C 330 38.36 -27.86 25.99
C ASN C 330 39.59 -26.96 26.04
N THR C 331 40.77 -27.56 25.88
CA THR C 331 42.03 -26.82 26.01
C THR C 331 42.25 -25.87 24.84
N CYS C 332 41.87 -26.28 23.63
CA CYS C 332 41.96 -25.44 22.45
C CYS C 332 41.11 -24.19 22.59
N LEU C 333 39.87 -24.37 23.04
CA LEU C 333 38.97 -23.25 23.30
C LEU C 333 39.56 -22.36 24.39
N LYS C 334 39.88 -22.97 25.53
CA LYS C 334 40.50 -22.26 26.66
C LYS C 334 41.66 -21.37 26.23
N ASN C 335 42.57 -21.92 25.43
CA ASN C 335 43.75 -21.20 24.96
C ASN C 335 43.40 -20.08 23.99
N ALA C 336 42.41 -20.34 23.12
CA ALA C 336 41.98 -19.37 22.12
C ALA C 336 41.31 -18.19 22.78
N ILE C 337 40.49 -18.46 23.79
CA ILE C 337 39.82 -17.41 24.57
C ILE C 337 40.89 -16.58 25.30
N GLN C 338 41.81 -17.27 25.98
CA GLN C 338 42.90 -16.60 26.70
C GLN C 338 43.81 -15.77 25.79
N ALA C 339 44.07 -16.25 24.59
CA ALA C 339 44.91 -15.52 23.64
C ALA C 339 44.29 -14.20 23.18
N PHE C 340 42.96 -14.17 23.02
CA PHE C 340 42.28 -12.97 22.51
C PHE C 340 42.41 -11.74 23.41
N GLY C 341 42.31 -11.95 24.73
CA GLY C 341 42.33 -10.86 25.68
C GLY C 341 43.55 -10.79 26.58
N ASN C 342 44.58 -11.59 26.25
CA ASN C 342 45.84 -11.59 27.02
C ASN C 342 46.95 -10.91 26.21
N GLY C 343 47.59 -11.68 25.33
CA GLY C 343 48.61 -11.15 24.43
C GLY C 343 48.12 -11.13 22.99
N VAL D 42 22.60 23.88 14.39
CA VAL D 42 23.63 22.86 14.17
C VAL D 42 23.49 21.62 15.07
N LEU D 43 24.10 20.54 14.62
CA LEU D 43 24.23 19.31 15.40
C LEU D 43 25.54 19.35 16.15
N THR D 44 25.54 18.94 17.43
CA THR D 44 26.79 18.91 18.21
C THR D 44 26.90 17.61 19.02
N ALA D 45 28.14 17.14 19.21
CA ALA D 45 28.41 15.84 19.83
C ALA D 45 29.36 15.96 21.01
N ILE D 46 29.09 15.19 22.05
CA ILE D 46 29.94 15.14 23.23
C ILE D 46 29.98 13.74 23.84
N HIS D 47 31.18 13.30 24.20
CA HIS D 47 31.44 11.97 24.71
C HIS D 47 31.24 11.95 26.24
N LEU D 48 30.33 11.10 26.70
CA LEU D 48 29.86 11.16 28.09
C LEU D 48 29.73 9.82 28.78
N ASN D 49 29.96 9.83 30.10
CA ASN D 49 29.55 8.74 30.98
C ASN D 49 28.01 8.67 31.05
N VAL D 50 27.46 7.47 31.27
CA VAL D 50 26.00 7.32 31.40
C VAL D 50 25.45 8.01 32.66
N THR D 51 26.28 8.10 33.70
CA THR D 51 25.91 8.75 34.96
C THR D 51 25.78 10.27 34.80
N ASP D 52 26.53 10.83 33.86
CA ASP D 52 26.45 12.25 33.48
C ASP D 52 25.07 12.65 32.95
N LEU D 53 24.34 11.68 32.40
CA LEU D 53 23.00 11.91 31.87
C LEU D 53 21.94 12.17 32.94
N GLY D 54 22.30 11.87 34.20
CA GLY D 54 21.47 12.14 35.35
C GLY D 54 20.12 11.46 35.31
N LEU D 55 20.06 10.28 34.70
CA LEU D 55 18.78 9.58 34.50
C LEU D 55 18.53 8.50 35.54
N GLY D 56 19.40 8.43 36.56
CA GLY D 56 19.17 7.55 37.69
C GLY D 56 19.81 6.19 37.59
N TYR D 57 20.88 6.12 36.80
CA TYR D 57 21.58 4.86 36.57
C TYR D 57 22.95 4.85 37.23
N GLU D 58 23.23 3.78 37.93
CA GLU D 58 24.54 3.54 38.51
C GLU D 58 25.30 2.56 37.63
N THR D 59 26.28 3.07 36.90
CA THR D 59 27.04 2.27 35.94
C THR D 59 28.37 2.93 35.56
N LYS D 60 29.19 2.19 34.80
CA LYS D 60 30.49 2.71 34.34
C LYS D 60 30.55 2.86 32.81
N GLU D 61 29.47 2.51 32.15
CA GLU D 61 29.37 2.57 30.70
C GLU D 61 29.25 3.99 30.18
N GLU D 62 29.60 4.20 28.92
CA GLU D 62 29.66 5.52 28.32
C GLU D 62 28.83 5.59 27.05
N LEU D 63 28.78 6.78 26.44
CA LEU D 63 28.01 7.02 25.24
C LEU D 63 28.51 8.28 24.51
N ILE D 64 28.19 8.38 23.21
CA ILE D 64 28.24 9.66 22.50
C ILE D 64 26.83 10.24 22.46
N PHE D 65 26.69 11.48 22.93
CA PHE D 65 25.41 12.17 22.98
C PHE D 65 25.42 13.38 22.04
N ARG D 66 24.39 13.51 21.20
CA ARG D 66 24.30 14.65 20.25
C ARG D 66 23.06 15.51 20.47
N TYR D 67 23.26 16.83 20.41
CA TYR D 67 22.21 17.81 20.72
C TYR D 67 22.16 18.95 19.72
N CYS D 68 20.99 19.58 19.61
CA CYS D 68 20.79 20.69 18.68
C CYS D 68 20.84 22.04 19.40
N SER D 69 21.72 22.92 18.92
CA SER D 69 21.94 24.24 19.54
C SER D 69 22.35 25.30 18.53
N GLY D 70 21.97 26.54 18.80
CA GLY D 70 22.31 27.64 17.93
C GLY D 70 21.11 28.52 17.68
N SER D 71 21.35 29.73 17.20
CA SER D 71 20.26 30.63 16.84
C SER D 71 19.62 30.19 15.54
N CYS D 72 18.30 30.17 15.54
CA CYS D 72 17.54 29.85 14.35
C CYS D 72 16.10 30.34 14.52
N ASP D 73 15.92 31.63 14.28
CA ASP D 73 14.64 32.28 14.49
C ASP D 73 14.52 33.45 13.50
N ALA D 74 14.68 33.12 12.21
CA ALA D 74 14.62 34.11 11.14
C ALA D 74 13.22 34.23 10.52
N ALA D 75 12.21 33.72 11.24
CA ALA D 75 10.80 33.74 10.81
C ALA D 75 10.60 33.14 9.41
N GLU D 76 10.89 31.86 9.30
CA GLU D 76 10.86 31.09 8.03
C GLU D 76 9.46 31.09 7.39
N THR D 77 8.49 30.53 8.10
CA THR D 77 7.14 30.31 7.57
C THR D 77 6.22 31.52 7.72
N THR D 78 5.12 31.49 6.97
CA THR D 78 4.06 32.51 7.03
C THR D 78 3.54 32.69 8.45
N TYR D 79 3.36 31.58 9.15
CA TYR D 79 2.96 31.60 10.56
C TYR D 79 3.95 32.40 11.42
N ASP D 80 5.24 32.16 11.22
CA ASP D 80 6.29 32.82 12.00
C ASP D 80 6.50 34.27 11.57
N LYS D 81 6.24 34.58 10.30
CA LYS D 81 6.24 35.97 9.82
C LYS D 81 5.12 36.73 10.52
N ILE D 82 3.95 36.09 10.61
CA ILE D 82 2.80 36.69 11.27
C ILE D 82 3.10 37.05 12.75
N LEU D 83 3.78 36.18 13.47
CA LEU D 83 4.06 36.39 14.89
C LEU D 83 4.95 37.61 15.15
N LYS D 84 6.03 37.71 14.38
CA LYS D 84 6.93 38.86 14.47
C LYS D 84 6.19 40.16 14.20
N ASN D 85 5.32 40.16 13.18
CA ASN D 85 4.51 41.33 12.81
C ASN D 85 3.43 41.66 13.82
N LEU D 86 2.81 40.62 14.37
CA LEU D 86 1.70 40.79 15.30
C LEU D 86 2.17 41.34 16.63
N SER D 87 3.47 41.17 16.91
CA SER D 87 4.10 41.68 18.12
C SER D 87 4.63 43.10 17.91
N ARG D 88 5.24 43.35 16.75
CA ARG D 88 5.78 44.66 16.40
C ARG D 88 4.69 45.74 16.38
N ASN D 89 3.53 45.41 15.83
CA ASN D 89 2.41 46.36 15.80
C ASN D 89 1.54 46.27 17.07
N ARG D 90 2.09 45.61 18.09
CA ARG D 90 1.51 45.54 19.44
C ARG D 90 0.24 44.71 19.56
N ARG D 91 -0.29 44.26 18.41
CA ARG D 91 -1.60 43.59 18.36
C ARG D 91 -1.77 42.39 19.26
N LEU D 92 -0.70 41.60 19.40
CA LEU D 92 -0.77 40.37 20.19
C LEU D 92 -0.97 40.60 21.69
N VAL D 93 -0.13 41.46 22.27
CA VAL D 93 0.05 41.59 23.73
C VAL D 93 1.18 40.62 24.14
N SER D 94 1.24 39.49 23.46
CA SER D 94 2.38 38.56 23.50
C SER D 94 2.67 37.95 24.89
N ASP D 95 1.73 37.13 25.38
CA ASP D 95 1.88 36.50 26.70
C ASP D 95 3.09 35.55 26.77
N LYS D 96 3.00 34.42 26.06
CA LYS D 96 4.06 33.41 26.07
C LYS D 96 4.34 32.87 24.66
N VAL D 97 3.90 33.62 23.66
CA VAL D 97 4.10 33.26 22.26
C VAL D 97 5.57 33.34 21.83
N GLY D 98 6.00 32.33 21.09
CA GLY D 98 7.40 32.23 20.67
C GLY D 98 7.55 31.58 19.31
N GLN D 99 8.62 31.93 18.62
CA GLN D 99 8.86 31.45 17.26
C GLN D 99 9.59 30.10 17.21
N ALA D 100 10.13 29.77 16.03
CA ALA D 100 10.76 28.47 15.78
C ALA D 100 11.94 28.20 16.69
N CYS D 101 12.09 26.93 17.08
CA CYS D 101 13.19 26.48 17.93
C CYS D 101 14.08 25.47 17.21
N CYS D 102 15.37 25.52 17.53
CA CYS D 102 16.31 24.51 17.06
C CYS D 102 16.15 23.21 17.86
N ARG D 103 15.31 22.32 17.33
CA ARG D 103 14.99 21.05 17.98
C ARG D 103 15.46 19.89 17.12
N PRO D 104 15.54 18.66 17.69
CA PRO D 104 15.88 17.49 16.89
C PRO D 104 14.73 17.07 16.00
N ILE D 105 15.07 16.69 14.76
CA ILE D 105 14.07 16.20 13.81
C ILE D 105 14.17 14.68 13.64
N ALA D 106 15.38 14.14 13.83
CA ALA D 106 15.60 12.70 13.79
C ALA D 106 16.44 12.26 14.99
N PHE D 107 16.24 11.02 15.44
CA PHE D 107 16.95 10.47 16.60
C PHE D 107 17.87 9.31 16.23
N ASP D 108 18.96 9.18 16.98
CA ASP D 108 19.94 8.12 16.76
C ASP D 108 19.45 6.74 17.21
N ASP D 109 20.29 5.74 16.97
CA ASP D 109 20.07 4.36 17.40
C ASP D 109 19.90 4.25 18.91
N ASP D 110 19.27 3.17 19.33
CA ASP D 110 19.11 2.85 20.75
C ASP D 110 20.45 2.55 21.39
N LEU D 111 20.63 3.02 22.62
CA LEU D 111 21.84 2.74 23.36
C LEU D 111 21.59 1.86 24.57
N SER D 112 22.35 0.78 24.67
CA SER D 112 22.25 -0.15 25.78
C SER D 112 23.42 -0.07 26.74
N PHE D 113 23.20 -0.55 27.96
CA PHE D 113 24.24 -0.67 28.96
C PHE D 113 23.85 -1.62 30.09
N LEU D 114 24.85 -2.23 30.71
CA LEU D 114 24.69 -3.07 31.89
C LEU D 114 25.14 -2.28 33.10
N ASP D 115 24.30 -2.20 34.11
CA ASP D 115 24.62 -1.41 35.30
C ASP D 115 25.44 -2.23 36.32
N ASP D 116 25.90 -1.55 37.37
CA ASP D 116 26.68 -2.20 38.44
C ASP D 116 25.94 -3.35 39.13
N ASN D 117 24.62 -3.40 38.95
CA ASN D 117 23.77 -4.43 39.56
C ASN D 117 23.37 -5.55 38.58
N LEU D 118 24.11 -5.62 37.47
CA LEU D 118 23.90 -6.63 36.41
C LEU D 118 22.48 -6.61 35.83
N VAL D 119 21.93 -5.40 35.69
CA VAL D 119 20.65 -5.20 35.01
C VAL D 119 20.89 -4.39 33.74
N TYR D 120 20.28 -4.81 32.64
CA TYR D 120 20.38 -4.10 31.37
C TYR D 120 19.37 -2.98 31.26
N HIS D 121 19.70 -1.95 30.46
CA HIS D 121 18.79 -0.87 30.15
C HIS D 121 19.02 -0.38 28.73
N ILE D 122 17.96 0.16 28.12
CA ILE D 122 18.06 0.78 26.80
C ILE D 122 17.52 2.21 26.85
N LEU D 123 18.28 3.12 26.27
CA LEU D 123 17.88 4.51 26.07
C LEU D 123 17.33 4.65 24.65
N ARG D 124 16.12 5.18 24.54
CA ARG D 124 15.55 5.44 23.21
C ARG D 124 15.28 6.94 23.05
N LYS D 125 15.38 7.42 21.80
CA LYS D 125 15.11 8.83 21.48
C LYS D 125 15.85 9.75 22.46
N HIS D 126 17.16 9.53 22.58
CA HIS D 126 17.98 10.21 23.58
C HIS D 126 19.02 11.17 23.00
N SER D 127 19.45 10.91 21.76
CA SER D 127 20.46 11.70 21.08
C SER D 127 19.95 12.09 19.68
N ALA D 128 20.26 13.31 19.26
CA ALA D 128 19.80 13.82 17.96
C ALA D 128 20.62 13.30 16.77
N LYS D 129 19.94 12.99 15.67
CA LYS D 129 20.62 12.67 14.41
C LYS D 129 20.63 13.88 13.47
N ARG D 130 19.46 14.51 13.29
CA ARG D 130 19.35 15.71 12.47
C ARG D 130 18.69 16.86 13.23
N CYS D 131 19.01 18.10 12.82
CA CYS D 131 18.47 19.28 13.49
C CYS D 131 17.73 20.20 12.50
N GLY D 132 16.63 20.77 12.97
CA GLY D 132 15.83 21.73 12.19
C GLY D 132 15.05 22.67 13.06
N CYS D 133 14.52 23.74 12.47
CA CYS D 133 13.74 24.73 13.21
C CYS D 133 12.26 24.46 13.03
N ILE D 134 11.62 24.05 14.12
CA ILE D 134 10.25 23.58 14.06
C ILE D 134 9.35 24.28 15.08
N ASP E 25 -19.72 6.01 -9.10
CA ASP E 25 -20.31 4.89 -8.45
C ASP E 25 -21.71 4.71 -8.93
N ARG E 26 -22.51 5.78 -8.94
CA ARG E 26 -23.85 5.61 -9.40
C ARG E 26 -23.88 6.21 -10.77
N LEU E 27 -23.91 5.34 -11.80
CA LEU E 27 -23.88 5.77 -13.16
C LEU E 27 -25.14 6.49 -13.50
N ASP E 28 -26.31 5.96 -13.06
CA ASP E 28 -27.60 6.53 -13.27
C ASP E 28 -28.20 5.89 -14.48
N CYS E 29 -28.49 6.68 -15.52
CA CYS E 29 -29.17 6.15 -16.67
C CYS E 29 -28.34 5.08 -17.30
N VAL E 30 -27.03 5.32 -17.46
CA VAL E 30 -26.18 4.36 -18.12
C VAL E 30 -26.12 3.08 -17.34
N LYS E 31 -26.03 3.18 -16.01
CA LYS E 31 -25.95 1.98 -15.24
C LYS E 31 -27.20 1.17 -15.42
N ALA E 32 -28.36 1.85 -15.46
CA ALA E 32 -29.60 1.13 -15.57
C ALA E 32 -29.67 0.38 -16.86
N SER E 33 -29.21 1.00 -17.97
CA SER E 33 -29.27 0.34 -19.25
C SER E 33 -28.40 -0.88 -19.19
N ASP E 34 -27.30 -0.81 -18.42
CA ASP E 34 -26.40 -1.93 -18.31
C ASP E 34 -27.14 -3.06 -17.66
N GLN E 35 -28.00 -2.73 -16.67
CA GLN E 35 -28.77 -3.72 -15.99
C GLN E 35 -29.72 -4.33 -16.98
N CYS E 36 -30.31 -3.49 -17.85
CA CYS E 36 -31.24 -3.96 -18.84
C CYS E 36 -30.53 -4.91 -19.75
N LEU E 37 -29.29 -4.59 -20.12
CA LEU E 37 -28.55 -5.38 -21.08
C LEU E 37 -28.35 -6.77 -20.55
N LYS E 38 -28.25 -6.90 -19.21
CA LYS E 38 -27.96 -8.18 -18.62
C LYS E 38 -29.02 -9.18 -18.98
N GLU E 39 -30.32 -8.79 -19.01
CA GLU E 39 -31.34 -9.75 -19.29
C GLU E 39 -31.74 -9.64 -20.73
N GLN E 40 -31.98 -10.81 -21.36
CA GLN E 40 -32.29 -10.89 -22.76
C GLN E 40 -33.61 -10.22 -23.07
N SER E 41 -34.62 -10.41 -22.20
CA SER E 41 -35.93 -9.88 -22.47
C SER E 41 -35.87 -8.38 -22.53
N CYS E 42 -35.20 -7.75 -21.54
CA CYS E 42 -35.15 -6.32 -21.47
C CYS E 42 -34.42 -5.77 -22.65
N SER E 43 -33.32 -6.43 -23.07
CA SER E 43 -32.54 -5.91 -24.16
C SER E 43 -33.41 -5.86 -25.39
N THR E 44 -34.22 -6.91 -25.63
CA THR E 44 -35.03 -6.98 -26.81
C THR E 44 -36.05 -5.89 -26.80
N LYS E 45 -36.67 -5.63 -25.63
CA LYS E 45 -37.69 -4.63 -25.54
C LYS E 45 -37.11 -3.28 -25.86
N TYR E 46 -35.87 -3.03 -25.39
CA TYR E 46 -35.21 -1.77 -25.61
C TYR E 46 -34.95 -1.64 -27.07
N ARG E 47 -34.54 -2.74 -27.73
CA ARG E 47 -34.23 -2.67 -29.13
C ARG E 47 -35.45 -2.25 -29.88
N THR E 48 -36.62 -2.82 -29.54
CA THR E 48 -37.82 -2.51 -30.27
C THR E 48 -38.15 -1.05 -30.10
N LEU E 49 -37.98 -0.51 -28.88
CA LEU E 49 -38.32 0.87 -28.66
C LEU E 49 -37.46 1.74 -29.53
N ARG E 50 -36.15 1.44 -29.60
CA ARG E 50 -35.28 2.24 -30.40
C ARG E 50 -35.67 2.16 -31.85
N GLN E 51 -36.04 0.97 -32.33
CA GLN E 51 -36.36 0.84 -33.73
C GLN E 51 -37.61 1.61 -34.07
N CYS E 52 -38.68 1.42 -33.28
CA CYS E 52 -39.98 2.00 -33.54
C CYS E 52 -40.09 3.47 -33.22
N VAL E 53 -39.46 3.98 -32.14
CA VAL E 53 -39.77 5.32 -31.72
C VAL E 53 -38.71 6.34 -32.04
N ALA E 54 -39.11 7.52 -32.54
CA ALA E 54 -38.12 8.47 -32.93
C ALA E 54 -37.30 8.90 -31.74
N GLY E 55 -37.94 9.06 -30.58
CA GLY E 55 -37.19 9.56 -29.46
C GLY E 55 -36.83 10.95 -29.86
N LYS E 56 -35.59 11.39 -29.56
CA LYS E 56 -35.23 12.72 -29.94
C LYS E 56 -34.16 12.63 -30.99
N GLU E 57 -34.17 11.55 -31.78
CA GLU E 57 -33.20 11.34 -32.81
C GLU E 57 -33.43 12.28 -33.95
N THR E 58 -34.70 12.62 -34.24
CA THR E 58 -35.00 13.47 -35.37
C THR E 58 -35.49 14.78 -34.85
N ASN E 59 -35.66 15.76 -35.75
CA ASN E 59 -36.16 17.03 -35.33
C ASN E 59 -37.55 16.77 -34.87
N PHE E 60 -38.00 17.53 -33.86
CA PHE E 60 -39.29 17.32 -33.29
C PHE E 60 -40.33 17.57 -34.33
N SER E 61 -40.12 18.62 -35.15
CA SER E 61 -41.08 18.95 -36.16
C SER E 61 -41.26 17.75 -37.01
N LEU E 62 -40.14 17.07 -37.33
CA LEU E 62 -40.23 15.93 -38.17
C LEU E 62 -41.00 14.85 -37.50
N THR E 63 -40.77 14.67 -36.17
CA THR E 63 -41.18 13.60 -35.30
C THR E 63 -41.95 12.56 -36.04
N SER E 64 -41.33 12.02 -37.08
CA SER E 64 -41.97 11.04 -37.88
C SER E 64 -41.33 9.81 -37.39
N GLY E 65 -42.16 8.84 -37.00
CA GLY E 65 -41.61 7.64 -36.44
C GLY E 65 -40.97 6.88 -37.54
N LEU E 66 -39.99 6.04 -37.17
CA LEU E 66 -39.26 5.26 -38.12
C LEU E 66 -40.23 4.36 -38.81
N GLU E 67 -41.23 3.84 -38.07
CA GLU E 67 -42.19 2.95 -38.66
C GLU E 67 -43.51 3.67 -38.66
N ALA E 68 -44.35 3.38 -37.65
CA ALA E 68 -45.64 4.01 -37.54
C ALA E 68 -45.85 4.28 -36.08
N LYS E 69 -46.77 5.22 -35.77
CA LYS E 69 -47.02 5.64 -34.41
C LYS E 69 -47.49 4.49 -33.59
N ASP E 70 -48.36 3.62 -34.15
CA ASP E 70 -48.93 2.57 -33.36
C ASP E 70 -47.84 1.65 -32.90
N GLU E 71 -46.86 1.38 -33.77
CA GLU E 71 -45.79 0.48 -33.44
C GLU E 71 -44.95 1.08 -32.33
N CYS E 72 -44.74 2.41 -32.36
CA CYS E 72 -43.93 3.00 -31.34
C CYS E 72 -44.60 2.88 -30.01
N ARG E 73 -45.93 3.05 -29.98
CA ARG E 73 -46.68 3.00 -28.75
C ARG E 73 -46.52 1.65 -28.13
N SER E 74 -46.63 0.58 -28.95
CA SER E 74 -46.56 -0.76 -28.43
C SER E 74 -45.20 -1.00 -27.86
N ALA E 75 -44.14 -0.52 -28.55
CA ALA E 75 -42.79 -0.71 -28.10
C ALA E 75 -42.57 -0.03 -26.80
N MET E 76 -43.14 1.19 -26.65
CA MET E 76 -42.99 1.96 -25.45
C MET E 76 -43.58 1.22 -24.30
N GLU E 77 -44.80 0.70 -24.50
CA GLU E 77 -45.55 0.02 -23.47
C GLU E 77 -44.80 -1.21 -23.08
N ALA E 78 -44.11 -1.81 -24.06
CA ALA E 78 -43.37 -3.04 -23.92
C ALA E 78 -42.30 -2.92 -22.87
N LEU E 79 -41.79 -1.69 -22.63
CA LEU E 79 -40.77 -1.45 -21.65
C LEU E 79 -41.29 -1.61 -20.24
N LYS E 80 -42.60 -1.38 -20.00
CA LYS E 80 -43.11 -1.44 -18.67
C LYS E 80 -42.84 -2.79 -18.07
N GLN E 81 -42.47 -2.80 -16.77
CA GLN E 81 -42.14 -3.99 -16.02
C GLN E 81 -40.76 -4.48 -16.35
N LYS E 82 -39.94 -3.68 -17.07
CA LYS E 82 -38.57 -4.05 -17.29
C LYS E 82 -37.75 -3.10 -16.49
N SER E 83 -36.43 -3.31 -16.46
CA SER E 83 -35.57 -2.44 -15.71
C SER E 83 -35.64 -1.10 -16.39
N LEU E 84 -35.96 -1.12 -17.70
CA LEU E 84 -35.89 0.06 -18.50
C LEU E 84 -37.05 0.99 -18.50
N TYR E 85 -36.60 2.22 -18.54
CA TYR E 85 -37.08 3.54 -18.51
C TYR E 85 -36.31 3.92 -17.29
N ASN E 86 -35.41 4.91 -17.42
CA ASN E 86 -34.64 5.26 -16.27
C ASN E 86 -34.57 6.75 -16.34
N CYS E 87 -34.20 7.39 -15.23
CA CYS E 87 -34.01 8.81 -15.29
C CYS E 87 -32.54 8.99 -15.41
N ARG E 88 -32.11 10.01 -16.18
CA ARG E 88 -30.69 10.18 -16.37
C ARG E 88 -30.19 11.14 -15.35
N CYS E 89 -29.15 10.75 -14.58
CA CYS E 89 -28.64 11.67 -13.61
C CYS E 89 -27.32 12.18 -14.09
N LYS E 90 -26.90 13.30 -13.47
CA LYS E 90 -25.72 14.05 -13.79
C LYS E 90 -24.47 13.25 -13.52
N ARG E 91 -24.52 12.36 -12.53
CA ARG E 91 -23.40 11.67 -11.97
C ARG E 91 -22.57 11.08 -13.07
N GLY E 92 -23.14 10.78 -14.26
CA GLY E 92 -22.28 10.30 -15.31
C GLY E 92 -21.36 11.42 -15.72
N MET E 93 -20.23 11.60 -15.02
CA MET E 93 -19.42 12.76 -15.30
C MET E 93 -18.84 12.80 -16.69
N LYS E 94 -18.00 11.83 -17.04
CA LYS E 94 -17.28 11.84 -18.29
C LYS E 94 -18.23 11.67 -19.41
N LYS E 95 -19.25 10.81 -19.23
CA LYS E 95 -20.10 10.51 -20.33
C LYS E 95 -21.46 11.14 -20.16
N GLU E 96 -21.49 12.47 -19.95
CA GLU E 96 -22.77 13.09 -19.78
C GLU E 96 -23.56 12.96 -21.04
N LYS E 97 -22.90 13.18 -22.19
CA LYS E 97 -23.57 13.19 -23.44
C LYS E 97 -24.19 11.85 -23.70
N ASN E 98 -23.45 10.76 -23.44
CA ASN E 98 -24.02 9.48 -23.73
C ASN E 98 -25.23 9.30 -22.89
N CYS E 99 -25.18 9.71 -21.61
CA CYS E 99 -26.32 9.53 -20.75
C CYS E 99 -27.48 10.28 -21.29
N LEU E 100 -27.22 11.53 -21.72
CA LEU E 100 -28.22 12.45 -22.16
C LEU E 100 -28.91 11.94 -23.39
N ARG E 101 -28.17 11.25 -24.29
CA ARG E 101 -28.73 10.72 -25.51
C ARG E 101 -29.77 9.73 -25.14
N ILE E 102 -29.40 8.81 -24.23
CA ILE E 102 -30.32 7.88 -23.63
C ILE E 102 -31.09 8.81 -22.75
N TYR E 103 -32.21 8.45 -22.17
CA TYR E 103 -32.90 9.36 -21.30
C TYR E 103 -33.66 10.43 -22.08
N TRP E 104 -33.02 11.11 -23.06
CA TRP E 104 -33.71 12.07 -23.87
C TRP E 104 -34.56 11.34 -24.85
N SER E 105 -34.14 10.12 -25.22
CA SER E 105 -34.92 9.37 -26.16
C SER E 105 -36.30 9.24 -25.59
N MET E 106 -36.39 8.85 -24.31
CA MET E 106 -37.67 8.79 -23.67
C MET E 106 -38.22 10.14 -23.35
N TYR E 107 -37.35 11.00 -22.79
CA TYR E 107 -37.88 12.18 -22.20
C TYR E 107 -38.44 13.12 -23.20
N GLN E 108 -37.64 13.53 -24.23
CA GLN E 108 -38.09 14.66 -25.02
C GLN E 108 -37.00 15.48 -25.55
N SER E 109 -37.33 16.77 -25.33
CA SER E 109 -36.59 17.99 -25.23
C SER E 109 -37.54 19.08 -25.60
N LYS E 145 -12.77 51.24 1.57
CA LYS E 145 -14.04 50.63 1.07
C LYS E 145 -14.78 49.84 2.15
N GLY E 146 -16.04 50.21 2.36
CA GLY E 146 -17.00 49.33 3.02
C GLY E 146 -18.04 49.01 1.96
N ASN E 147 -18.54 47.78 1.94
CA ASN E 147 -19.62 47.37 1.02
C ASN E 147 -20.20 45.99 1.31
N ASN E 148 -21.33 45.68 0.69
CA ASN E 148 -22.04 44.43 0.93
C ASN E 148 -21.37 43.19 0.36
N CYS E 149 -20.61 43.36 -0.73
CA CYS E 149 -19.81 42.26 -1.26
C CYS E 149 -18.59 42.00 -0.37
N LEU E 150 -18.16 43.03 0.36
CA LEU E 150 -17.07 42.89 1.32
C LEU E 150 -17.53 42.16 2.58
N ASP E 151 -18.73 42.50 3.07
CA ASP E 151 -19.37 41.79 4.19
C ASP E 151 -19.54 40.29 3.93
N ALA E 152 -19.79 39.93 2.67
CA ALA E 152 -19.90 38.54 2.24
C ALA E 152 -18.54 37.84 2.33
N ALA E 153 -17.52 38.44 1.71
CA ALA E 153 -16.13 37.96 1.79
C ALA E 153 -15.64 37.82 3.25
N LYS E 154 -16.11 38.70 4.12
CA LYS E 154 -15.81 38.63 5.55
C LYS E 154 -16.52 37.44 6.18
N ALA E 155 -17.83 37.35 5.98
CA ALA E 155 -18.64 36.27 6.53
C ALA E 155 -18.14 34.92 6.05
N CYS E 156 -17.71 34.85 4.79
CA CYS E 156 -17.20 33.58 4.23
C CYS E 156 -15.96 33.09 4.97
N ASN E 157 -14.91 33.92 4.97
CA ASN E 157 -13.65 33.61 5.65
C ASN E 157 -13.78 33.29 7.16
N LEU E 158 -14.75 33.92 7.83
CA LEU E 158 -15.00 33.69 9.26
C LEU E 158 -15.82 32.42 9.54
N ASP E 159 -16.05 31.63 8.49
CA ASP E 159 -16.81 30.38 8.56
C ASP E 159 -15.96 29.22 8.04
N ASP E 160 -15.98 28.10 8.75
CA ASP E 160 -15.11 26.96 8.44
C ASP E 160 -15.40 26.31 7.09
N THR E 161 -16.69 26.14 6.78
CA THR E 161 -17.10 25.51 5.53
C THR E 161 -16.78 26.40 4.33
N CYS E 162 -17.14 27.69 4.42
CA CYS E 162 -16.97 28.63 3.30
C CYS E 162 -15.51 28.98 3.00
N LYS E 163 -14.76 29.31 4.05
CA LYS E 163 -13.32 29.59 3.91
C LYS E 163 -12.61 28.41 3.26
N LYS E 164 -12.93 27.21 3.75
CA LYS E 164 -12.41 25.97 3.20
C LYS E 164 -12.74 25.84 1.70
N TYR E 165 -14.02 26.03 1.35
CA TYR E 165 -14.44 25.86 -0.04
C TYR E 165 -14.17 27.06 -0.96
N ARG E 166 -14.01 28.25 -0.38
CA ARG E 166 -13.63 29.44 -1.18
C ARG E 166 -12.21 29.26 -1.72
N SER E 167 -11.28 28.86 -0.85
CA SER E 167 -9.88 28.69 -1.27
C SER E 167 -9.68 27.43 -2.11
N ALA E 168 -10.51 26.41 -1.88
CA ALA E 168 -10.48 25.17 -2.67
C ALA E 168 -10.76 25.42 -4.14
N TYR E 169 -11.36 26.59 -4.44
CA TYR E 169 -11.64 26.95 -5.82
C TYR E 169 -10.76 28.07 -6.36
N ILE E 170 -10.37 29.00 -5.49
CA ILE E 170 -9.39 30.04 -5.83
C ILE E 170 -8.04 29.41 -6.20
N THR E 171 -7.66 28.35 -5.50
CA THR E 171 -6.40 27.65 -5.77
C THR E 171 -6.19 27.28 -7.26
N PRO E 172 -7.10 26.47 -7.85
CA PRO E 172 -6.89 26.12 -9.26
C PRO E 172 -7.31 27.21 -10.26
N CYS E 173 -8.19 28.12 -9.87
CA CYS E 173 -8.71 29.18 -10.76
C CYS E 173 -7.73 30.35 -11.01
N THR E 174 -6.72 30.48 -10.16
CA THR E 174 -5.74 31.55 -10.31
C THR E 174 -4.41 31.01 -10.81
N THR E 175 -3.57 31.89 -11.36
CA THR E 175 -2.23 31.54 -11.83
C THR E 175 -1.17 32.30 -11.03
N SER E 176 0.01 31.68 -10.88
CA SER E 176 1.08 32.27 -10.08
C SER E 176 1.82 33.39 -10.80
N MET E 177 1.96 33.25 -12.12
CA MET E 177 2.76 34.17 -12.94
C MET E 177 2.00 34.68 -14.17
N SER E 178 2.40 35.87 -14.63
CA SER E 178 1.70 36.63 -15.69
C SER E 178 1.20 35.79 -16.88
N ASN E 179 2.12 35.25 -17.67
CA ASN E 179 1.76 34.45 -18.85
C ASN E 179 1.79 32.94 -18.64
N GLU E 180 1.33 32.49 -17.46
CA GLU E 180 0.93 31.12 -17.23
C GLU E 180 -0.57 31.04 -17.50
N VAL E 181 -1.13 29.84 -17.46
CA VAL E 181 -2.58 29.69 -17.65
C VAL E 181 -3.17 28.62 -16.72
N CYS E 182 -4.36 28.91 -16.20
CA CYS E 182 -5.04 28.03 -15.24
C CYS E 182 -5.51 26.76 -15.93
N ASN E 183 -5.76 25.73 -15.13
CA ASN E 183 -6.47 24.55 -15.58
C ASN E 183 -7.96 24.87 -15.47
N ARG E 184 -8.63 24.97 -16.61
CA ARG E 184 -10.05 25.35 -16.62
C ARG E 184 -10.97 24.31 -15.98
N ARG E 185 -10.74 23.03 -16.25
CA ARG E 185 -11.59 21.95 -15.71
C ARG E 185 -11.48 21.78 -14.18
N LYS E 186 -10.27 21.96 -13.64
CA LYS E 186 -10.06 21.98 -12.19
C LYS E 186 -10.77 23.19 -11.56
N CYS E 187 -10.65 24.35 -12.23
CA CYS E 187 -11.29 25.57 -11.77
C CYS E 187 -12.82 25.47 -11.84
N HIS E 188 -13.34 24.83 -12.88
CA HIS E 188 -14.78 24.66 -13.07
C HIS E 188 -15.34 23.67 -12.04
N LYS E 189 -14.63 22.57 -11.83
CA LYS E 189 -15.09 21.52 -10.91
C LYS E 189 -15.21 22.08 -9.50
N ALA E 190 -14.16 22.76 -9.06
CA ALA E 190 -14.11 23.41 -7.75
C ALA E 190 -15.17 24.48 -7.58
N LEU E 191 -15.50 25.16 -8.67
CA LEU E 191 -16.58 26.15 -8.68
C LEU E 191 -17.92 25.48 -8.38
N ARG E 192 -18.21 24.39 -9.09
CA ARG E 192 -19.41 23.60 -8.86
C ARG E 192 -19.43 23.06 -7.43
N GLN E 193 -18.27 22.65 -6.93
CA GLN E 193 -18.17 22.18 -5.55
C GLN E 193 -18.60 23.28 -4.57
N PHE E 194 -18.12 24.50 -4.83
CA PHE E 194 -18.38 25.65 -3.96
C PHE E 194 -19.87 25.91 -3.77
N PHE E 195 -20.64 25.97 -4.86
CA PHE E 195 -22.07 26.26 -4.77
C PHE E 195 -22.89 25.03 -4.37
N ASP E 196 -22.29 23.86 -4.48
CA ASP E 196 -22.92 22.62 -4.03
C ASP E 196 -22.81 22.40 -2.53
N LYS E 197 -21.68 22.81 -1.94
CA LYS E 197 -21.36 22.50 -0.55
C LYS E 197 -21.59 23.64 0.45
N VAL E 198 -21.53 24.88 -0.02
CA VAL E 198 -21.73 26.04 0.85
C VAL E 198 -23.19 26.51 0.78
N PRO E 199 -23.88 26.54 1.93
CA PRO E 199 -25.26 27.00 2.01
C PRO E 199 -25.50 28.30 1.24
N ALA E 200 -26.71 28.43 0.70
CA ALA E 200 -27.12 29.63 -0.05
C ALA E 200 -26.68 30.92 0.63
N LYS E 201 -26.87 30.97 1.94
CA LYS E 201 -26.52 32.13 2.77
C LYS E 201 -25.18 32.77 2.41
N HIS E 202 -24.08 32.00 2.54
CA HIS E 202 -22.73 32.51 2.24
C HIS E 202 -22.38 32.50 0.76
N SER E 203 -22.86 31.49 0.03
CA SER E 203 -22.55 31.34 -1.39
C SER E 203 -23.22 32.40 -2.25
N TYR E 204 -24.43 32.79 -1.87
CA TYR E 204 -25.20 33.79 -2.64
C TYR E 204 -24.76 35.21 -2.33
N GLY E 205 -24.33 35.45 -1.10
CA GLY E 205 -23.83 36.75 -0.66
C GLY E 205 -22.66 37.21 -1.49
N MET E 206 -21.82 36.26 -1.90
CA MET E 206 -20.66 36.53 -2.75
C MET E 206 -21.11 36.98 -4.13
N LEU E 207 -22.04 36.23 -4.71
CA LEU E 207 -22.43 36.38 -6.11
C LEU E 207 -23.51 37.43 -6.37
N PHE E 208 -24.46 37.55 -5.45
CA PHE E 208 -25.65 38.37 -5.68
C PHE E 208 -25.74 39.59 -4.74
N CYS E 209 -24.60 40.10 -4.30
CA CYS E 209 -24.57 41.25 -3.39
C CYS E 209 -24.93 42.57 -4.08
N SER E 210 -25.73 43.38 -3.39
CA SER E 210 -26.05 44.72 -3.88
C SER E 210 -24.85 45.64 -3.70
N CYS E 211 -24.73 46.61 -4.60
CA CYS E 211 -23.57 47.51 -4.63
C CYS E 211 -24.01 48.94 -4.83
N ARG E 212 -23.13 49.88 -4.45
CA ARG E 212 -23.38 51.31 -4.63
C ARG E 212 -22.26 51.96 -5.44
N ASP E 213 -21.11 51.29 -5.52
CA ASP E 213 -19.95 51.85 -6.22
C ASP E 213 -19.14 50.78 -6.97
N ILE E 214 -18.19 51.23 -7.79
CA ILE E 214 -17.38 50.34 -8.62
C ILE E 214 -16.45 49.39 -7.86
N ALA E 215 -15.93 49.82 -6.71
CA ALA E 215 -15.14 48.93 -5.88
C ALA E 215 -15.96 47.69 -5.52
N CYS E 216 -17.23 47.89 -5.22
CA CYS E 216 -18.14 46.77 -4.97
C CYS E 216 -18.43 45.93 -6.21
N THR E 217 -18.70 46.58 -7.35
CA THR E 217 -19.06 45.85 -8.58
C THR E 217 -17.88 45.08 -9.17
N GLU E 218 -16.70 45.70 -9.12
CA GLU E 218 -15.48 45.07 -9.59
C GLU E 218 -15.15 43.84 -8.74
N ARG E 219 -15.42 43.92 -7.45
CA ARG E 219 -15.27 42.77 -6.56
C ARG E 219 -16.25 41.65 -6.92
N ARG E 220 -17.53 42.01 -7.05
CA ARG E 220 -18.60 41.07 -7.36
C ARG E 220 -18.35 40.28 -8.64
N ARG E 221 -17.96 41.01 -9.70
CA ARG E 221 -17.68 40.41 -11.01
C ARG E 221 -16.49 39.44 -10.98
N GLN E 222 -15.64 39.56 -9.96
CA GLN E 222 -14.44 38.75 -9.81
C GLN E 222 -14.67 37.44 -9.08
N THR E 223 -15.81 37.33 -8.37
CA THR E 223 -16.16 36.14 -7.59
C THR E 223 -15.76 34.83 -8.29
N ILE E 224 -16.14 34.68 -9.56
CA ILE E 224 -15.91 33.41 -10.29
C ILE E 224 -14.54 33.33 -10.98
N VAL E 225 -13.68 34.31 -10.73
CA VAL E 225 -12.36 34.36 -11.37
C VAL E 225 -12.53 34.28 -12.89
N PRO E 226 -13.22 35.27 -13.48
CA PRO E 226 -13.61 35.25 -14.90
C PRO E 226 -12.45 34.97 -15.86
N VAL E 227 -11.31 35.59 -15.61
CA VAL E 227 -10.13 35.42 -16.46
C VAL E 227 -9.89 33.93 -16.78
N CYS E 228 -10.04 33.09 -15.77
CA CYS E 228 -9.85 31.66 -15.92
C CYS E 228 -11.11 30.91 -16.31
N SER E 229 -12.23 31.27 -15.69
CA SER E 229 -13.45 30.45 -15.79
C SER E 229 -14.47 30.92 -16.81
N TYR E 230 -14.35 32.17 -17.26
CA TYR E 230 -15.37 32.78 -18.11
C TYR E 230 -14.81 33.08 -19.49
N GLU E 231 -13.75 33.89 -19.53
CA GLU E 231 -13.18 34.38 -20.77
C GLU E 231 -12.44 33.31 -21.56
N GLU E 232 -12.45 33.50 -22.88
CA GLU E 232 -11.80 32.62 -23.84
C GLU E 232 -11.40 33.52 -25.03
N ARG E 233 -10.38 33.09 -25.78
CA ARG E 233 -9.84 33.88 -26.89
C ARG E 233 -10.90 34.30 -27.91
N GLU E 234 -11.59 33.30 -28.47
CA GLU E 234 -12.68 33.53 -29.41
C GLU E 234 -14.03 33.42 -28.70
N ARG E 235 -14.92 34.33 -29.05
CA ARG E 235 -16.30 34.28 -28.58
C ARG E 235 -17.17 33.57 -29.63
N PRO E 236 -17.66 32.36 -29.31
CA PRO E 236 -18.50 31.62 -30.25
C PRO E 236 -19.93 32.15 -30.36
N ASN E 237 -20.68 31.62 -31.32
CA ASN E 237 -22.09 31.90 -31.47
C ASN E 237 -22.91 31.19 -30.39
N CYS E 238 -23.94 31.87 -29.89
CA CYS E 238 -24.67 31.41 -28.70
C CYS E 238 -25.44 30.10 -28.87
N LEU E 239 -26.03 29.94 -30.05
CA LEU E 239 -26.80 28.75 -30.41
C LEU E 239 -25.92 27.51 -30.63
N SER E 240 -24.67 27.72 -31.03
CA SER E 240 -23.75 26.61 -31.24
C SER E 240 -23.28 26.10 -29.88
N LEU E 241 -23.06 27.03 -28.95
CA LEU E 241 -22.61 26.70 -27.61
C LEU E 241 -23.73 26.05 -26.80
N GLN E 242 -24.96 26.48 -27.04
CA GLN E 242 -26.13 25.78 -26.53
C GLN E 242 -26.05 24.30 -26.96
N ASP E 243 -25.88 24.07 -28.26
CA ASP E 243 -25.67 22.72 -28.80
C ASP E 243 -24.58 21.98 -28.03
N SER E 244 -23.43 22.64 -27.87
CA SER E 244 -22.27 22.09 -27.18
C SER E 244 -22.52 21.86 -25.68
N CYS E 245 -23.37 22.68 -25.08
CA CYS E 245 -23.79 22.52 -23.70
C CYS E 245 -24.70 21.30 -23.53
N LYS E 246 -25.61 21.12 -24.50
CA LYS E 246 -26.58 20.01 -24.49
C LYS E 246 -25.95 18.63 -24.71
N THR E 247 -24.73 18.58 -25.23
CA THR E 247 -24.00 17.32 -25.37
C THR E 247 -23.56 16.76 -24.02
N ASN E 248 -23.05 17.64 -23.16
CA ASN E 248 -22.57 17.29 -21.83
C ASN E 248 -23.75 17.06 -20.90
N TYR E 249 -23.67 16.05 -20.04
CA TYR E 249 -24.77 15.78 -19.11
C TYR E 249 -24.97 16.91 -18.10
N ILE E 250 -23.88 17.42 -17.55
CA ILE E 250 -23.95 18.43 -16.49
C ILE E 250 -24.57 19.74 -16.98
N CYS E 251 -24.11 20.25 -18.12
CA CYS E 251 -24.57 21.55 -18.63
C CYS E 251 -26.03 21.50 -19.08
N ARG E 252 -26.40 20.43 -19.78
CA ARG E 252 -27.75 20.22 -20.29
C ARG E 252 -28.76 20.16 -19.16
N SER E 253 -28.34 19.57 -18.04
CA SER E 253 -29.14 19.49 -16.83
C SER E 253 -29.29 20.86 -16.16
N ARG E 254 -28.21 21.62 -16.12
CA ARG E 254 -28.19 22.92 -15.45
C ARG E 254 -28.79 24.03 -16.32
N LEU E 255 -28.66 23.88 -17.64
CA LEU E 255 -29.24 24.84 -18.58
C LEU E 255 -30.77 24.76 -18.61
N ALA E 256 -31.30 23.55 -18.47
CA ALA E 256 -32.75 23.33 -18.55
C ALA E 256 -33.47 23.85 -17.32
N ASP E 257 -32.87 23.65 -16.14
CA ASP E 257 -33.38 24.21 -14.90
C ASP E 257 -33.38 25.72 -14.95
N PHE E 258 -32.34 26.31 -15.56
CA PHE E 258 -32.29 27.76 -15.75
C PHE E 258 -33.49 28.23 -16.55
N PHE E 259 -33.67 27.63 -17.73
CA PHE E 259 -34.80 27.98 -18.59
C PHE E 259 -36.15 27.73 -17.95
N THR E 260 -36.23 26.70 -17.10
CA THR E 260 -37.46 26.42 -16.36
C THR E 260 -37.72 27.41 -15.22
N ASN E 261 -36.74 27.53 -14.31
CA ASN E 261 -36.88 28.38 -13.11
C ASN E 261 -36.92 29.88 -13.37
N CYS E 262 -36.19 30.35 -14.36
CA CYS E 262 -36.13 31.79 -14.63
C CYS E 262 -37.02 32.28 -15.78
N GLN E 263 -38.09 31.52 -16.09
CA GLN E 263 -39.04 31.93 -17.13
C GLN E 263 -40.15 32.85 -16.57
N PRO E 264 -40.67 33.76 -17.43
CA PRO E 264 -41.82 34.64 -17.16
C PRO E 264 -43.03 33.98 -16.51
N GLU E 265 -43.92 34.81 -15.98
CA GLU E 265 -45.09 34.42 -15.17
C GLU E 265 -46.03 33.36 -15.79
N SER E 266 -45.98 33.20 -17.11
CA SER E 266 -46.85 32.26 -17.85
C SER E 266 -48.28 32.79 -18.00
N ARG E 267 -48.43 34.07 -17.70
CA ARG E 267 -49.49 34.90 -18.24
C ARG E 267 -48.84 35.65 -19.41
N SER E 268 -49.48 36.70 -19.91
CA SER E 268 -48.93 37.44 -21.05
C SER E 268 -48.00 38.59 -20.61
N VAL E 269 -47.46 38.48 -19.40
CA VAL E 269 -46.49 39.45 -18.88
C VAL E 269 -45.06 38.87 -18.88
N SER E 270 -44.08 39.73 -19.16
CA SER E 270 -42.68 39.29 -19.25
C SER E 270 -41.89 39.53 -17.96
N ASN E 271 -42.46 39.05 -16.85
CA ASN E 271 -41.89 39.16 -15.51
C ASN E 271 -42.32 37.92 -14.72
N CYS E 272 -41.51 37.50 -13.74
CA CYS E 272 -41.88 36.36 -12.88
C CYS E 272 -42.30 36.79 -11.46
N LEU E 273 -42.69 35.81 -10.64
CA LEU E 273 -43.20 36.09 -9.30
C LEU E 273 -42.14 35.89 -8.22
N LYS E 274 -42.43 36.39 -7.03
CA LYS E 274 -41.50 36.32 -5.89
C LYS E 274 -41.23 34.89 -5.40
N GLU E 275 -42.25 34.02 -5.52
CA GLU E 275 -42.12 32.62 -5.12
C GLU E 275 -41.24 31.81 -6.08
N ASN E 276 -40.87 32.43 -7.20
CA ASN E 276 -40.00 31.79 -8.17
C ASN E 276 -38.53 32.15 -7.94
N TYR E 277 -38.30 33.13 -7.06
CA TYR E 277 -36.99 33.79 -6.90
C TYR E 277 -35.83 32.86 -6.53
N ALA E 278 -36.04 32.05 -5.49
CA ALA E 278 -34.98 31.17 -4.97
C ALA E 278 -34.53 30.13 -5.99
N ASP E 279 -35.53 29.52 -6.65
CA ASP E 279 -35.29 28.51 -7.66
C ASP E 279 -34.53 29.06 -8.86
N CYS E 280 -34.75 30.33 -9.18
CA CYS E 280 -34.06 30.98 -10.29
C CYS E 280 -32.56 31.16 -9.97
N LEU E 281 -32.25 31.67 -8.78
CA LEU E 281 -30.87 31.95 -8.37
C LEU E 281 -30.04 30.67 -8.26
N LEU E 282 -30.67 29.62 -7.73
CA LEU E 282 -30.08 28.27 -7.69
C LEU E 282 -29.77 27.76 -9.09
N ALA E 283 -30.72 27.95 -10.01
CA ALA E 283 -30.57 27.47 -11.38
C ALA E 283 -29.48 28.26 -12.09
N TYR E 284 -29.43 29.56 -11.83
CA TYR E 284 -28.41 30.42 -12.40
C TYR E 284 -27.02 30.08 -11.86
N SER E 285 -26.93 29.88 -10.55
CA SER E 285 -25.64 29.64 -9.89
C SER E 285 -25.07 28.31 -10.32
N GLY E 286 -25.96 27.36 -10.60
CA GLY E 286 -25.57 26.02 -11.06
C GLY E 286 -24.95 25.97 -12.45
N LEU E 287 -25.04 27.08 -13.18
CA LEU E 287 -24.46 27.20 -14.52
C LEU E 287 -22.95 27.44 -14.45
N ILE E 288 -22.49 27.89 -13.30
CA ILE E 288 -21.11 28.30 -13.07
C ILE E 288 -20.18 27.09 -12.89
N GLY E 289 -19.26 26.93 -13.84
CA GLY E 289 -18.39 25.77 -13.86
C GLY E 289 -18.76 24.82 -14.99
N THR E 290 -19.74 25.21 -15.80
CA THR E 290 -20.07 24.47 -17.01
C THR E 290 -19.56 25.22 -18.25
N VAL E 291 -19.65 24.59 -19.41
CA VAL E 291 -19.29 25.25 -20.67
C VAL E 291 -20.11 26.54 -20.87
N MET E 292 -21.24 26.61 -20.19
CA MET E 292 -22.21 27.69 -20.31
C MET E 292 -22.06 28.72 -19.18
N THR E 293 -20.86 28.81 -18.60
CA THR E 293 -20.64 29.68 -17.43
C THR E 293 -21.01 31.14 -17.74
N PRO E 294 -21.86 31.75 -16.90
CA PRO E 294 -22.27 33.13 -17.06
C PRO E 294 -21.60 34.07 -16.08
N ASN E 295 -21.43 35.33 -16.49
CA ASN E 295 -20.95 36.38 -15.60
C ASN E 295 -21.56 37.70 -16.01
N TYR E 296 -21.51 38.67 -15.09
CA TYR E 296 -21.91 40.05 -15.39
C TYR E 296 -21.03 40.58 -16.52
N VAL E 297 -21.66 41.19 -17.53
CA VAL E 297 -20.92 41.60 -18.73
C VAL E 297 -20.09 42.88 -18.59
N ASP E 298 -20.44 43.72 -17.62
CA ASP E 298 -19.70 44.94 -17.33
C ASP E 298 -19.55 45.14 -15.82
N SER E 299 -19.03 46.29 -15.42
CA SER E 299 -18.89 46.61 -14.00
C SER E 299 -19.93 47.65 -13.54
N SER E 300 -21.12 47.61 -14.14
CA SER E 300 -22.15 48.63 -13.93
C SER E 300 -23.54 48.09 -13.59
N SER E 301 -24.02 47.12 -14.39
CA SER E 301 -25.38 46.62 -14.25
C SER E 301 -25.45 45.15 -13.81
N LEU E 302 -26.65 44.60 -13.79
CA LEU E 302 -26.88 43.21 -13.39
C LEU E 302 -27.04 42.30 -14.61
N SER E 303 -26.84 42.89 -15.79
CA SER E 303 -26.91 42.16 -17.04
C SER E 303 -25.83 41.08 -17.07
N VAL E 304 -26.25 39.86 -17.40
CA VAL E 304 -25.38 38.69 -17.39
C VAL E 304 -25.42 37.98 -18.75
N ALA E 305 -24.47 37.09 -19.00
CA ALA E 305 -24.37 36.39 -20.29
C ALA E 305 -23.30 35.31 -20.27
N PRO E 306 -23.47 34.24 -21.08
CA PRO E 306 -22.39 33.27 -21.28
C PRO E 306 -21.29 33.89 -22.14
N TRP E 307 -20.22 33.14 -22.44
CA TRP E 307 -19.19 33.66 -23.32
C TRP E 307 -19.57 33.34 -24.76
N CYS E 308 -20.56 34.09 -25.26
CA CYS E 308 -21.06 33.93 -26.62
C CYS E 308 -21.70 35.22 -27.18
N ASP E 309 -21.87 35.26 -28.50
CA ASP E 309 -22.56 36.35 -29.19
C ASP E 309 -23.34 35.81 -30.38
N CYS E 310 -24.00 36.70 -31.14
CA CYS E 310 -24.85 36.26 -32.25
C CYS E 310 -24.32 36.57 -33.66
N SER E 311 -23.00 36.74 -33.76
CA SER E 311 -22.32 36.89 -35.04
C SER E 311 -22.43 35.60 -35.86
N ASN E 312 -22.73 35.77 -37.15
CA ASN E 312 -22.84 34.66 -38.09
C ASN E 312 -23.88 33.62 -37.65
N SER E 313 -25.05 34.11 -37.28
CA SER E 313 -26.21 33.28 -36.96
C SER E 313 -26.94 32.83 -38.22
N GLY E 314 -26.56 33.43 -39.36
CA GLY E 314 -27.20 33.14 -40.65
C GLY E 314 -28.69 33.42 -40.62
N ASN E 315 -29.48 32.39 -40.90
CA ASN E 315 -30.94 32.51 -40.97
C ASN E 315 -31.63 32.45 -39.59
N ASP E 316 -30.89 32.03 -38.57
CA ASP E 316 -31.43 31.87 -37.22
C ASP E 316 -31.06 33.02 -36.27
N LEU E 317 -30.94 34.24 -36.79
CA LEU E 317 -30.49 35.37 -35.98
C LEU E 317 -31.51 35.75 -34.91
N GLU E 318 -32.79 35.65 -35.26
CA GLU E 318 -33.87 35.90 -34.32
C GLU E 318 -33.77 35.01 -33.07
N ASP E 319 -33.51 33.71 -33.30
CA ASP E 319 -33.45 32.71 -32.23
C ASP E 319 -32.23 32.82 -31.33
N CYS E 320 -31.13 33.32 -31.88
CA CYS E 320 -29.89 33.49 -31.13
C CYS E 320 -30.02 34.63 -30.13
N LEU E 321 -30.53 35.76 -30.60
CA LEU E 321 -30.71 36.97 -29.78
C LEU E 321 -31.76 36.72 -28.70
N LYS E 322 -32.70 35.84 -29.01
CA LYS E 322 -33.78 35.46 -28.11
C LYS E 322 -33.18 34.64 -26.97
N PHE E 323 -32.29 33.72 -27.32
CA PHE E 323 -31.56 32.93 -26.34
C PHE E 323 -30.70 33.83 -25.45
N LEU E 324 -30.06 34.82 -26.07
CA LEU E 324 -29.09 35.67 -25.39
C LEU E 324 -29.76 36.68 -24.46
N ASN E 325 -30.91 37.20 -24.89
CA ASN E 325 -31.65 38.12 -24.06
C ASN E 325 -32.33 37.44 -22.88
N PHE E 326 -32.38 36.11 -22.91
CA PHE E 326 -32.83 35.34 -21.75
C PHE E 326 -31.80 35.43 -20.61
N PHE E 327 -30.53 35.62 -20.99
CA PHE E 327 -29.48 35.96 -20.04
C PHE E 327 -29.40 37.47 -19.85
N LYS E 328 -29.22 38.21 -20.94
CA LYS E 328 -28.90 39.65 -20.90
C LYS E 328 -30.03 40.58 -20.45
N ASP E 329 -31.28 40.19 -20.71
CA ASP E 329 -32.44 41.00 -20.29
C ASP E 329 -33.50 40.13 -19.63
N ASN E 330 -33.13 39.48 -18.54
CA ASN E 330 -34.07 38.63 -17.80
C ASN E 330 -34.60 39.34 -16.55
N THR E 331 -35.88 39.70 -16.58
CA THR E 331 -36.47 40.48 -15.49
C THR E 331 -36.65 39.67 -14.21
N CYS E 332 -37.00 38.40 -14.37
CA CYS E 332 -37.12 37.48 -13.24
C CYS E 332 -35.79 37.33 -12.51
N LEU E 333 -34.73 37.11 -13.27
CA LEU E 333 -33.38 37.01 -12.72
C LEU E 333 -33.01 38.33 -12.05
N LYS E 334 -33.11 39.42 -12.80
CA LYS E 334 -32.84 40.77 -12.29
C LYS E 334 -33.49 41.03 -10.93
N ASN E 335 -34.79 40.72 -10.83
CA ASN E 335 -35.56 40.93 -9.61
C ASN E 335 -35.11 40.02 -8.47
N ALA E 336 -34.79 38.77 -8.81
CA ALA E 336 -34.37 37.78 -7.82
C ALA E 336 -33.01 38.15 -7.24
N ILE E 337 -32.11 38.61 -8.10
CA ILE E 337 -30.80 39.08 -7.67
C ILE E 337 -30.96 40.30 -6.76
N GLN E 338 -31.76 41.27 -7.22
CA GLN E 338 -32.03 42.48 -6.45
C GLN E 338 -32.69 42.20 -5.10
N ALA E 339 -33.60 41.23 -5.05
CA ALA E 339 -34.27 40.87 -3.80
C ALA E 339 -33.33 40.29 -2.75
N PHE E 340 -32.32 39.54 -3.18
CA PHE E 340 -31.40 38.88 -2.23
C PHE E 340 -30.58 39.84 -1.38
N GLY E 341 -30.10 40.92 -2.01
CA GLY E 341 -29.22 41.87 -1.33
C GLY E 341 -29.83 43.24 -1.08
N ASN E 342 -31.13 43.37 -1.28
CA ASN E 342 -31.85 44.63 -1.03
C ASN E 342 -32.71 44.53 0.22
N GLY E 343 -33.92 43.99 0.06
CA GLY E 343 -34.82 43.73 1.18
C GLY E 343 -34.97 42.24 1.45
N VAL F 42 -1.33 25.88 24.93
CA VAL F 42 -2.72 26.08 24.49
C VAL F 42 -2.85 26.69 23.10
N LEU F 43 -4.02 26.49 22.51
CA LEU F 43 -4.41 27.11 21.25
C LEU F 43 -5.15 28.41 21.56
N THR F 44 -4.85 29.47 20.83
CA THR F 44 -5.56 30.74 21.03
C THR F 44 -5.96 31.40 19.69
N ALA F 45 -7.09 32.10 19.69
CA ALA F 45 -7.69 32.64 18.47
C ALA F 45 -7.94 34.14 18.58
N ILE F 46 -7.69 34.85 17.48
CA ILE F 46 -7.94 36.29 17.42
C ILE F 46 -8.41 36.70 16.02
N HIS F 47 -9.44 37.54 15.99
CA HIS F 47 -10.08 38.00 14.76
C HIS F 47 -9.36 39.23 14.22
N LEU F 48 -8.86 39.11 12.98
CA LEU F 48 -7.93 40.11 12.43
C LEU F 48 -8.20 40.53 11.00
N ASN F 49 -7.88 41.80 10.71
CA ASN F 49 -7.73 42.27 9.33
C ASN F 49 -6.53 41.59 8.66
N VAL F 50 -6.57 41.40 7.34
CA VAL F 50 -5.44 40.81 6.61
C VAL F 50 -4.20 41.71 6.62
N THR F 51 -4.42 43.02 6.71
CA THR F 51 -3.33 44.00 6.75
C THR F 51 -2.56 43.95 8.08
N ASP F 52 -3.26 43.54 9.13
CA ASP F 52 -2.65 43.31 10.45
C ASP F 52 -1.58 42.22 10.44
N LEU F 53 -1.66 41.30 9.49
CA LEU F 53 -0.70 40.20 9.33
C LEU F 53 0.67 40.68 8.83
N GLY F 54 0.72 41.91 8.33
CA GLY F 54 1.95 42.55 7.90
C GLY F 54 2.69 41.80 6.80
N LEU F 55 1.94 41.14 5.94
CA LEU F 55 2.53 40.28 4.91
C LEU F 55 2.61 40.97 3.54
N GLY F 56 2.28 42.26 3.52
CA GLY F 56 2.48 43.07 2.31
C GLY F 56 1.28 43.15 1.40
N TYR F 57 0.10 42.96 1.98
CA TYR F 57 -1.15 42.97 1.22
C TYR F 57 -1.98 44.20 1.53
N GLU F 58 -2.45 44.85 0.48
CA GLU F 58 -3.37 45.96 0.60
C GLU F 58 -4.78 45.46 0.31
N THR F 59 -5.60 45.34 1.35
CA THR F 59 -6.95 44.78 1.22
C THR F 59 -7.83 45.14 2.41
N LYS F 60 -9.12 44.82 2.32
CA LYS F 60 -10.08 45.07 3.40
C LYS F 60 -10.64 43.79 4.03
N GLU F 61 -10.20 42.65 3.50
CA GLU F 61 -10.64 41.34 3.95
C GLU F 61 -10.07 40.96 5.31
N GLU F 62 -10.74 40.05 6.01
CA GLU F 62 -10.37 39.70 7.37
C GLU F 62 -10.17 38.20 7.50
N LEU F 63 -9.79 37.75 8.68
CA LEU F 63 -9.52 36.34 8.98
C LEU F 63 -9.60 36.06 10.49
N ILE F 64 -9.78 34.79 10.84
CA ILE F 64 -9.49 34.31 12.20
C ILE F 64 -8.10 33.66 12.19
N PHE F 65 -7.23 34.12 13.08
CA PHE F 65 -5.86 33.62 13.18
C PHE F 65 -5.66 32.92 14.52
N ARG F 66 -5.10 31.71 14.50
CA ARG F 66 -4.85 30.94 15.74
C ARG F 66 -3.36 30.63 15.96
N TYR F 67 -2.92 30.80 17.20
CA TYR F 67 -1.52 30.65 17.56
C TYR F 67 -1.31 29.86 18.85
N CYS F 68 -0.12 29.27 18.99
CA CYS F 68 0.22 28.46 20.15
C CYS F 68 1.09 29.24 21.14
N SER F 69 0.64 29.33 22.39
CA SER F 69 1.33 30.10 23.43
C SER F 69 1.12 29.51 24.82
N GLY F 70 2.12 29.69 25.68
CA GLY F 70 2.05 29.20 27.04
C GLY F 70 3.33 28.48 27.43
N SER F 71 3.52 28.29 28.73
CA SER F 71 4.68 27.56 29.20
C SER F 71 4.48 26.07 28.97
N CYS F 72 5.52 25.43 28.44
CA CYS F 72 5.51 23.99 28.25
C CYS F 72 6.95 23.51 28.07
N ASP F 73 7.62 23.34 29.20
CA ASP F 73 9.02 22.97 29.22
C ASP F 73 9.29 22.16 30.49
N ALA F 74 8.53 21.08 30.65
CA ALA F 74 8.64 20.21 31.82
C ALA F 74 9.58 19.02 31.58
N ALA F 75 10.40 19.11 30.53
CA ALA F 75 11.36 18.06 30.14
C ALA F 75 10.71 16.69 29.97
N GLU F 76 9.81 16.60 28.99
CA GLU F 76 9.00 15.42 28.70
C GLU F 76 9.86 14.19 28.36
N THR F 77 10.63 14.30 27.28
CA THR F 77 11.40 13.16 26.74
C THR F 77 12.76 12.97 27.40
N THR F 78 13.34 11.78 27.17
CA THR F 78 14.67 11.43 27.64
C THR F 78 15.72 12.44 27.17
N TYR F 79 15.60 12.87 25.92
CA TYR F 79 16.46 13.90 25.36
C TYR F 79 16.39 15.20 26.18
N ASP F 80 15.17 15.62 26.52
CA ASP F 80 14.95 16.86 27.27
C ASP F 80 15.31 16.74 28.74
N LYS F 81 15.17 15.52 29.29
CA LYS F 81 15.66 15.25 30.65
C LYS F 81 17.18 15.38 30.69
N ILE F 82 17.83 14.85 29.66
CA ILE F 82 19.28 14.94 29.54
C ILE F 82 19.79 16.40 29.53
N LEU F 83 19.09 17.27 28.80
CA LEU F 83 19.52 18.67 28.66
C LEU F 83 19.49 19.43 29.98
N LYS F 84 18.39 19.29 30.72
CA LYS F 84 18.26 19.90 32.03
C LYS F 84 19.37 19.44 32.97
N ASN F 85 19.67 18.13 32.95
CA ASN F 85 20.72 17.54 33.79
C ASN F 85 22.13 17.93 33.34
N LEU F 86 22.33 18.03 32.04
CA LEU F 86 23.64 18.32 31.48
C LEU F 86 24.05 19.76 31.74
N SER F 87 23.04 20.60 32.00
CA SER F 87 23.25 22.01 32.32
C SER F 87 23.42 22.22 33.83
N ARG F 88 22.62 21.51 34.62
CA ARG F 88 22.68 21.58 36.08
C ARG F 88 24.04 21.16 36.62
N ASN F 89 24.61 20.08 36.06
CA ASN F 89 25.93 19.63 36.47
C ASN F 89 27.05 20.31 35.67
N ARG F 90 26.69 21.41 35.00
CA ARG F 90 27.64 22.29 34.31
C ARG F 90 28.29 21.71 33.07
N ARG F 91 28.06 20.42 32.82
CA ARG F 91 28.76 19.68 31.75
C ARG F 91 28.65 20.28 30.36
N LEU F 92 27.49 20.84 30.03
CA LEU F 92 27.25 21.38 28.70
C LEU F 92 28.10 22.61 28.37
N VAL F 93 28.07 23.60 29.26
CA VAL F 93 28.54 24.97 29.00
C VAL F 93 27.33 25.78 28.47
N SER F 94 26.49 25.11 27.70
CA SER F 94 25.17 25.60 27.31
C SER F 94 25.18 26.88 26.47
N ASP F 95 25.71 26.79 25.25
CA ASP F 95 25.79 27.95 24.35
C ASP F 95 24.42 28.50 23.95
N LYS F 96 23.68 27.75 23.15
CA LYS F 96 22.35 28.16 22.67
C LYS F 96 21.33 27.01 22.73
N VAL F 97 21.67 25.99 23.52
CA VAL F 97 20.80 24.83 23.71
C VAL F 97 19.52 25.16 24.47
N GLY F 98 18.40 24.64 23.98
CA GLY F 98 17.09 24.92 24.55
C GLY F 98 16.15 23.73 24.45
N GLN F 99 15.19 23.68 25.37
CA GLN F 99 14.27 22.56 25.45
C GLN F 99 13.02 22.73 24.56
N ALA F 100 11.99 21.93 24.83
CA ALA F 100 10.78 21.89 24.01
C ALA F 100 10.06 23.23 23.95
N CYS F 101 9.47 23.50 22.79
CA CYS F 101 8.72 24.73 22.56
C CYS F 101 7.26 24.44 22.23
N CYS F 102 6.38 25.33 22.66
CA CYS F 102 4.97 25.28 22.29
C CYS F 102 4.80 25.77 20.85
N ARG F 103 4.83 24.83 19.91
CA ARG F 103 4.72 25.13 18.48
C ARG F 103 3.46 24.48 17.90
N PRO F 104 3.03 24.90 16.69
CA PRO F 104 1.90 24.25 16.04
C PRO F 104 2.27 22.89 15.50
N ILE F 105 1.36 21.93 15.67
CA ILE F 105 1.55 20.59 15.15
C ILE F 105 0.69 20.35 13.91
N ALA F 106 -0.46 21.02 13.85
CA ALA F 106 -1.34 20.97 12.68
C ALA F 106 -1.76 22.37 12.26
N PHE F 107 -2.02 22.55 10.95
CA PHE F 107 -2.41 23.85 10.40
C PHE F 107 -3.83 23.85 9.85
N ASP F 108 -4.47 25.02 9.91
CA ASP F 108 -5.84 25.19 9.43
C ASP F 108 -5.93 25.23 7.91
N ASP F 109 -7.17 25.32 7.42
CA ASP F 109 -7.48 25.46 6.01
C ASP F 109 -6.83 26.69 5.38
N ASP F 110 -6.68 26.65 4.07
CA ASP F 110 -6.17 27.78 3.30
C ASP F 110 -7.13 28.95 3.35
N LEU F 111 -6.57 30.16 3.47
CA LEU F 111 -7.39 31.35 3.46
C LEU F 111 -7.15 32.20 2.23
N SER F 112 -8.24 32.56 1.54
CA SER F 112 -8.17 33.39 0.34
C SER F 112 -8.70 34.79 0.59
N PHE F 113 -8.29 35.71 -0.29
CA PHE F 113 -8.79 37.07 -0.31
C PHE F 113 -8.50 37.78 -1.62
N LEU F 114 -9.35 38.75 -1.96
CA LEU F 114 -9.17 39.61 -3.11
C LEU F 114 -8.69 40.97 -2.62
N ASP F 115 -7.60 41.45 -3.18
CA ASP F 115 -7.03 42.73 -2.73
C ASP F 115 -7.67 43.93 -3.43
N ASP F 116 -7.33 45.13 -2.98
CA ASP F 116 -7.83 46.37 -3.58
C ASP F 116 -7.54 46.51 -5.08
N ASN F 117 -6.58 45.73 -5.57
CA ASN F 117 -6.16 45.76 -6.97
C ASN F 117 -6.77 44.60 -7.80
N LEU F 118 -7.80 43.98 -7.25
CA LEU F 118 -8.52 42.86 -7.89
C LEU F 118 -7.61 41.67 -8.24
N VAL F 119 -6.65 41.40 -7.35
CA VAL F 119 -5.80 40.22 -7.46
C VAL F 119 -6.09 39.30 -6.27
N TYR F 120 -6.21 38.00 -6.55
CA TYR F 120 -6.44 37.01 -5.50
C TYR F 120 -5.14 36.54 -4.86
N HIS F 121 -5.23 36.10 -3.61
CA HIS F 121 -4.11 35.49 -2.91
C HIS F 121 -4.60 34.40 -1.97
N ILE F 122 -3.74 33.42 -1.72
CA ILE F 122 -4.02 32.37 -0.74
C ILE F 122 -2.88 32.29 0.29
N LEU F 123 -3.28 32.23 1.56
CA LEU F 123 -2.38 32.01 2.67
C LEU F 123 -2.42 30.52 3.01
N ARG F 124 -1.25 29.88 3.05
CA ARG F 124 -1.17 28.49 3.47
C ARG F 124 -0.31 28.34 4.72
N LYS F 125 -0.63 27.35 5.56
CA LYS F 125 0.12 27.08 6.79
C LYS F 125 0.36 28.38 7.58
N HIS F 126 -0.74 29.09 7.85
CA HIS F 126 -0.68 30.42 8.44
C HIS F 126 -1.28 30.49 9.86
N SER F 127 -2.21 29.60 10.17
CA SER F 127 -2.89 29.54 11.46
C SER F 127 -2.83 28.13 12.02
N ALA F 128 -2.66 28.02 13.33
CA ALA F 128 -2.55 26.71 13.99
C ALA F 128 -3.90 26.02 14.21
N LYS F 129 -3.93 24.70 14.02
CA LYS F 129 -5.10 23.90 14.37
C LYS F 129 -4.88 23.18 15.72
N ARG F 130 -3.73 22.53 15.88
CA ARG F 130 -3.38 21.87 17.14
C ARG F 130 -2.02 22.34 17.66
N CYS F 131 -1.84 22.27 18.99
CA CYS F 131 -0.59 22.69 19.62
C CYS F 131 0.06 21.56 20.44
N GLY F 132 1.38 21.50 20.38
CA GLY F 132 2.16 20.53 21.14
C GLY F 132 3.59 21.01 21.40
N CYS F 133 4.28 20.34 22.32
CA CYS F 133 5.65 20.70 22.67
C CYS F 133 6.62 19.81 21.92
N ILE F 134 7.36 20.43 21.00
CA ILE F 134 8.20 19.67 20.06
C ILE F 134 9.62 20.21 20.03
#